data_8TQ1
#
_entry.id   8TQ1
#
_cell.length_a   1.00
_cell.length_b   1.00
_cell.length_c   1.00
_cell.angle_alpha   90.00
_cell.angle_beta   90.00
_cell.angle_gamma   90.00
#
_symmetry.space_group_name_H-M   'P 1'
#
loop_
_entity.id
_entity.type
_entity.pdbx_description
1 polymer 'HIV-1 Envelope Glycoprotein BG505 SOSIP.664 gp120'
2 polymer 'Transmembrane protein gp41'
3 polymer 'NHP RM20A3 Fab heavy chain'
4 polymer 'NHP RM20A3 Fab light chain'
5 polymer 'Bovine Bess4 Fab heavy chain'
6 branched 2-acetamido-2-deoxy-beta-D-glucopyranose-(1-4)-2-acetamido-2-deoxy-beta-D-glucopyranose
7 branched alpha-D-mannopyranose-(1-3)-[alpha-D-mannopyranose-(1-6)]beta-D-mannopyranose-(1-4)-2-acetamido-2-deoxy-beta-D-glucopyranose-(1-4)-2-acetamido-2-deoxy-beta-D-glucopyranose
8 branched alpha-D-mannopyranose-(1-3)-beta-D-mannopyranose-(1-4)-2-acetamido-2-deoxy-beta-D-glucopyranose-(1-4)-2-acetamido-2-deoxy-beta-D-glucopyranose
9 non-polymer 2-acetamido-2-deoxy-beta-D-glucopyranose
#
loop_
_entity_poly.entity_id
_entity_poly.type
_entity_poly.pdbx_seq_one_letter_code
_entity_poly.pdbx_strand_id
1 'polypeptide(L)'
;MDAMKRGLCCVLLLCGAVFVSPSQEIHARFRRGARAENLWVTVYYGVPVWKDAETTLFCASDAKAYETEKHNVWATHACV
PTDPNPQEIHLENVTEEFNMWKNNMVEQMHTDIISLWDQSLKPCVKLTPLCVTLQCTNVTNNITDDMRGELKNCSFNMTT
ELRDKKQKVYSLFYRLDVVQINENQGNRSNNSNKEYRLINCNTSAITQACPKVSFEPIPIHYCAPAGFAILKCKDKKFNG
TGPCPSVSTVQCTHGIKPVVSTQLLLNGSLAEEEVMIRSENITNNAKNILVQFNTPVQINCTRPNNNTRKSIRIGPGQAF
YATGDIIGDIRQAHCNVSKATWNETLGKVVKQLRKHFGNNTIIRFANSSGGDLEVTTHSFNCGGEFFYCNTSGLFNSTWI
SNTSVQGSNSTGSNDSITLPCRIKQIINMWQRIGQAMYAPPIQGVIRCVSNITGLILTRDGGSTNSTTETFRPGGGDMRD
NWRSELYKYKVVKIEPLGVAPTRCKRRVVGRRRRRR
;
A,J,E
2 'polypeptide(L)'
;AVGIGAVFLGFLGAAGSTMGAASMTLTVQARNLLSGIVQQQSNLLRAPEAQQHLLKLTVWGIKQLQARVLAVERYLRDQQ
LLGIWGCSGKLICCTNVPWNSSWSNRNLSEIWDNMTWLQWDKEISNYTQIIYGLLEESQNQQEKNEQDLLALD
;
B,K,F
3 'polypeptide(L)'
;EVQLVETGGGLVQPGGSLKLSCRASGYTFSSFAMSWVRQAPGKGLEWVSLINDRGGLTFYVDSVKGRFTISRDNSKNTLS
LQMHSLRDGDTAVYYCATGGMSSALQSSKYYFDFWGQGALVTVSS
;
C,M,G
4 'polypeptide(L)'
;ALTQPPSVSGSPGQSVTISCTGTSSDIGSYNYVSWYQQHPGKAPKLMIYDVTQRPSGVSDRFSGSKSGNTASLTISGLQA
DDEADYYCSAYAGRQTFYIFGGGTRLTVLGQPKASPTVTLFPPSSEEL
;
D,N,I
5 'polypeptide(L)'
;KVQLRESGPSLVKPSQTLSLTCTASGLTLSDKAVGWVRQAPGKALEWLGSIDTSGNTGYNPGLKSRLTITKDSSKSQVSL
SVSSVTTEDSATYYCTTVHQQTRNKVKSCPSGEDCGIGCCYHGCSATDYGCWDGSSYAPYSYTYTYELHVDTWGQGLLVT
VSS
;
H
#
# COMPACT_ATOMS: atom_id res chain seq x y z
N GLU A 37 -1.51 2.40 -42.61
CA GLU A 37 -1.01 3.47 -41.76
C GLU A 37 0.00 2.90 -40.78
N ASN A 38 0.89 3.76 -40.29
CA ASN A 38 1.92 3.38 -39.32
C ASN A 38 1.41 3.69 -37.92
N LEU A 39 0.86 2.67 -37.25
CA LEU A 39 0.25 2.85 -35.94
C LEU A 39 1.14 2.20 -34.87
N TRP A 40 1.12 2.80 -33.69
CA TRP A 40 1.92 2.39 -32.54
C TRP A 40 1.01 2.21 -31.34
N VAL A 41 1.42 1.32 -30.43
CA VAL A 41 0.64 1.06 -29.22
C VAL A 41 0.81 2.23 -28.26
N THR A 42 -0.30 2.80 -27.79
CA THR A 42 -0.27 3.84 -26.77
C THR A 42 -1.01 3.30 -25.56
N VAL A 43 -0.38 3.44 -24.39
CA VAL A 43 -0.90 2.95 -23.13
C VAL A 43 -1.64 4.08 -22.42
N TYR A 44 -2.88 3.81 -22.00
CA TYR A 44 -3.70 4.76 -21.27
C TYR A 44 -4.00 4.18 -19.89
N TYR A 45 -3.98 5.06 -18.87
CA TYR A 45 -4.34 4.71 -17.51
C TYR A 45 -5.40 5.70 -17.07
N GLY A 46 -6.52 5.18 -16.59
CA GLY A 46 -7.66 5.98 -16.20
C GLY A 46 -8.79 5.80 -17.19
N VAL A 47 -8.79 4.70 -17.94
CA VAL A 47 -9.79 4.38 -18.95
C VAL A 47 -11.13 4.03 -18.29
N PRO A 48 -12.27 4.64 -18.72
CA PRO A 48 -13.57 4.34 -18.07
C PRO A 48 -14.17 3.01 -18.52
N VAL A 49 -13.50 1.93 -18.14
CA VAL A 49 -13.87 0.56 -18.46
C VAL A 49 -13.99 -0.24 -17.18
N TRP A 50 -14.97 -1.13 -17.14
CA TRP A 50 -15.20 -1.97 -15.97
C TRP A 50 -15.63 -3.36 -16.41
N LYS A 51 -15.48 -4.29 -15.48
CA LYS A 51 -15.87 -5.68 -15.67
C LYS A 51 -16.68 -6.14 -14.46
N ASP A 52 -17.51 -7.16 -14.67
CA ASP A 52 -18.30 -7.68 -13.55
C ASP A 52 -17.37 -8.16 -12.45
N ALA A 53 -17.75 -7.90 -11.20
CA ALA A 53 -16.90 -8.30 -10.08
C ALA A 53 -17.74 -8.56 -8.84
N GLU A 54 -17.15 -9.34 -7.94
CA GLU A 54 -17.73 -9.65 -6.63
C GLU A 54 -16.71 -9.23 -5.59
N THR A 55 -17.07 -8.27 -4.75
CA THR A 55 -16.18 -7.76 -3.72
C THR A 55 -16.97 -7.58 -2.44
N THR A 56 -16.27 -7.12 -1.40
CA THR A 56 -16.87 -6.87 -0.10
C THR A 56 -17.21 -5.39 -0.02
N LEU A 57 -18.48 -5.09 0.22
CA LEU A 57 -18.98 -3.73 0.31
C LEU A 57 -19.02 -3.22 1.75
N PHE A 58 -18.85 -1.94 1.93
CA PHE A 58 -18.90 -1.54 3.34
C PHE A 58 -20.32 -1.00 3.59
N CYS A 59 -20.59 -0.47 4.75
CA CYS A 59 -21.96 -0.05 5.15
C CYS A 59 -21.91 1.41 5.61
N ALA A 60 -22.81 2.25 5.11
CA ALA A 60 -22.87 3.65 5.55
C ALA A 60 -24.23 3.91 6.21
N SER A 61 -24.28 4.80 7.21
CA SER A 61 -25.53 5.09 7.90
C SER A 61 -25.57 6.55 8.35
N ASP A 62 -26.75 6.98 8.81
CA ASP A 62 -26.90 8.33 9.31
C ASP A 62 -26.20 8.49 10.67
N HIS A 71 -27.68 -0.38 21.22
CA HIS A 71 -28.94 0.34 21.24
C HIS A 71 -29.78 0.04 19.98
N ASN A 72 -29.18 -0.62 18.99
CA ASN A 72 -29.91 -1.02 17.79
C ASN A 72 -29.23 -2.26 17.23
N VAL A 73 -30.03 -3.25 16.82
CA VAL A 73 -29.47 -4.50 16.31
C VAL A 73 -28.59 -4.25 15.09
N TRP A 74 -29.01 -3.35 14.17
CA TRP A 74 -28.27 -3.17 12.93
C TRP A 74 -27.50 -1.86 12.80
N ALA A 75 -27.79 -0.84 13.61
CA ALA A 75 -27.06 0.43 13.49
C ALA A 75 -25.78 0.27 14.31
N THR A 76 -24.89 -0.55 13.80
CA THR A 76 -23.70 -0.90 14.56
C THR A 76 -22.59 0.13 14.39
N HIS A 77 -21.58 0.02 15.26
CA HIS A 77 -20.48 1.04 15.26
C HIS A 77 -19.50 0.76 14.12
N ALA A 78 -19.53 -0.46 13.58
CA ALA A 78 -18.63 -0.80 12.45
C ALA A 78 -18.99 0.10 11.25
N CYS A 79 -20.27 0.33 11.04
CA CYS A 79 -20.75 1.15 9.89
C CYS A 79 -20.31 2.62 10.06
N VAL A 80 -19.97 3.28 8.96
CA VAL A 80 -19.46 4.68 9.01
C VAL A 80 -20.55 5.65 8.57
N PRO A 81 -20.44 6.97 8.84
CA PRO A 81 -21.40 7.97 8.35
C PRO A 81 -21.50 8.04 6.84
N THR A 82 -22.72 8.32 6.35
CA THR A 82 -22.98 8.52 4.94
C THR A 82 -22.50 9.89 4.48
N ASP A 83 -22.43 10.04 3.17
CA ASP A 83 -22.10 11.32 2.57
C ASP A 83 -23.34 12.21 2.64
N PRO A 84 -23.28 13.35 3.35
CA PRO A 84 -24.48 14.21 3.45
C PRO A 84 -25.06 14.65 2.11
N ASN A 85 -24.28 14.61 1.03
CA ASN A 85 -24.73 15.02 -0.30
C ASN A 85 -24.36 13.93 -1.30
N PRO A 86 -25.12 12.82 -1.33
CA PRO A 86 -24.73 11.67 -2.16
C PRO A 86 -24.57 12.05 -3.62
N GLN A 87 -23.56 11.47 -4.25
CA GLN A 87 -23.26 11.75 -5.65
C GLN A 87 -23.86 10.68 -6.55
N GLU A 88 -24.32 11.11 -7.73
CA GLU A 88 -24.81 10.21 -8.76
C GLU A 88 -24.46 10.83 -10.10
N ILE A 89 -23.74 10.08 -10.93
CA ILE A 89 -23.28 10.54 -12.23
C ILE A 89 -24.00 9.70 -13.30
N HIS A 90 -24.86 10.35 -14.08
CA HIS A 90 -25.59 9.60 -15.09
C HIS A 90 -24.62 9.25 -16.21
N LEU A 91 -24.70 8.01 -16.71
CA LEU A 91 -23.83 7.57 -17.79
C LEU A 91 -24.62 7.65 -19.09
N GLU A 92 -24.32 8.64 -19.91
CA GLU A 92 -25.05 8.82 -21.16
C GLU A 92 -24.60 7.78 -22.18
N ASN A 93 -25.53 7.31 -22.99
CA ASN A 93 -25.26 6.35 -24.06
C ASN A 93 -24.56 5.10 -23.53
N VAL A 94 -24.98 4.63 -22.36
CA VAL A 94 -24.46 3.40 -21.76
C VAL A 94 -25.62 2.46 -21.48
N THR A 95 -25.48 1.21 -21.93
CA THR A 95 -26.43 0.15 -21.66
C THR A 95 -25.66 -0.97 -20.96
N GLU A 96 -26.16 -1.42 -19.82
CA GLU A 96 -25.48 -2.43 -19.01
C GLU A 96 -26.46 -3.54 -18.69
N GLU A 97 -26.03 -4.79 -18.83
CA GLU A 97 -26.91 -5.91 -18.51
C GLU A 97 -26.88 -6.18 -17.02
N PHE A 98 -28.06 -6.29 -16.43
CA PHE A 98 -28.26 -6.55 -15.01
C PHE A 98 -28.91 -7.91 -14.83
N ASN A 99 -28.69 -8.52 -13.68
CA ASN A 99 -29.37 -9.77 -13.34
C ASN A 99 -29.57 -9.80 -11.83
N MET A 100 -30.78 -9.47 -11.38
CA MET A 100 -31.07 -9.35 -9.96
C MET A 100 -31.00 -10.69 -9.23
N TRP A 101 -31.06 -11.81 -9.95
CA TRP A 101 -31.11 -13.12 -9.32
C TRP A 101 -29.73 -13.69 -9.04
N LYS A 102 -28.67 -13.05 -9.54
CA LYS A 102 -27.29 -13.49 -9.39
C LYS A 102 -26.45 -12.36 -8.79
N ASN A 103 -27.11 -11.42 -8.11
CA ASN A 103 -26.49 -10.22 -7.57
C ASN A 103 -25.82 -10.54 -6.24
N ASN A 104 -24.49 -10.49 -6.20
CA ASN A 104 -23.75 -10.86 -4.99
C ASN A 104 -24.05 -9.90 -3.84
N MET A 105 -24.61 -8.72 -4.12
CA MET A 105 -24.90 -7.77 -3.04
C MET A 105 -25.98 -8.33 -2.14
N VAL A 106 -26.85 -9.18 -2.69
CA VAL A 106 -27.95 -9.74 -1.92
C VAL A 106 -27.39 -10.76 -0.94
N GLU A 107 -26.45 -11.58 -1.41
CA GLU A 107 -25.86 -12.60 -0.54
C GLU A 107 -25.02 -11.95 0.54
N GLN A 108 -24.28 -10.89 0.18
CA GLN A 108 -23.49 -10.23 1.21
C GLN A 108 -24.41 -9.62 2.26
N MET A 109 -25.48 -8.94 1.83
CA MET A 109 -26.34 -8.33 2.85
C MET A 109 -26.93 -9.42 3.73
N HIS A 110 -27.37 -10.53 3.13
CA HIS A 110 -27.96 -11.61 3.93
C HIS A 110 -26.99 -12.05 5.02
N THR A 111 -25.74 -12.30 4.64
CA THR A 111 -24.75 -12.72 5.62
C THR A 111 -24.49 -11.63 6.66
N ASP A 112 -24.38 -10.38 6.23
CA ASP A 112 -24.10 -9.29 7.16
C ASP A 112 -25.24 -9.09 8.16
N ILE A 113 -26.48 -9.21 7.69
CA ILE A 113 -27.63 -9.03 8.58
C ILE A 113 -27.66 -10.15 9.61
N ILE A 114 -27.39 -11.39 9.18
CA ILE A 114 -27.37 -12.49 10.15
C ILE A 114 -26.24 -12.26 11.15
N SER A 115 -25.07 -11.85 10.67
CA SER A 115 -23.94 -11.59 11.56
C SER A 115 -24.28 -10.51 12.58
N LEU A 116 -24.89 -9.42 12.14
CA LEU A 116 -25.24 -8.35 13.08
C LEU A 116 -26.24 -8.84 14.10
N TRP A 117 -27.19 -9.66 13.67
CA TRP A 117 -28.17 -10.25 14.57
C TRP A 117 -27.49 -11.06 15.68
N ASP A 118 -26.58 -11.94 15.28
CA ASP A 118 -25.93 -12.78 16.28
C ASP A 118 -25.00 -11.97 17.17
N GLN A 119 -24.32 -10.96 16.61
CA GLN A 119 -23.46 -10.14 17.45
C GLN A 119 -24.28 -9.36 18.47
N SER A 120 -25.47 -8.93 18.06
CA SER A 120 -26.36 -8.21 18.95
C SER A 120 -26.82 -9.09 20.09
N LEU A 121 -27.16 -10.35 19.80
CA LEU A 121 -27.65 -11.23 20.85
C LEU A 121 -26.54 -11.81 21.73
N LYS A 122 -25.32 -11.96 21.21
CA LYS A 122 -24.19 -12.54 21.96
C LYS A 122 -24.03 -12.06 23.41
N PRO A 123 -24.01 -10.77 23.71
CA PRO A 123 -23.81 -10.35 25.10
C PRO A 123 -25.06 -10.38 25.98
N CYS A 124 -26.19 -10.85 25.48
CA CYS A 124 -27.42 -10.76 26.26
C CYS A 124 -27.58 -11.97 27.19
N VAL A 125 -28.53 -11.84 28.12
CA VAL A 125 -28.77 -12.85 29.15
C VAL A 125 -29.18 -14.19 28.55
N LYS A 126 -28.52 -15.26 28.99
CA LYS A 126 -28.87 -16.61 28.56
C LYS A 126 -29.98 -17.11 29.49
N LEU A 127 -30.96 -17.82 28.92
CA LEU A 127 -32.07 -18.35 29.70
C LEU A 127 -32.04 -19.88 29.85
N THR A 128 -30.88 -20.52 29.71
CA THR A 128 -30.81 -21.96 29.93
C THR A 128 -31.40 -22.33 31.29
N PRO A 129 -31.14 -21.62 32.39
CA PRO A 129 -31.78 -21.98 33.67
C PRO A 129 -33.31 -21.97 33.64
N LEU A 130 -33.92 -21.37 32.62
CA LEU A 130 -35.38 -21.29 32.50
C LEU A 130 -36.00 -22.59 31.98
N CYS A 131 -35.22 -23.48 31.37
CA CYS A 131 -35.74 -24.73 30.80
C CYS A 131 -35.98 -25.73 31.92
N VAL A 132 -37.11 -25.55 32.62
CA VAL A 132 -37.52 -26.39 33.72
C VAL A 132 -38.95 -26.82 33.45
N THR A 133 -39.39 -27.86 34.18
CA THR A 133 -40.77 -28.29 34.05
C THR A 133 -41.69 -27.17 34.51
N LEU A 134 -42.69 -26.87 33.69
CA LEU A 134 -43.66 -25.83 34.00
C LEU A 134 -44.97 -26.46 34.45
N GLN A 135 -45.64 -25.79 35.38
CA GLN A 135 -46.96 -26.18 35.85
C GLN A 135 -47.91 -25.10 35.37
N CYS A 136 -48.61 -25.37 34.27
CA CYS A 136 -49.36 -24.34 33.57
C CYS A 136 -50.86 -24.59 33.72
N THR A 137 -51.60 -23.49 33.78
CA THR A 137 -53.05 -23.50 33.73
C THR A 137 -53.48 -22.53 32.65
N ASN A 138 -54.73 -22.62 32.23
CA ASN A 138 -55.24 -21.66 31.27
C ASN A 138 -55.57 -20.37 31.99
N VAL A 139 -55.39 -19.26 31.28
CA VAL A 139 -55.84 -17.96 31.77
C VAL A 139 -57.32 -17.85 31.39
N THR A 140 -58.18 -17.65 32.40
CA THR A 140 -59.62 -17.59 32.17
C THR A 140 -60.18 -16.21 32.52
N ASN A 141 -59.33 -15.25 32.89
CA ASN A 141 -59.78 -13.93 33.33
C ASN A 141 -59.96 -12.97 32.15
N ASN A 142 -61.21 -12.53 31.94
CA ASN A 142 -61.57 -11.58 30.87
C ASN A 142 -61.07 -12.05 29.50
N ILE A 143 -61.24 -13.34 29.23
CA ILE A 143 -60.80 -13.92 27.97
C ILE A 143 -61.92 -13.98 26.93
N THR A 144 -61.65 -13.43 25.76
CA THR A 144 -62.58 -13.54 24.64
C THR A 144 -62.39 -14.92 24.02
N ASP A 145 -63.37 -15.35 23.21
CA ASP A 145 -63.26 -16.69 22.64
C ASP A 145 -62.05 -16.81 21.71
N ASP A 146 -61.70 -15.72 21.01
CA ASP A 146 -60.57 -15.76 20.09
C ASP A 146 -59.26 -16.09 20.79
N MET A 147 -59.15 -15.77 22.07
CA MET A 147 -57.95 -16.01 22.87
C MET A 147 -58.06 -17.18 23.82
N ARG A 148 -59.11 -17.99 23.72
CA ARG A 148 -59.30 -19.06 24.68
C ARG A 148 -58.35 -20.21 24.35
N GLY A 149 -57.43 -20.48 25.27
CA GLY A 149 -56.41 -21.50 25.08
C GLY A 149 -55.09 -21.00 24.53
N GLU A 150 -55.02 -19.72 24.12
CA GLU A 150 -53.79 -19.17 23.57
C GLU A 150 -52.80 -18.73 24.62
N LEU A 151 -53.26 -18.30 25.79
CA LEU A 151 -52.39 -17.76 26.84
C LEU A 151 -52.46 -18.65 28.07
N LYS A 152 -51.29 -19.05 28.57
CA LYS A 152 -51.16 -19.89 29.75
C LYS A 152 -50.42 -19.18 30.87
N ASN A 153 -50.78 -19.53 32.10
CA ASN A 153 -50.17 -19.05 33.34
C ASN A 153 -49.35 -20.19 33.92
N CYS A 154 -48.02 -20.11 33.81
CA CYS A 154 -47.13 -21.20 34.18
C CYS A 154 -46.31 -20.84 35.42
N SER A 155 -46.35 -21.71 36.42
CA SER A 155 -45.56 -21.58 37.63
C SER A 155 -44.38 -22.54 37.56
N PHE A 156 -43.24 -22.13 38.10
CA PHE A 156 -42.07 -22.99 38.08
C PHE A 156 -41.08 -22.65 39.18
N ASN A 157 -40.21 -23.63 39.45
CA ASN A 157 -39.11 -23.55 40.40
C ASN A 157 -37.84 -23.16 39.65
N MET A 158 -37.34 -21.96 39.90
CA MET A 158 -36.16 -21.43 39.22
C MET A 158 -35.18 -20.88 40.25
N THR A 159 -33.91 -20.79 39.85
CA THR A 159 -32.89 -20.31 40.76
C THR A 159 -33.06 -18.81 40.97
N THR A 160 -32.31 -18.29 41.94
CA THR A 160 -32.35 -16.88 42.30
C THR A 160 -30.89 -16.41 42.42
N GLU A 161 -30.69 -15.27 43.08
CA GLU A 161 -29.37 -14.66 43.18
C GLU A 161 -28.35 -15.64 43.73
N LEU A 162 -28.74 -16.43 44.73
CA LEU A 162 -27.84 -17.44 45.28
C LEU A 162 -28.09 -18.76 44.57
N ARG A 163 -27.02 -19.55 44.42
CA ARG A 163 -27.16 -20.84 43.75
C ARG A 163 -27.85 -21.89 44.61
N ASP A 164 -27.76 -21.78 45.93
CA ASP A 164 -28.35 -22.83 46.77
C ASP A 164 -29.85 -22.62 46.92
N LYS A 165 -30.27 -21.41 47.27
CA LYS A 165 -31.68 -21.13 47.43
C LYS A 165 -32.38 -21.05 46.08
N LYS A 166 -33.60 -21.58 46.01
CA LYS A 166 -34.43 -21.55 44.82
C LYS A 166 -35.66 -20.71 45.12
N GLN A 167 -36.38 -20.31 44.09
CA GLN A 167 -37.61 -19.54 44.21
C GLN A 167 -38.73 -20.08 43.33
N LYS A 168 -39.97 -19.86 43.78
CA LYS A 168 -41.16 -20.18 43.02
C LYS A 168 -41.67 -18.91 42.36
N VAL A 169 -41.72 -18.93 41.03
CA VAL A 169 -42.11 -17.77 40.24
C VAL A 169 -43.14 -18.22 39.22
N TYR A 170 -43.80 -17.25 38.58
CA TYR A 170 -44.71 -17.58 37.50
C TYR A 170 -44.53 -16.59 36.38
N SER A 171 -44.96 -16.99 35.19
CA SER A 171 -44.88 -16.17 34.00
C SER A 171 -46.00 -16.59 33.06
N LEU A 172 -46.52 -15.65 32.29
CA LEU A 172 -47.50 -16.00 31.28
C LEU A 172 -46.75 -16.29 29.98
N PHE A 173 -47.22 -17.31 29.25
CA PHE A 173 -46.63 -17.72 27.98
C PHE A 173 -47.72 -17.90 26.94
N TYR A 174 -47.35 -17.72 25.68
CA TYR A 174 -48.27 -18.00 24.60
C TYR A 174 -48.22 -19.49 24.29
N ARG A 175 -49.35 -20.01 23.82
CA ARG A 175 -49.44 -21.43 23.49
C ARG A 175 -48.33 -21.87 22.54
N LEU A 176 -47.98 -21.03 21.58
CA LEU A 176 -46.98 -21.39 20.57
C LEU A 176 -45.59 -21.63 21.16
N ASP A 177 -45.30 -21.08 22.33
CA ASP A 177 -43.99 -21.20 22.96
C ASP A 177 -43.87 -22.36 23.93
N VAL A 178 -44.96 -23.03 24.27
CA VAL A 178 -45.00 -24.03 25.32
C VAL A 178 -45.56 -25.31 24.73
N VAL A 179 -44.85 -26.43 24.96
CA VAL A 179 -45.25 -27.75 24.46
C VAL A 179 -45.54 -28.65 25.64
N GLN A 180 -46.67 -29.35 25.57
CA GLN A 180 -47.09 -30.25 26.63
C GLN A 180 -46.21 -31.50 26.67
N ILE A 181 -45.91 -31.97 27.89
CA ILE A 181 -45.15 -33.18 28.11
C ILE A 181 -45.97 -34.12 28.99
N ASN A 182 -45.57 -35.40 28.97
CA ASN A 182 -46.18 -36.44 29.80
C ASN A 182 -47.70 -36.50 29.64
N ASN A 193 -51.50 -32.89 31.72
CA ASN A 193 -52.36 -31.74 31.46
C ASN A 193 -51.70 -30.45 31.87
N LYS A 194 -51.06 -30.45 33.04
CA LYS A 194 -50.40 -29.27 33.59
C LYS A 194 -48.90 -29.22 33.35
N GLU A 195 -48.25 -30.33 33.01
CA GLU A 195 -46.80 -30.33 32.84
C GLU A 195 -46.43 -29.94 31.41
N TYR A 196 -45.63 -28.88 31.30
CA TYR A 196 -45.21 -28.33 30.02
C TYR A 196 -43.72 -28.00 30.06
N ARG A 197 -43.12 -27.88 28.88
CA ARG A 197 -41.75 -27.42 28.73
C ARG A 197 -41.71 -26.42 27.58
N LEU A 198 -40.63 -25.66 27.50
CA LEU A 198 -40.49 -24.74 26.39
C LEU A 198 -40.13 -25.54 25.15
N ILE A 199 -40.57 -25.05 23.99
CA ILE A 199 -40.34 -25.75 22.72
C ILE A 199 -38.85 -25.90 22.42
N ASN A 200 -38.03 -25.00 22.96
CA ASN A 200 -36.58 -25.03 22.75
C ASN A 200 -35.82 -26.01 23.64
N CYS A 201 -36.46 -26.64 24.62
CA CYS A 201 -35.76 -27.52 25.55
C CYS A 201 -35.06 -28.72 24.90
N ASN A 202 -35.62 -29.28 23.82
CA ASN A 202 -35.01 -30.45 23.19
C ASN A 202 -34.21 -30.14 21.94
N THR A 203 -34.01 -28.86 21.60
CA THR A 203 -33.22 -28.53 20.42
C THR A 203 -32.10 -27.52 20.64
N SER A 204 -32.28 -26.52 21.51
CA SER A 204 -31.22 -25.53 21.65
C SER A 204 -31.38 -24.65 22.89
N ALA A 205 -30.25 -24.22 23.43
CA ALA A 205 -30.28 -23.20 24.47
C ALA A 205 -30.81 -21.90 23.85
N ILE A 206 -31.54 -21.12 24.64
CA ILE A 206 -32.16 -19.88 24.19
C ILE A 206 -31.54 -18.67 24.90
N THR A 207 -31.26 -17.62 24.13
CA THR A 207 -30.69 -16.37 24.63
C THR A 207 -31.78 -15.31 24.66
N GLN A 208 -31.90 -14.59 25.77
CA GLN A 208 -32.87 -13.51 25.89
C GLN A 208 -32.37 -12.29 25.15
N ALA A 209 -33.23 -11.66 24.35
CA ALA A 209 -32.80 -10.43 23.69
C ALA A 209 -32.63 -9.34 24.73
N CYS A 210 -31.64 -8.48 24.54
CA CYS A 210 -31.43 -7.38 25.45
C CYS A 210 -32.60 -6.40 25.40
N PRO A 211 -33.23 -6.06 26.54
CA PRO A 211 -34.43 -5.21 26.49
C PRO A 211 -34.16 -3.81 26.01
N LYS A 212 -32.90 -3.37 26.01
CA LYS A 212 -32.56 -2.01 25.60
C LYS A 212 -32.21 -1.93 24.12
N VAL A 213 -32.16 -3.05 23.38
CA VAL A 213 -31.71 -3.02 21.99
C VAL A 213 -32.93 -3.13 21.10
N SER A 214 -33.15 -2.07 20.32
CA SER A 214 -34.28 -1.95 19.42
C SER A 214 -34.15 -2.88 18.21
N PHE A 215 -35.29 -3.38 17.75
CA PHE A 215 -35.38 -4.19 16.55
C PHE A 215 -35.92 -3.39 15.39
N GLU A 216 -35.97 -2.07 15.51
CA GLU A 216 -36.50 -1.22 14.47
C GLU A 216 -35.53 -1.17 13.29
N PRO A 217 -35.95 -1.52 12.06
CA PRO A 217 -35.04 -1.42 10.93
C PRO A 217 -34.52 0.00 10.73
N ILE A 218 -33.20 0.12 10.55
CA ILE A 218 -32.53 1.39 10.31
C ILE A 218 -31.95 1.32 8.91
N PRO A 219 -32.16 2.32 8.05
CA PRO A 219 -31.60 2.25 6.69
C PRO A 219 -30.10 2.03 6.67
N ILE A 220 -29.66 1.06 5.88
CA ILE A 220 -28.25 0.74 5.70
C ILE A 220 -27.92 0.99 4.24
N HIS A 221 -26.84 1.73 3.98
CA HIS A 221 -26.41 2.05 2.63
C HIS A 221 -25.19 1.21 2.32
N TYR A 222 -25.15 0.49 1.20
CA TYR A 222 -23.91 -0.18 0.85
C TYR A 222 -23.09 0.70 -0.08
N CYS A 223 -21.80 0.81 0.21
CA CYS A 223 -20.89 1.70 -0.50
C CYS A 223 -19.70 0.88 -0.98
N ALA A 224 -19.29 1.14 -2.22
CA ALA A 224 -18.18 0.43 -2.83
C ALA A 224 -16.82 0.87 -2.29
N PRO A 225 -15.86 -0.05 -2.17
CA PRO A 225 -14.48 0.36 -1.88
C PRO A 225 -13.87 0.96 -3.14
N ALA A 226 -12.78 1.70 -2.94
CA ALA A 226 -12.09 2.29 -4.09
C ALA A 226 -11.65 1.20 -5.06
N GLY A 227 -11.71 1.53 -6.36
CA GLY A 227 -11.38 0.61 -7.41
C GLY A 227 -12.59 -0.13 -7.95
N PHE A 228 -13.74 -0.01 -7.27
CA PHE A 228 -14.99 -0.66 -7.62
C PHE A 228 -16.06 0.42 -7.74
N ALA A 229 -17.17 0.08 -8.39
CA ALA A 229 -18.26 1.03 -8.54
C ALA A 229 -19.60 0.31 -8.47
N ILE A 230 -20.61 1.04 -8.03
CA ILE A 230 -21.99 0.58 -8.01
C ILE A 230 -22.74 1.30 -9.12
N LEU A 231 -23.36 0.50 -9.98
CA LEU A 231 -24.15 0.96 -11.11
C LEU A 231 -25.62 0.82 -10.74
N LYS A 232 -26.38 1.88 -11.01
CA LYS A 232 -27.80 1.97 -10.73
C LYS A 232 -28.56 1.91 -12.05
N CYS A 233 -29.57 1.05 -12.10
CA CYS A 233 -30.43 0.92 -13.26
C CYS A 233 -31.57 1.91 -13.07
N LYS A 234 -31.67 2.90 -13.95
CA LYS A 234 -32.71 3.92 -13.86
C LYS A 234 -33.76 3.72 -14.94
N ASP A 235 -33.76 2.57 -15.60
CA ASP A 235 -34.70 2.28 -16.67
C ASP A 235 -36.03 1.89 -16.06
N LYS A 236 -37.03 2.77 -16.18
CA LYS A 236 -38.31 2.48 -15.57
C LYS A 236 -38.88 1.24 -16.25
N LYS A 237 -39.53 0.40 -15.45
CA LYS A 237 -40.11 -0.88 -15.88
C LYS A 237 -39.04 -1.93 -16.15
N PHE A 238 -37.85 -1.79 -15.58
CA PHE A 238 -36.88 -2.86 -15.67
C PHE A 238 -37.41 -4.10 -14.95
N ASN A 239 -37.38 -5.24 -15.64
CA ASN A 239 -38.00 -6.47 -15.12
C ASN A 239 -37.04 -7.35 -14.33
N GLY A 240 -35.84 -6.86 -13.99
CA GLY A 240 -34.90 -7.58 -13.16
C GLY A 240 -33.78 -8.29 -13.90
N THR A 241 -33.91 -8.52 -15.20
CA THR A 241 -32.88 -9.16 -15.99
C THR A 241 -32.70 -8.44 -17.32
N GLY A 242 -31.49 -8.56 -17.88
CA GLY A 242 -31.23 -8.09 -19.21
C GLY A 242 -30.72 -6.66 -19.33
N PRO A 243 -30.60 -6.19 -20.58
CA PRO A 243 -30.05 -4.85 -20.82
C PRO A 243 -30.83 -3.75 -20.12
N CYS A 244 -30.09 -2.79 -19.56
CA CYS A 244 -30.66 -1.62 -18.90
C CYS A 244 -30.03 -0.36 -19.46
N PRO A 245 -30.74 0.39 -20.30
CA PRO A 245 -30.26 1.72 -20.70
C PRO A 245 -30.41 2.65 -19.51
N SER A 246 -29.82 3.84 -19.60
CA SER A 246 -29.98 4.86 -18.56
C SER A 246 -29.47 4.32 -17.23
N VAL A 247 -28.16 4.07 -17.21
CA VAL A 247 -27.46 3.57 -16.03
C VAL A 247 -26.62 4.71 -15.48
N SER A 248 -26.63 4.86 -14.16
CA SER A 248 -25.83 5.87 -13.49
C SER A 248 -24.90 5.21 -12.50
N THR A 249 -23.82 5.90 -12.17
CA THR A 249 -22.84 5.43 -11.18
C THR A 249 -23.09 6.20 -9.90
N VAL A 250 -23.14 5.48 -8.78
CA VAL A 250 -23.37 6.11 -7.48
C VAL A 250 -22.25 5.72 -6.54
N GLN A 251 -22.04 6.54 -5.51
CA GLN A 251 -21.06 6.12 -4.52
C GLN A 251 -21.60 4.94 -3.76
N CYS A 252 -22.90 4.99 -3.44
CA CYS A 252 -23.55 3.97 -2.63
C CYS A 252 -25.03 3.95 -2.96
N THR A 253 -25.69 2.90 -2.47
CA THR A 253 -27.12 2.72 -2.65
C THR A 253 -27.91 3.61 -1.72
N HIS A 254 -29.22 3.65 -1.97
CA HIS A 254 -30.12 4.36 -1.08
C HIS A 254 -30.21 3.57 0.20
N GLY A 255 -30.81 4.15 1.23
CA GLY A 255 -30.89 3.40 2.47
C GLY A 255 -31.92 2.30 2.29
N ILE A 256 -31.53 1.10 2.72
CA ILE A 256 -32.38 -0.07 2.68
C ILE A 256 -32.65 -0.45 4.12
N LYS A 257 -33.90 -0.52 4.46
CA LYS A 257 -34.21 -0.89 5.83
C LYS A 257 -34.22 -2.41 5.93
N PRO A 258 -33.49 -3.01 6.88
CA PRO A 258 -33.53 -4.49 6.95
C PRO A 258 -34.83 -4.97 7.57
N VAL A 259 -35.93 -4.77 6.85
CA VAL A 259 -37.23 -5.16 7.35
C VAL A 259 -37.34 -6.66 7.12
N VAL A 260 -37.70 -7.38 8.18
CA VAL A 260 -37.82 -8.83 8.12
C VAL A 260 -39.30 -9.16 8.07
N SER A 261 -39.72 -9.86 7.02
CA SER A 261 -41.12 -10.24 6.88
C SER A 261 -41.22 -11.41 5.91
N THR A 262 -42.37 -12.06 5.91
CA THR A 262 -42.72 -13.09 4.94
C THR A 262 -44.02 -12.72 4.24
N GLN A 263 -44.20 -13.26 3.04
CA GLN A 263 -45.41 -13.13 2.24
C GLN A 263 -45.66 -11.71 1.75
N LEU A 264 -45.74 -10.75 2.67
CA LEU A 264 -45.92 -9.34 2.36
C LEU A 264 -44.64 -8.58 2.64
N LEU A 265 -44.24 -7.71 1.71
CA LEU A 265 -43.06 -6.88 1.86
C LEU A 265 -43.50 -5.55 2.45
N LEU A 266 -42.91 -5.16 3.59
CA LEU A 266 -43.27 -3.93 4.27
C LEU A 266 -42.18 -2.88 4.13
N ASN A 267 -42.61 -1.61 4.10
CA ASN A 267 -41.73 -0.44 4.14
C ASN A 267 -40.61 -0.50 3.09
N GLY A 268 -40.93 -0.98 1.88
CA GLY A 268 -39.99 -1.03 0.79
C GLY A 268 -40.16 0.12 -0.19
N SER A 269 -39.53 -0.03 -1.35
CA SER A 269 -39.62 0.97 -2.41
C SER A 269 -40.85 0.71 -3.27
N LEU A 270 -41.38 1.77 -3.88
CA LEU A 270 -42.51 1.68 -4.81
C LEU A 270 -42.08 1.76 -6.27
N ALA A 271 -42.83 1.11 -7.15
CA ALA A 271 -42.57 1.18 -8.58
C ALA A 271 -42.92 2.57 -9.10
N GLU A 272 -42.13 3.09 -10.03
CA GLU A 272 -42.37 4.45 -10.51
C GLU A 272 -43.67 4.59 -11.30
N GLU A 273 -44.04 3.61 -12.13
CA GLU A 273 -45.24 3.72 -12.97
C GLU A 273 -46.14 2.49 -12.98
N GLU A 274 -45.60 1.29 -13.19
CA GLU A 274 -46.43 0.09 -13.30
C GLU A 274 -46.04 -0.89 -12.21
N VAL A 275 -46.99 -1.74 -11.83
CA VAL A 275 -46.70 -2.81 -10.88
C VAL A 275 -45.74 -3.76 -11.57
N MET A 276 -44.67 -4.12 -10.88
CA MET A 276 -43.65 -4.99 -11.48
C MET A 276 -43.80 -6.43 -11.02
N ILE A 277 -43.74 -7.35 -11.98
CA ILE A 277 -43.76 -8.78 -11.74
C ILE A 277 -42.38 -9.28 -12.14
N ARG A 278 -41.63 -9.85 -11.20
CA ARG A 278 -40.28 -10.31 -11.50
C ARG A 278 -40.06 -11.73 -10.99
N SER A 279 -39.38 -12.54 -11.80
CA SER A 279 -39.01 -13.88 -11.39
C SER A 279 -37.78 -14.30 -12.16
N GLU A 280 -37.06 -15.28 -11.62
CA GLU A 280 -35.92 -15.82 -12.35
C GLU A 280 -36.37 -16.48 -13.65
N ASN A 281 -37.51 -17.19 -13.59
CA ASN A 281 -38.08 -17.88 -14.74
C ASN A 281 -39.59 -17.91 -14.50
N ILE A 282 -40.32 -17.05 -15.22
CA ILE A 282 -41.75 -16.88 -14.96
C ILE A 282 -42.55 -18.14 -15.26
N THR A 283 -42.06 -19.01 -16.14
CA THR A 283 -42.78 -20.24 -16.47
C THR A 283 -42.40 -21.42 -15.58
N ASN A 284 -41.46 -21.23 -14.64
CA ASN A 284 -41.02 -22.29 -13.73
C ASN A 284 -41.74 -22.09 -12.40
N ASN A 285 -42.66 -23.00 -12.07
CA ASN A 285 -43.47 -22.81 -10.87
C ASN A 285 -42.66 -23.01 -9.58
N ALA A 286 -41.40 -23.45 -9.67
CA ALA A 286 -40.55 -23.62 -8.50
C ALA A 286 -39.86 -22.33 -8.08
N LYS A 287 -39.99 -21.26 -8.86
CA LYS A 287 -39.36 -19.98 -8.59
C LYS A 287 -40.39 -19.06 -7.95
N ASN A 288 -39.90 -18.10 -7.16
CA ASN A 288 -40.79 -17.14 -6.53
C ASN A 288 -40.98 -15.95 -7.46
N ILE A 289 -42.15 -15.31 -7.31
CA ILE A 289 -42.51 -14.11 -8.05
C ILE A 289 -42.55 -12.95 -7.06
N LEU A 290 -41.78 -11.91 -7.36
CA LEU A 290 -41.73 -10.71 -6.54
C LEU A 290 -42.61 -9.68 -7.22
N VAL A 291 -43.58 -9.16 -6.49
CA VAL A 291 -44.54 -8.18 -6.99
C VAL A 291 -44.24 -6.86 -6.30
N GLN A 292 -43.97 -5.81 -7.07
CA GLN A 292 -43.67 -4.49 -6.54
C GLN A 292 -44.83 -3.55 -6.86
N PHE A 293 -45.41 -2.96 -5.82
CA PHE A 293 -46.58 -2.10 -5.88
C PHE A 293 -46.22 -0.69 -6.32
N ASN A 294 -47.19 0.00 -6.94
CA ASN A 294 -47.02 1.39 -7.32
C ASN A 294 -47.33 2.34 -6.19
N THR A 295 -48.29 1.98 -5.35
CA THR A 295 -48.74 2.74 -4.21
C THR A 295 -48.72 1.82 -3.00
N PRO A 296 -48.45 2.33 -1.81
CA PRO A 296 -48.43 1.44 -0.66
C PRO A 296 -49.85 1.08 -0.27
N VAL A 297 -50.02 -0.08 0.35
CA VAL A 297 -51.29 -0.45 0.96
C VAL A 297 -51.04 -0.32 2.45
N GLN A 298 -51.83 0.50 3.12
CA GLN A 298 -51.57 0.72 4.54
C GLN A 298 -52.15 -0.43 5.34
N ILE A 299 -51.36 -0.95 6.26
CA ILE A 299 -51.78 -2.02 7.16
C ILE A 299 -51.54 -1.54 8.60
N ASN A 300 -52.60 -1.57 9.40
CA ASN A 300 -52.55 -1.14 10.79
C ASN A 300 -52.59 -2.38 11.67
N CYS A 301 -51.48 -2.71 12.30
CA CYS A 301 -51.34 -3.92 13.12
C CYS A 301 -51.32 -3.51 14.59
N THR A 302 -51.96 -4.31 15.42
CA THR A 302 -51.98 -4.02 16.85
C THR A 302 -51.97 -5.28 17.70
N ARG A 303 -51.45 -5.08 18.91
CA ARG A 303 -51.43 -6.05 20.01
C ARG A 303 -52.16 -5.29 21.11
N PRO A 304 -53.50 -5.41 21.17
CA PRO A 304 -54.31 -4.52 22.01
C PRO A 304 -54.12 -4.70 23.52
N ASN A 305 -53.57 -5.81 23.98
CA ASN A 305 -53.49 -6.06 25.41
C ASN A 305 -52.43 -5.20 26.08
N ASN A 306 -52.80 -4.60 27.21
CA ASN A 306 -51.90 -3.74 27.99
C ASN A 306 -51.11 -4.64 28.93
N ASN A 307 -49.86 -4.92 28.56
CA ASN A 307 -48.98 -5.79 29.30
C ASN A 307 -48.11 -5.03 30.29
N THR A 308 -47.65 -5.75 31.29
CA THR A 308 -46.66 -5.29 32.25
C THR A 308 -45.51 -6.28 32.20
N ARG A 309 -44.43 -5.99 32.94
CA ARG A 309 -43.26 -6.86 32.90
C ARG A 309 -42.67 -7.05 34.29
N LYS A 310 -42.40 -8.30 34.64
CA LYS A 310 -41.81 -8.66 35.92
C LYS A 310 -40.37 -9.11 35.69
N SER A 311 -39.43 -8.55 36.43
CA SER A 311 -38.03 -8.95 36.29
C SER A 311 -37.71 -9.99 37.36
N ILE A 312 -37.37 -11.20 36.93
CA ILE A 312 -37.10 -12.31 37.83
C ILE A 312 -35.60 -12.58 37.73
N ARG A 313 -34.87 -12.38 38.81
CA ARG A 313 -33.43 -12.61 38.77
C ARG A 313 -33.13 -14.10 38.64
N ILE A 314 -32.18 -14.44 37.78
CA ILE A 314 -31.74 -15.83 37.61
C ILE A 314 -30.44 -16.07 38.36
N GLY A 315 -29.56 -15.09 38.38
CA GLY A 315 -28.27 -15.22 38.99
C GLY A 315 -27.58 -13.88 39.00
N PRO A 316 -26.34 -13.81 39.48
CA PRO A 316 -25.66 -12.52 39.61
C PRO A 316 -25.55 -11.78 38.28
N GLY A 317 -26.19 -10.61 38.24
CA GLY A 317 -26.13 -9.79 37.05
C GLY A 317 -26.98 -10.27 35.90
N GLN A 318 -27.87 -11.24 36.14
CA GLN A 318 -28.69 -11.84 35.10
C GLN A 318 -30.14 -11.89 35.55
N ALA A 319 -31.06 -11.52 34.64
CA ALA A 319 -32.47 -11.63 34.94
C ALA A 319 -33.28 -11.94 33.70
N PHE A 320 -34.37 -12.65 33.92
CA PHE A 320 -35.35 -13.04 32.92
C PHE A 320 -36.54 -12.11 33.04
N TYR A 321 -37.10 -11.68 31.91
CA TYR A 321 -38.28 -10.81 31.93
C TYR A 321 -39.54 -11.61 31.62
N ALA A 322 -40.39 -11.75 32.64
CA ALA A 322 -41.61 -12.52 32.56
C ALA A 322 -42.79 -11.62 32.25
N THR A 323 -43.72 -12.13 31.45
CA THR A 323 -44.96 -11.41 31.20
C THR A 323 -45.80 -11.45 32.47
N GLY A 324 -46.26 -10.29 32.93
CA GLY A 324 -47.04 -10.21 34.15
C GLY A 324 -48.52 -10.27 33.84
N ASP A 325 -49.33 -9.92 34.83
CA ASP A 325 -50.77 -9.98 34.64
C ASP A 325 -51.18 -8.96 33.58
N ILE A 326 -52.18 -9.32 32.80
CA ILE A 326 -52.68 -8.41 31.77
C ILE A 326 -53.67 -7.44 32.41
N ILE A 327 -53.52 -6.17 32.07
CA ILE A 327 -54.37 -5.09 32.57
C ILE A 327 -55.51 -4.93 31.58
N GLY A 328 -56.75 -5.03 32.06
CA GLY A 328 -57.88 -4.91 31.16
C GLY A 328 -58.23 -6.22 30.48
N ASP A 329 -59.06 -6.10 29.43
CA ASP A 329 -59.56 -7.25 28.71
C ASP A 329 -58.47 -7.84 27.85
N ILE A 330 -58.61 -9.13 27.54
CA ILE A 330 -57.66 -9.86 26.71
C ILE A 330 -58.30 -10.09 25.34
N ARG A 331 -57.67 -9.50 24.32
CA ARG A 331 -58.11 -9.54 22.94
C ARG A 331 -56.92 -10.10 22.16
N GLN A 332 -57.17 -10.57 20.93
CA GLN A 332 -56.06 -11.09 20.15
C GLN A 332 -55.42 -9.98 19.32
N ALA A 333 -54.31 -10.33 18.68
CA ALA A 333 -53.61 -9.40 17.82
C ALA A 333 -54.28 -9.41 16.46
N HIS A 334 -54.18 -8.29 15.75
CA HIS A 334 -54.80 -8.29 14.42
C HIS A 334 -54.24 -7.16 13.58
N CYS A 335 -54.46 -7.26 12.27
CA CYS A 335 -54.08 -6.21 11.33
C CYS A 335 -55.25 -5.83 10.45
N ASN A 336 -55.44 -4.53 10.25
CA ASN A 336 -56.50 -3.99 9.41
C ASN A 336 -55.88 -3.50 8.10
N VAL A 337 -56.21 -4.19 7.01
CA VAL A 337 -55.75 -3.85 5.66
C VAL A 337 -56.90 -3.15 4.96
N SER A 338 -56.68 -1.96 4.41
CA SER A 338 -57.77 -1.26 3.73
C SER A 338 -58.31 -2.13 2.61
N LYS A 339 -59.64 -2.34 2.61
CA LYS A 339 -60.22 -3.28 1.64
C LYS A 339 -60.24 -2.73 0.23
N ALA A 340 -60.63 -1.47 0.04
CA ALA A 340 -60.70 -0.94 -1.32
C ALA A 340 -59.32 -0.83 -1.94
N THR A 341 -58.33 -0.41 -1.14
CA THR A 341 -56.99 -0.25 -1.67
C THR A 341 -56.43 -1.61 -2.07
N TRP A 342 -56.62 -2.60 -1.20
CA TRP A 342 -56.14 -3.94 -1.47
C TRP A 342 -56.79 -4.52 -2.73
N ASN A 343 -58.10 -4.34 -2.88
CA ASN A 343 -58.78 -4.87 -4.06
C ASN A 343 -58.27 -4.21 -5.34
N GLU A 344 -58.02 -2.90 -5.29
CA GLU A 344 -57.46 -2.22 -6.46
C GLU A 344 -56.05 -2.72 -6.75
N THR A 345 -55.28 -2.94 -5.69
CA THR A 345 -53.91 -3.40 -5.85
C THR A 345 -53.89 -4.78 -6.49
N LEU A 346 -54.78 -5.67 -6.05
CA LEU A 346 -54.82 -6.98 -6.67
C LEU A 346 -55.26 -6.87 -8.12
N GLY A 347 -56.19 -5.98 -8.43
CA GLY A 347 -56.60 -5.85 -9.83
C GLY A 347 -55.41 -5.47 -10.71
N LYS A 348 -54.56 -4.58 -10.18
CA LYS A 348 -53.36 -4.16 -10.92
C LYS A 348 -52.39 -5.33 -11.08
N VAL A 349 -52.23 -6.11 -10.01
CA VAL A 349 -51.33 -7.26 -10.04
C VAL A 349 -51.83 -8.27 -11.06
N VAL A 350 -53.14 -8.51 -11.08
CA VAL A 350 -53.70 -9.48 -12.01
C VAL A 350 -53.48 -9.03 -13.44
N LYS A 351 -53.71 -7.76 -13.74
CA LYS A 351 -53.48 -7.30 -15.12
C LYS A 351 -52.02 -7.52 -15.52
N GLN A 352 -51.10 -7.22 -14.61
CA GLN A 352 -49.69 -7.41 -14.96
C GLN A 352 -49.36 -8.89 -15.09
N LEU A 353 -49.99 -9.75 -14.29
CA LEU A 353 -49.78 -11.18 -14.46
C LEU A 353 -50.33 -11.66 -15.79
N ARG A 354 -51.47 -11.09 -16.22
CA ARG A 354 -52.07 -11.49 -17.49
C ARG A 354 -51.12 -11.16 -18.63
N LYS A 355 -50.32 -10.10 -18.48
CA LYS A 355 -49.35 -9.81 -19.53
C LYS A 355 -48.37 -10.95 -19.76
N HIS A 356 -48.16 -11.83 -18.76
CA HIS A 356 -47.25 -12.96 -18.87
C HIS A 356 -47.95 -14.30 -19.04
N PHE A 357 -49.17 -14.44 -18.52
CA PHE A 357 -49.91 -15.70 -18.53
C PHE A 357 -51.09 -15.74 -19.49
N GLY A 358 -51.45 -14.62 -20.11
CA GLY A 358 -52.56 -14.58 -21.06
C GLY A 358 -53.73 -13.69 -20.67
N ASN A 359 -54.25 -13.00 -21.70
CA ASN A 359 -55.34 -12.04 -21.52
C ASN A 359 -56.61 -12.70 -21.04
N ASN A 360 -56.82 -13.99 -21.34
CA ASN A 360 -58.04 -14.71 -20.97
C ASN A 360 -57.75 -15.84 -19.98
N THR A 361 -56.64 -15.77 -19.25
CA THR A 361 -56.31 -16.77 -18.25
C THR A 361 -56.95 -16.35 -16.93
N ILE A 362 -57.58 -17.30 -16.25
CA ILE A 362 -58.23 -17.00 -14.98
C ILE A 362 -57.15 -16.95 -13.93
N ILE A 363 -57.08 -15.87 -13.14
CA ILE A 363 -56.08 -15.74 -12.09
C ILE A 363 -56.78 -15.76 -10.74
N ARG A 364 -56.47 -16.76 -9.92
CA ARG A 364 -57.07 -16.93 -8.61
C ARG A 364 -56.03 -16.77 -7.52
N PHE A 365 -56.39 -16.05 -6.47
CA PHE A 365 -55.57 -15.91 -5.27
C PHE A 365 -56.18 -16.81 -4.21
N ALA A 366 -55.30 -17.54 -3.51
CA ALA A 366 -55.66 -18.50 -2.48
C ALA A 366 -54.64 -18.38 -1.37
N ASN A 367 -55.00 -18.87 -0.18
CA ASN A 367 -54.04 -18.81 0.91
C ASN A 367 -52.95 -19.87 0.73
N SER A 368 -51.88 -19.70 1.49
CA SER A 368 -50.69 -20.54 1.37
C SER A 368 -50.96 -21.99 1.76
N SER A 369 -50.11 -22.86 1.24
CA SER A 369 -50.16 -24.28 1.57
C SER A 369 -49.59 -24.46 2.98
N GLY A 370 -49.75 -25.66 3.53
CA GLY A 370 -49.29 -25.87 4.88
C GLY A 370 -47.78 -25.92 4.99
N GLY A 371 -47.32 -25.89 6.22
CA GLY A 371 -45.90 -25.88 6.53
C GLY A 371 -45.65 -25.16 7.83
N ASP A 372 -44.39 -24.79 8.06
CA ASP A 372 -44.02 -24.11 9.29
C ASP A 372 -44.75 -22.78 9.41
N LEU A 373 -45.06 -22.39 10.64
CA LEU A 373 -45.78 -21.14 10.89
C LEU A 373 -45.08 -19.94 10.24
N GLU A 374 -43.74 -19.95 10.25
CA GLU A 374 -42.98 -18.84 9.70
C GLU A 374 -43.20 -18.64 8.21
N VAL A 375 -43.68 -19.65 7.48
CA VAL A 375 -43.93 -19.53 6.05
C VAL A 375 -45.41 -19.60 5.67
N THR A 376 -46.26 -20.13 6.55
CA THR A 376 -47.69 -20.20 6.27
C THR A 376 -48.43 -18.93 6.65
N THR A 377 -47.84 -18.11 7.52
CA THR A 377 -48.39 -16.84 7.96
C THR A 377 -47.45 -15.70 7.59
N HIS A 378 -47.96 -14.48 7.77
CA HIS A 378 -47.21 -13.26 7.56
C HIS A 378 -46.50 -12.93 8.87
N SER A 379 -45.19 -13.14 8.88
CA SER A 379 -44.38 -12.91 10.06
C SER A 379 -43.81 -11.50 10.00
N PHE A 380 -43.85 -10.79 11.12
CA PHE A 380 -43.18 -9.49 11.15
C PHE A 380 -42.92 -9.07 12.59
N ASN A 381 -41.98 -8.15 12.76
CA ASN A 381 -41.63 -7.56 14.05
C ASN A 381 -42.28 -6.17 14.17
N CYS A 382 -43.26 -6.05 15.06
CA CYS A 382 -44.05 -4.85 15.31
C CYS A 382 -43.87 -4.41 16.76
N GLY A 383 -43.04 -3.38 16.98
CA GLY A 383 -42.84 -2.87 18.31
C GLY A 383 -42.07 -3.78 19.22
N GLY A 384 -41.34 -4.73 18.65
CA GLY A 384 -40.62 -5.72 19.41
C GLY A 384 -41.35 -7.03 19.54
N GLU A 385 -42.64 -7.10 19.19
CA GLU A 385 -43.39 -8.33 19.24
C GLU A 385 -43.39 -8.96 17.85
N PHE A 386 -43.44 -10.27 17.81
CA PHE A 386 -43.43 -11.01 16.56
C PHE A 386 -44.83 -11.51 16.27
N PHE A 387 -45.40 -10.98 15.20
CA PHE A 387 -46.77 -11.26 14.77
C PHE A 387 -46.72 -12.30 13.68
N TYR A 388 -47.69 -13.21 13.71
CA TYR A 388 -47.88 -14.26 12.72
C TYR A 388 -49.34 -14.22 12.26
N CYS A 389 -49.59 -13.41 11.23
CA CYS A 389 -50.93 -13.08 10.76
C CYS A 389 -51.41 -14.07 9.71
N ASN A 390 -52.66 -14.51 9.85
CA ASN A 390 -53.22 -15.56 8.98
C ASN A 390 -53.11 -15.19 7.50
N THR A 391 -53.54 -13.98 7.14
CA THR A 391 -53.59 -13.46 5.76
C THR A 391 -54.60 -14.14 4.86
N SER A 392 -55.32 -15.17 5.32
CA SER A 392 -56.21 -15.90 4.41
C SER A 392 -57.28 -14.99 3.83
N GLY A 393 -57.66 -13.94 4.56
CA GLY A 393 -58.65 -12.99 4.10
C GLY A 393 -58.19 -12.12 2.95
N LEU A 394 -56.88 -12.11 2.65
CA LEU A 394 -56.35 -11.29 1.57
C LEU A 394 -56.21 -12.02 0.24
N PHE A 395 -56.19 -13.34 0.24
CA PHE A 395 -55.95 -14.14 -0.96
C PHE A 395 -57.05 -15.20 -1.04
N ASN A 396 -58.24 -14.76 -1.41
CA ASN A 396 -59.44 -15.57 -1.42
C ASN A 396 -60.36 -15.07 -2.53
N SER A 397 -59.88 -15.03 -3.77
CA SER A 397 -60.71 -14.48 -4.84
C SER A 397 -60.25 -14.96 -6.21
N THR A 398 -61.15 -14.93 -7.18
CA THR A 398 -60.85 -15.28 -8.56
C THR A 398 -61.13 -14.09 -9.46
N TRP A 399 -60.14 -13.73 -10.27
CA TRP A 399 -60.20 -12.61 -11.20
C TRP A 399 -60.28 -13.12 -12.63
N ILE A 400 -61.18 -12.50 -13.40
CA ILE A 400 -61.41 -12.84 -14.80
C ILE A 400 -61.68 -11.54 -15.53
N ASP A 415 -64.19 -0.43 4.57
CA ASP A 415 -64.64 -1.30 5.65
C ASP A 415 -63.44 -1.94 6.34
N SER A 416 -62.43 -2.29 5.53
CA SER A 416 -61.17 -2.93 5.92
C SER A 416 -61.33 -4.43 6.10
N ILE A 417 -60.21 -5.14 5.96
CA ILE A 417 -60.11 -6.58 6.14
C ILE A 417 -59.33 -6.79 7.43
N THR A 418 -59.90 -7.52 8.37
CA THR A 418 -59.25 -7.78 9.65
C THR A 418 -58.62 -9.16 9.57
N LEU A 419 -57.31 -9.21 9.81
CA LEU A 419 -56.52 -10.43 9.78
C LEU A 419 -56.17 -10.84 11.20
N PRO A 420 -56.54 -12.02 11.69
CA PRO A 420 -56.13 -12.40 13.04
C PRO A 420 -54.64 -12.70 13.03
N CYS A 421 -53.98 -12.42 14.16
CA CYS A 421 -52.55 -12.65 14.28
C CYS A 421 -52.26 -13.28 15.63
N ARG A 422 -51.25 -14.15 15.64
CA ARG A 422 -50.76 -14.73 16.89
C ARG A 422 -49.42 -14.10 17.24
N ILE A 423 -49.10 -14.13 18.54
CA ILE A 423 -47.85 -13.60 19.06
C ILE A 423 -47.07 -14.77 19.64
N LYS A 424 -45.78 -14.83 19.32
CA LYS A 424 -44.89 -15.87 19.81
C LYS A 424 -43.68 -15.20 20.42
N GLN A 425 -43.22 -15.69 21.57
CA GLN A 425 -42.04 -15.14 22.24
C GLN A 425 -40.75 -15.89 21.95
N ILE A 426 -40.80 -17.17 21.56
CA ILE A 426 -39.60 -17.92 21.23
C ILE A 426 -39.44 -17.90 19.72
N ILE A 427 -38.43 -17.18 19.24
CA ILE A 427 -38.25 -16.93 17.81
C ILE A 427 -36.97 -17.62 17.35
N ASN A 428 -37.10 -18.45 16.31
CA ASN A 428 -35.95 -19.07 15.66
C ASN A 428 -35.78 -18.20 14.42
N MET A 429 -34.90 -17.21 14.51
CA MET A 429 -34.76 -16.24 13.45
C MET A 429 -33.76 -16.77 12.43
N TRP A 430 -34.12 -16.64 11.15
CA TRP A 430 -33.34 -17.09 10.00
C TRP A 430 -33.61 -18.59 9.94
N GLN A 431 -33.69 -19.19 8.75
CA GLN A 431 -34.10 -20.59 8.71
C GLN A 431 -32.93 -21.46 9.16
N ARG A 432 -32.79 -21.52 10.48
CA ARG A 432 -31.70 -22.22 11.15
C ARG A 432 -32.31 -23.12 12.23
N ILE A 433 -31.55 -24.13 12.63
CA ILE A 433 -31.93 -25.01 13.73
C ILE A 433 -31.08 -24.60 14.92
N GLY A 434 -31.74 -24.16 15.98
CA GLY A 434 -31.08 -23.69 17.16
C GLY A 434 -30.78 -22.21 17.10
N GLN A 435 -29.96 -21.77 18.06
CA GLN A 435 -29.67 -20.35 18.24
C GLN A 435 -30.98 -19.61 18.45
N ALA A 436 -31.86 -20.19 19.26
CA ALA A 436 -33.16 -19.59 19.54
C ALA A 436 -32.99 -18.32 20.36
N MET A 437 -33.91 -17.37 20.15
CA MET A 437 -33.95 -16.11 20.87
C MET A 437 -35.31 -15.98 21.56
N TYR A 438 -35.30 -15.43 22.77
CA TYR A 438 -36.51 -15.16 23.54
C TYR A 438 -36.77 -13.66 23.50
N ALA A 439 -37.92 -13.27 22.97
CA ALA A 439 -38.24 -11.86 22.89
C ALA A 439 -38.90 -11.43 24.20
N PRO A 440 -38.32 -10.49 24.97
CA PRO A 440 -38.94 -10.13 26.23
C PRO A 440 -40.26 -9.40 25.97
N PRO A 441 -41.21 -9.47 26.91
CA PRO A 441 -42.46 -8.74 26.67
C PRO A 441 -42.24 -7.24 26.71
N ILE A 442 -43.06 -6.55 25.93
CA ILE A 442 -43.08 -5.09 25.85
C ILE A 442 -44.32 -4.59 26.58
N GLN A 443 -44.13 -3.65 27.48
CA GLN A 443 -45.22 -3.13 28.29
C GLN A 443 -46.10 -2.22 27.45
N GLY A 444 -47.36 -2.11 27.86
CA GLY A 444 -48.31 -1.27 27.14
C GLY A 444 -49.00 -2.00 26.01
N VAL A 445 -49.46 -1.22 25.05
CA VAL A 445 -50.25 -1.68 23.92
C VAL A 445 -49.48 -1.28 22.67
N ILE A 446 -49.37 -2.21 21.72
CA ILE A 446 -48.56 -1.98 20.52
C ILE A 446 -49.44 -1.70 19.32
N ARG A 447 -49.11 -0.62 18.60
CA ARG A 447 -49.76 -0.25 17.36
C ARG A 447 -48.69 0.14 16.35
N CYS A 448 -48.74 -0.47 15.16
CA CYS A 448 -47.84 -0.19 14.05
C CYS A 448 -48.66 0.15 12.83
N VAL A 449 -48.19 1.11 12.04
CA VAL A 449 -48.79 1.42 10.75
C VAL A 449 -47.67 1.23 9.73
N SER A 450 -47.87 0.32 8.79
CA SER A 450 -46.84 -0.01 7.80
C SER A 450 -47.39 0.11 6.39
N ASN A 451 -46.45 0.29 5.46
CA ASN A 451 -46.73 0.34 4.03
C ASN A 451 -46.43 -1.02 3.42
N ILE A 452 -47.42 -1.66 2.82
CA ILE A 452 -47.18 -2.91 2.08
C ILE A 452 -46.79 -2.45 0.68
N THR A 453 -45.57 -2.79 0.28
CA THR A 453 -45.00 -2.35 -0.99
C THR A 453 -44.78 -3.50 -1.96
N GLY A 454 -45.19 -4.71 -1.61
CA GLY A 454 -44.98 -5.81 -2.53
C GLY A 454 -45.38 -7.13 -1.91
N LEU A 455 -45.33 -8.16 -2.75
CA LEU A 455 -45.71 -9.52 -2.41
C LEU A 455 -44.65 -10.50 -2.86
N ILE A 456 -44.55 -11.63 -2.17
CA ILE A 456 -43.86 -12.80 -2.67
C ILE A 456 -44.92 -13.85 -2.91
N LEU A 457 -45.10 -14.23 -4.17
CA LEU A 457 -46.10 -15.19 -4.58
C LEU A 457 -45.43 -16.40 -5.22
N THR A 458 -46.10 -17.54 -5.13
CA THR A 458 -45.69 -18.74 -5.84
C THR A 458 -46.85 -19.20 -6.69
N ARG A 459 -46.54 -19.80 -7.84
CA ARG A 459 -47.57 -20.32 -8.72
C ARG A 459 -47.79 -21.81 -8.44
N ASP A 460 -49.06 -22.20 -8.39
CA ASP A 460 -49.41 -23.58 -8.10
C ASP A 460 -49.15 -24.43 -9.33
N THR A 467 -55.71 -23.55 -17.85
CA THR A 467 -56.97 -22.81 -17.89
C THR A 467 -56.96 -21.74 -16.82
N THR A 468 -56.72 -22.16 -15.58
CA THR A 468 -56.68 -21.27 -14.43
C THR A 468 -55.35 -21.43 -13.71
N GLU A 469 -54.71 -20.31 -13.42
CA GLU A 469 -53.48 -20.27 -12.64
C GLU A 469 -53.84 -19.83 -11.23
N THR A 470 -53.18 -20.43 -10.24
CA THR A 470 -53.40 -20.09 -8.84
C THR A 470 -52.09 -19.61 -8.23
N PHE A 471 -52.16 -18.45 -7.59
CA PHE A 471 -51.03 -17.82 -6.93
C PHE A 471 -51.29 -17.84 -5.43
N ARG A 472 -50.28 -18.21 -4.65
CA ARG A 472 -50.39 -18.30 -3.21
C ARG A 472 -49.27 -17.49 -2.59
N PRO A 473 -49.46 -16.94 -1.38
CA PRO A 473 -48.34 -16.29 -0.69
C PRO A 473 -47.20 -17.25 -0.45
N GLY A 474 -45.98 -16.76 -0.68
CA GLY A 474 -44.77 -17.50 -0.44
C GLY A 474 -43.99 -16.87 0.68
N GLY A 475 -42.76 -17.34 0.86
CA GLY A 475 -41.97 -16.78 1.93
C GLY A 475 -40.74 -17.61 2.21
N GLY A 476 -40.02 -17.16 3.22
CA GLY A 476 -38.80 -17.79 3.62
C GLY A 476 -37.64 -17.29 2.79
N ASP A 477 -36.48 -17.91 2.99
CA ASP A 477 -35.21 -17.60 2.34
C ASP A 477 -34.64 -16.27 2.80
N MET A 478 -35.47 -15.21 2.82
CA MET A 478 -35.18 -13.83 3.22
C MET A 478 -34.41 -13.09 2.12
N ARG A 479 -33.60 -13.80 1.34
CA ARG A 479 -32.85 -13.16 0.25
C ARG A 479 -33.78 -12.46 -0.71
N ASP A 480 -34.98 -13.01 -0.94
CA ASP A 480 -35.94 -12.39 -1.84
C ASP A 480 -36.39 -11.02 -1.34
N ASN A 481 -36.44 -10.80 -0.02
CA ASN A 481 -36.90 -9.51 0.45
C ASN A 481 -35.87 -8.44 0.12
N TRP A 482 -34.60 -8.81 0.17
CA TRP A 482 -33.52 -7.90 -0.14
C TRP A 482 -33.33 -7.79 -1.66
N ARG A 483 -33.71 -8.83 -2.41
CA ARG A 483 -33.69 -8.70 -3.86
C ARG A 483 -34.68 -7.65 -4.29
N SER A 484 -35.80 -7.53 -3.57
CA SER A 484 -36.81 -6.56 -3.97
C SER A 484 -36.30 -5.12 -3.89
N GLU A 485 -35.20 -4.88 -3.17
CA GLU A 485 -34.59 -3.55 -3.07
C GLU A 485 -33.29 -3.41 -3.84
N LEU A 486 -32.47 -4.46 -3.91
CA LEU A 486 -31.16 -4.42 -4.57
C LEU A 486 -31.21 -4.78 -6.05
N TYR A 487 -32.39 -5.10 -6.59
CA TYR A 487 -32.50 -5.49 -8.00
C TYR A 487 -31.95 -4.44 -8.97
N LYS A 488 -31.89 -3.18 -8.57
CA LYS A 488 -31.43 -2.12 -9.46
C LYS A 488 -29.94 -1.83 -9.36
N TYR A 489 -29.20 -2.53 -8.50
CA TYR A 489 -27.77 -2.27 -8.30
C TYR A 489 -26.89 -3.42 -8.77
N LYS A 490 -25.76 -3.05 -9.36
CA LYS A 490 -24.73 -3.98 -9.82
C LYS A 490 -23.38 -3.49 -9.33
N VAL A 491 -22.50 -4.41 -8.93
CA VAL A 491 -21.14 -4.07 -8.52
C VAL A 491 -20.20 -4.45 -9.65
N VAL A 492 -19.35 -3.50 -10.06
CA VAL A 492 -18.36 -3.71 -11.10
C VAL A 492 -17.00 -3.29 -10.56
N LYS A 493 -15.94 -3.76 -11.22
CA LYS A 493 -14.58 -3.37 -10.89
C LYS A 493 -14.05 -2.54 -12.05
N ILE A 494 -13.19 -1.59 -11.72
CA ILE A 494 -12.60 -0.68 -12.69
C ILE A 494 -11.30 -1.27 -13.20
N GLU A 495 -11.09 -1.20 -14.51
CA GLU A 495 -9.90 -1.72 -15.18
C GLU A 495 -9.27 -0.50 -15.84
N PRO A 496 -8.50 0.30 -15.07
CA PRO A 496 -8.06 1.61 -15.58
C PRO A 496 -7.03 1.55 -16.69
N LEU A 497 -6.40 0.41 -16.94
CA LEU A 497 -5.41 0.29 -17.99
C LEU A 497 -6.04 -0.18 -19.28
N GLY A 498 -5.50 0.34 -20.38
CA GLY A 498 -5.89 -0.11 -21.70
C GLY A 498 -4.89 0.41 -22.71
N VAL A 499 -4.97 -0.13 -23.92
CA VAL A 499 -4.08 0.24 -24.99
C VAL A 499 -4.91 0.55 -26.22
N ALA A 500 -4.34 1.34 -27.11
CA ALA A 500 -5.02 1.63 -28.37
C ALA A 500 -4.01 2.11 -29.38
N PRO A 501 -4.24 1.91 -30.67
CA PRO A 501 -3.31 2.45 -31.67
C PRO A 501 -3.43 3.96 -31.78
N THR A 502 -2.29 4.60 -31.94
CA THR A 502 -2.18 6.00 -32.28
C THR A 502 -1.03 6.11 -33.26
N ARG A 503 -0.74 7.30 -33.76
CA ARG A 503 0.40 7.46 -34.65
C ARG A 503 1.63 7.94 -33.89
N CYS A 504 1.59 7.94 -32.56
CA CYS A 504 2.68 8.49 -31.77
C CYS A 504 3.72 7.42 -31.43
N LYS A 505 4.97 7.70 -31.81
CA LYS A 505 6.10 6.83 -31.56
C LYS A 505 6.91 7.44 -30.44
N ARG A 506 7.32 6.62 -29.47
CA ARG A 506 8.16 7.11 -28.39
C ARG A 506 9.49 7.59 -28.97
N LEU B 9 -18.74 14.19 -8.75
CA LEU B 9 -17.58 13.34 -8.98
C LEU B 9 -17.06 13.41 -10.40
N GLY B 10 -17.91 13.03 -11.35
CA GLY B 10 -17.52 12.92 -12.74
C GLY B 10 -17.00 11.54 -13.09
N PHE B 11 -16.92 10.66 -12.09
CA PHE B 11 -16.38 9.32 -12.26
C PHE B 11 -17.18 8.51 -13.26
N LEU B 12 -16.48 8.00 -14.28
CA LEU B 12 -17.07 7.23 -15.37
C LEU B 12 -18.03 8.03 -16.22
N GLY B 13 -18.06 9.36 -16.11
CA GLY B 13 -18.98 10.14 -16.93
C GLY B 13 -18.74 9.95 -18.41
N ALA B 14 -17.48 9.71 -18.79
CA ALA B 14 -17.09 9.52 -20.17
C ALA B 14 -17.23 8.08 -20.64
N ALA B 15 -17.78 7.19 -19.78
CA ALA B 15 -17.86 5.77 -20.14
C ALA B 15 -18.62 5.56 -21.44
N GLY B 16 -19.63 6.36 -21.72
CA GLY B 16 -20.38 6.21 -22.94
C GLY B 16 -19.88 7.08 -24.07
N SER B 17 -18.80 7.83 -23.84
CA SER B 17 -18.25 8.72 -24.85
C SER B 17 -17.35 7.93 -25.78
N THR B 18 -17.05 8.52 -26.92
CA THR B 18 -16.15 7.84 -27.84
C THR B 18 -14.73 7.89 -27.30
N MET B 19 -13.87 7.02 -27.83
CA MET B 19 -12.51 6.93 -27.34
C MET B 19 -11.77 8.26 -27.45
N GLY B 20 -12.05 9.04 -28.51
CA GLY B 20 -11.34 10.30 -28.65
C GLY B 20 -12.00 11.45 -27.93
N ALA B 21 -13.18 11.22 -27.34
CA ALA B 21 -13.89 12.21 -26.55
C ALA B 21 -13.57 11.98 -25.09
N ALA B 22 -13.36 10.71 -24.76
CA ALA B 22 -12.90 10.21 -23.49
C ALA B 22 -11.37 10.34 -23.55
N SER B 23 -10.66 9.80 -22.57
CA SER B 23 -9.20 9.92 -22.51
C SER B 23 -8.74 11.37 -22.41
N MET B 24 -9.53 12.16 -21.69
CA MET B 24 -9.30 13.53 -21.27
C MET B 24 -9.75 13.71 -19.83
N THR B 25 -10.35 12.67 -19.24
CA THR B 25 -10.90 12.60 -17.90
C THR B 25 -10.16 11.52 -17.12
N LEU B 26 -8.95 11.16 -17.60
CA LEU B 26 -8.19 10.08 -17.01
C LEU B 26 -7.89 10.33 -15.54
N THR B 27 -7.73 11.59 -15.15
CA THR B 27 -7.46 11.87 -13.75
C THR B 27 -8.71 11.69 -12.91
N VAL B 28 -9.88 11.73 -13.53
CA VAL B 28 -11.14 11.60 -12.79
C VAL B 28 -11.27 10.17 -12.31
N GLN B 29 -10.99 9.21 -13.19
CA GLN B 29 -11.06 7.81 -12.79
C GLN B 29 -9.84 7.44 -11.97
N ALA B 30 -8.67 7.97 -12.33
CA ALA B 30 -7.44 7.62 -11.62
C ALA B 30 -7.53 8.00 -10.13
N ARG B 31 -8.16 9.13 -9.81
CA ARG B 31 -8.25 9.54 -8.41
C ARG B 31 -9.29 8.74 -7.63
N ASN B 32 -10.09 7.90 -8.28
CA ASN B 32 -11.08 7.09 -7.60
C ASN B 32 -10.63 5.65 -7.40
N LEU B 33 -9.34 5.39 -7.63
CA LEU B 33 -8.73 4.09 -7.40
C LEU B 33 -7.99 4.03 -6.06
N LEU B 34 -7.55 5.18 -5.55
CA LEU B 34 -6.75 5.29 -4.34
C LEU B 34 -5.57 4.33 -4.34
N LEU B 57 -16.44 -6.97 17.02
CA LEU B 57 -16.61 -6.40 15.69
C LEU B 57 -15.35 -6.64 14.85
N THR B 58 -14.54 -7.63 15.28
CA THR B 58 -13.29 -7.97 14.60
C THR B 58 -13.52 -8.36 13.14
N VAL B 59 -14.59 -9.11 12.85
CA VAL B 59 -14.82 -9.55 11.48
C VAL B 59 -15.09 -8.35 10.56
N TRP B 60 -15.71 -7.30 11.07
CA TRP B 60 -15.97 -6.15 10.20
C TRP B 60 -14.67 -5.43 9.90
N GLY B 61 -13.80 -5.32 10.91
CA GLY B 61 -12.51 -4.69 10.72
C GLY B 61 -11.68 -5.47 9.72
N ILE B 62 -11.75 -6.80 9.79
CA ILE B 62 -10.99 -7.63 8.86
C ILE B 62 -11.53 -7.44 7.44
N LYS B 63 -12.85 -7.47 7.27
CA LYS B 63 -13.42 -7.27 5.95
C LYS B 63 -12.99 -5.92 5.35
N GLN B 64 -13.01 -4.87 6.18
CA GLN B 64 -12.63 -3.56 5.66
C GLN B 64 -11.15 -3.50 5.32
N LEU B 65 -10.31 -4.12 6.15
CA LEU B 65 -8.89 -4.14 5.84
C LEU B 65 -8.61 -4.94 4.58
N GLN B 66 -9.32 -6.05 4.36
CA GLN B 66 -9.06 -6.81 3.15
C GLN B 66 -9.45 -5.99 1.93
N ALA B 67 -10.56 -5.26 2.00
CA ALA B 67 -10.95 -4.44 0.85
C ALA B 67 -9.94 -3.32 0.60
N ARG B 68 -9.42 -2.72 1.66
CA ARG B 68 -8.47 -1.61 1.49
C ARG B 68 -7.11 -2.11 1.01
N VAL B 69 -6.66 -3.24 1.56
CA VAL B 69 -5.37 -3.80 1.14
C VAL B 69 -5.47 -4.26 -0.31
N LEU B 70 -6.60 -4.87 -0.69
CA LEU B 70 -6.75 -5.30 -2.07
C LEU B 70 -6.70 -4.10 -3.01
N ALA B 71 -7.40 -3.01 -2.66
CA ALA B 71 -7.38 -1.84 -3.53
C ALA B 71 -5.95 -1.32 -3.69
N VAL B 72 -5.18 -1.33 -2.60
CA VAL B 72 -3.79 -0.89 -2.66
C VAL B 72 -2.96 -1.83 -3.53
N GLU B 73 -3.12 -3.14 -3.36
CA GLU B 73 -2.34 -4.08 -4.16
C GLU B 73 -2.65 -3.95 -5.64
N ARG B 74 -3.93 -3.74 -5.99
CA ARG B 74 -4.27 -3.60 -7.40
C ARG B 74 -3.67 -2.33 -7.97
N TYR B 75 -3.73 -1.24 -7.21
CA TYR B 75 -3.15 0.01 -7.66
C TYR B 75 -1.66 -0.16 -7.90
N LEU B 76 -0.96 -0.75 -6.94
CA LEU B 76 0.48 -0.91 -7.09
C LEU B 76 0.84 -1.84 -8.22
N ARG B 77 0.05 -2.89 -8.45
CA ARG B 77 0.37 -3.76 -9.58
C ARG B 77 0.24 -3.01 -10.88
N ASP B 78 -0.79 -2.17 -11.01
CA ASP B 78 -0.94 -1.41 -12.25
C ASP B 78 0.20 -0.41 -12.41
N GLN B 79 0.62 0.22 -11.30
CA GLN B 79 1.71 1.18 -11.40
C GLN B 79 3.02 0.49 -11.72
N GLN B 80 3.24 -0.70 -11.16
CA GLN B 80 4.46 -1.43 -11.47
C GLN B 80 4.47 -1.82 -12.93
N LEU B 81 3.29 -2.21 -13.45
CA LEU B 81 3.22 -2.63 -14.84
C LEU B 81 3.54 -1.45 -15.74
N LEU B 82 3.02 -0.27 -15.42
CA LEU B 82 3.35 0.92 -16.20
C LEU B 82 4.83 1.23 -16.10
N GLY B 83 5.39 1.02 -14.90
CA GLY B 83 6.81 1.26 -14.69
C GLY B 83 7.71 0.42 -15.57
N ILE B 84 7.45 -0.89 -15.61
CA ILE B 84 8.31 -1.77 -16.40
C ILE B 84 8.18 -1.51 -17.89
N TRP B 85 7.09 -0.87 -18.32
CA TRP B 85 6.92 -0.49 -19.72
C TRP B 85 7.57 0.85 -20.03
N GLY B 86 8.12 1.54 -19.03
CA GLY B 86 8.69 2.85 -19.22
C GLY B 86 7.66 3.96 -19.23
N CYS B 87 6.50 3.72 -18.62
CA CYS B 87 5.39 4.64 -18.58
C CYS B 87 5.12 5.17 -17.17
N SER B 88 6.10 5.10 -16.29
CA SER B 88 5.89 5.53 -14.92
C SER B 88 5.58 7.02 -14.87
N GLY B 89 4.56 7.36 -14.10
CA GLY B 89 4.19 8.75 -13.91
C GLY B 89 3.34 9.38 -14.99
N LYS B 90 2.92 8.62 -16.00
CA LYS B 90 2.14 9.14 -17.10
C LYS B 90 0.77 8.49 -17.16
N LEU B 91 -0.17 9.22 -17.75
CA LEU B 91 -1.50 8.72 -18.05
C LEU B 91 -1.65 8.38 -19.52
N ILE B 92 -0.97 9.10 -20.40
CA ILE B 92 -0.96 8.84 -21.84
C ILE B 92 0.50 8.61 -22.18
N CYS B 93 0.86 7.36 -22.44
CA CYS B 93 2.25 6.95 -22.63
C CYS B 93 2.49 6.44 -24.04
N CYS B 94 3.38 7.10 -24.76
CA CYS B 94 3.73 6.69 -26.11
C CYS B 94 4.77 5.58 -26.02
N THR B 95 4.71 4.61 -26.94
CA THR B 95 5.67 3.51 -26.94
C THR B 95 6.28 3.33 -28.33
N ASN B 96 7.20 2.36 -28.41
CA ASN B 96 7.89 1.95 -29.63
C ASN B 96 7.39 0.62 -30.18
N VAL B 97 6.23 0.13 -29.76
CA VAL B 97 5.71 -1.15 -30.23
C VAL B 97 4.77 -0.90 -31.41
N PRO B 98 5.06 -1.43 -32.61
CA PRO B 98 4.14 -1.25 -33.74
C PRO B 98 2.80 -1.92 -33.47
N TRP B 99 1.74 -1.37 -34.05
CA TRP B 99 0.43 -1.99 -33.93
C TRP B 99 0.31 -3.05 -35.02
N ASN B 100 -0.13 -4.24 -34.63
CA ASN B 100 -0.35 -5.34 -35.53
C ASN B 100 -1.77 -5.28 -36.07
N SER B 101 -1.92 -5.44 -37.38
CA SER B 101 -3.24 -5.43 -38.00
C SER B 101 -4.07 -6.64 -37.57
N SER B 102 -3.44 -7.68 -37.05
CA SER B 102 -4.17 -8.85 -36.58
C SER B 102 -4.86 -8.61 -35.24
N TRP B 103 -4.45 -7.58 -34.49
CA TRP B 103 -5.08 -7.30 -33.20
C TRP B 103 -6.40 -6.55 -33.42
N SER B 104 -6.40 -5.57 -34.31
CA SER B 104 -7.63 -4.85 -34.65
C SER B 104 -7.39 -4.21 -36.01
N ASN B 105 -8.10 -4.69 -37.03
CA ASN B 105 -7.93 -4.18 -38.40
C ASN B 105 -8.89 -3.01 -38.62
N ARG B 106 -8.62 -1.92 -37.91
CA ARG B 106 -9.41 -0.71 -37.98
C ARG B 106 -8.51 0.50 -38.11
N ASN B 107 -9.03 1.55 -38.74
CA ASN B 107 -8.33 2.82 -38.82
C ASN B 107 -8.64 3.67 -37.59
N LEU B 108 -7.93 4.80 -37.50
CA LEU B 108 -8.05 5.69 -36.36
C LEU B 108 -9.42 6.36 -36.28
N SER B 109 -10.06 6.64 -37.41
CA SER B 109 -11.36 7.28 -37.36
C SER B 109 -12.39 6.41 -36.66
N GLU B 110 -12.42 5.10 -36.97
CA GLU B 110 -13.39 4.24 -36.30
C GLU B 110 -13.05 4.05 -34.84
N ILE B 111 -11.77 3.86 -34.52
CA ILE B 111 -11.39 3.57 -33.14
C ILE B 111 -11.63 4.77 -32.24
N TRP B 112 -11.17 5.95 -32.67
CA TRP B 112 -11.24 7.13 -31.82
C TRP B 112 -12.51 7.97 -31.94
N ASP B 113 -13.19 8.00 -33.09
CA ASP B 113 -14.37 8.85 -33.23
C ASP B 113 -15.69 8.11 -33.11
N ASN B 114 -15.73 6.80 -33.33
CA ASN B 114 -16.96 6.02 -33.23
C ASN B 114 -17.01 5.08 -32.03
N MET B 115 -15.93 4.36 -31.75
CA MET B 115 -15.93 3.38 -30.68
C MET B 115 -15.78 4.01 -29.30
N THR B 116 -16.32 3.30 -28.31
CA THR B 116 -16.14 3.62 -26.90
C THR B 116 -15.05 2.73 -26.34
N TRP B 117 -14.58 3.06 -25.13
CA TRP B 117 -13.54 2.24 -24.53
C TRP B 117 -14.05 0.86 -24.10
N LEU B 118 -15.33 0.73 -23.76
CA LEU B 118 -15.85 -0.59 -23.38
C LEU B 118 -15.87 -1.52 -24.57
N GLN B 119 -16.25 -0.99 -25.73
CA GLN B 119 -16.31 -1.80 -26.93
C GLN B 119 -14.91 -2.18 -27.36
N TRP B 120 -13.96 -1.25 -27.24
CA TRP B 120 -12.59 -1.53 -27.60
C TRP B 120 -12.01 -2.60 -26.68
N ASP B 121 -12.27 -2.48 -25.38
CA ASP B 121 -11.77 -3.46 -24.42
C ASP B 121 -12.27 -4.85 -24.80
N LYS B 122 -13.54 -4.95 -25.22
CA LYS B 122 -14.04 -6.24 -25.64
C LYS B 122 -13.34 -6.71 -26.92
N GLU B 123 -13.17 -5.80 -27.88
CA GLU B 123 -12.61 -6.14 -29.18
C GLU B 123 -11.21 -6.74 -29.13
N ILE B 124 -10.33 -6.23 -28.26
CA ILE B 124 -8.95 -6.73 -28.21
C ILE B 124 -8.62 -7.46 -26.91
N SER B 125 -9.62 -7.99 -26.20
CA SER B 125 -9.33 -8.69 -24.95
C SER B 125 -8.34 -9.85 -25.16
N ASN B 126 -8.51 -10.60 -26.25
CA ASN B 126 -7.69 -11.80 -26.47
C ASN B 126 -6.25 -11.49 -26.81
N TYR B 127 -5.90 -10.23 -27.07
CA TYR B 127 -4.54 -9.86 -27.43
C TYR B 127 -3.88 -9.04 -26.33
N THR B 128 -4.57 -8.85 -25.19
CA THR B 128 -4.04 -7.96 -24.16
C THR B 128 -2.68 -8.42 -23.65
N GLN B 129 -2.53 -9.72 -23.41
CA GLN B 129 -1.27 -10.16 -22.82
C GLN B 129 -0.17 -10.14 -23.85
N ILE B 130 -0.53 -10.30 -25.13
CA ILE B 130 0.50 -10.26 -26.16
C ILE B 130 1.07 -8.87 -26.21
N ILE B 131 0.19 -7.88 -26.19
CA ILE B 131 0.63 -6.49 -26.27
C ILE B 131 1.48 -6.18 -25.06
N TYR B 132 1.03 -6.64 -23.88
CA TYR B 132 1.78 -6.34 -22.66
C TYR B 132 3.17 -6.94 -22.73
N GLY B 133 3.28 -8.17 -23.25
CA GLY B 133 4.60 -8.77 -23.34
C GLY B 133 5.53 -7.98 -24.24
N LEU B 134 4.99 -7.50 -25.36
CA LEU B 134 5.82 -6.74 -26.28
C LEU B 134 6.25 -5.44 -25.65
N LEU B 135 5.38 -4.82 -24.85
CA LEU B 135 5.75 -3.57 -24.23
C LEU B 135 6.89 -3.77 -23.26
N GLU B 136 6.84 -4.87 -22.50
CA GLU B 136 7.92 -5.15 -21.56
C GLU B 136 9.22 -5.34 -22.31
N GLU B 137 9.17 -6.06 -23.43
CA GLU B 137 10.41 -6.33 -24.14
C GLU B 137 10.98 -5.06 -24.72
N SER B 138 10.12 -4.19 -25.25
CA SER B 138 10.70 -3.00 -25.86
C SER B 138 11.32 -2.09 -24.81
N GLN B 139 10.77 -2.07 -23.60
CA GLN B 139 11.41 -1.24 -22.59
C GLN B 139 12.73 -1.84 -22.19
N ASN B 140 12.81 -3.17 -22.10
CA ASN B 140 14.07 -3.78 -21.72
C ASN B 140 15.13 -3.45 -22.73
N GLN B 141 14.77 -3.43 -24.02
CA GLN B 141 15.82 -3.10 -24.98
C GLN B 141 16.16 -1.62 -24.91
N GLN B 142 15.15 -0.76 -24.78
CA GLN B 142 15.39 0.67 -24.77
C GLN B 142 16.23 1.07 -23.57
N GLU B 143 15.90 0.53 -22.41
CA GLU B 143 16.62 0.92 -21.21
C GLU B 143 18.07 0.49 -21.31
N LYS B 144 18.32 -0.71 -21.84
CA LYS B 144 19.70 -1.15 -21.97
C LYS B 144 20.42 -0.28 -22.98
N ASN B 145 19.74 0.09 -24.06
CA ASN B 145 20.39 0.91 -25.09
C ASN B 145 20.80 2.25 -24.50
N GLU B 146 19.97 2.80 -23.60
CA GLU B 146 20.32 4.07 -23.00
C GLU B 146 21.57 3.93 -22.15
N GLN B 147 21.66 2.81 -21.44
CA GLN B 147 22.84 2.56 -20.61
C GLN B 147 24.08 2.53 -21.47
N ASP B 148 23.97 1.97 -22.68
CA ASP B 148 25.14 1.92 -23.54
C ASP B 148 25.45 3.31 -24.10
N LEU B 149 24.42 4.08 -24.45
CA LEU B 149 24.68 5.42 -24.97
C LEU B 149 25.33 6.29 -23.92
N LEU B 150 24.95 6.11 -22.65
CA LEU B 150 25.53 6.88 -21.57
C LEU B 150 26.91 6.40 -21.20
N ALA B 151 27.38 5.29 -21.79
CA ALA B 151 28.72 4.79 -21.51
C ALA B 151 29.74 5.30 -22.52
N LEU B 152 29.31 6.09 -23.50
CA LEU B 152 30.23 6.68 -24.45
C LEU B 152 30.87 7.91 -23.81
N ASP B 153 32.15 8.13 -24.13
CA ASP B 153 32.98 9.27 -23.70
C ASP B 153 33.65 8.92 -22.38
N VAL C 2 -17.31 24.53 -47.40
CA VAL C 2 -16.32 25.16 -46.52
C VAL C 2 -15.90 26.50 -47.09
N GLN C 3 -15.72 27.47 -46.20
CA GLN C 3 -15.23 28.79 -46.57
C GLN C 3 -14.18 29.25 -45.57
N LEU C 4 -13.16 29.94 -46.08
CA LEU C 4 -12.15 30.62 -45.28
C LEU C 4 -12.02 32.02 -45.87
N VAL C 5 -12.29 33.03 -45.05
CA VAL C 5 -12.29 34.42 -45.52
C VAL C 5 -11.28 35.22 -44.68
N GLU C 6 -10.22 35.67 -45.33
CA GLU C 6 -9.18 36.45 -44.68
C GLU C 6 -9.59 37.91 -44.61
N THR C 7 -9.15 38.59 -43.56
CA THR C 7 -9.31 40.03 -43.41
C THR C 7 -8.01 40.61 -42.90
N GLY C 8 -8.01 41.93 -42.73
CA GLY C 8 -6.83 42.66 -42.38
C GLY C 8 -6.06 42.91 -43.67
N GLY C 9 -4.78 43.24 -43.56
CA GLY C 9 -4.01 43.60 -44.75
C GLY C 9 -3.85 45.10 -44.90
N GLY C 10 -3.27 45.47 -46.02
CA GLY C 10 -2.97 46.86 -46.35
C GLY C 10 -1.48 47.10 -46.45
N LEU C 11 -1.14 48.37 -46.69
CA LEU C 11 0.24 48.79 -46.87
C LEU C 11 0.78 49.35 -45.55
N VAL C 12 1.86 48.75 -45.06
CA VAL C 12 2.53 49.15 -43.83
C VAL C 12 4.00 49.39 -44.15
N GLN C 13 4.55 50.49 -43.65
CA GLN C 13 5.93 50.82 -43.94
C GLN C 13 6.88 49.89 -43.17
N PRO C 14 8.11 49.70 -43.68
CA PRO C 14 9.07 48.81 -42.99
C PRO C 14 9.25 49.17 -41.52
N GLY C 15 9.28 48.13 -40.69
CA GLY C 15 9.39 48.30 -39.25
C GLY C 15 8.07 48.35 -38.53
N GLY C 16 6.96 48.37 -39.26
CA GLY C 16 5.64 48.46 -38.68
C GLY C 16 5.11 47.09 -38.28
N SER C 17 3.80 47.05 -38.00
CA SER C 17 3.14 45.85 -37.53
C SER C 17 1.76 45.77 -38.14
N LEU C 18 1.37 44.55 -38.52
CA LEU C 18 0.09 44.29 -39.17
C LEU C 18 -0.54 43.01 -38.64
N LYS C 19 -1.83 43.05 -38.36
CA LYS C 19 -2.58 41.88 -37.92
C LYS C 19 -3.49 41.39 -39.03
N LEU C 20 -3.41 40.10 -39.34
CA LEU C 20 -4.27 39.44 -40.30
C LEU C 20 -5.24 38.56 -39.51
N SER C 21 -6.39 38.26 -40.09
CA SER C 21 -7.29 37.31 -39.44
C SER C 21 -8.01 36.50 -40.49
N CYS C 22 -8.57 35.38 -40.06
CA CYS C 22 -9.27 34.46 -40.95
C CYS C 22 -10.52 33.92 -40.27
N ARG C 23 -11.67 34.12 -40.91
CA ARG C 23 -12.95 33.59 -40.43
C ARG C 23 -13.23 32.29 -41.18
N ALA C 24 -13.57 31.23 -40.45
CA ALA C 24 -13.85 29.93 -41.06
C ALA C 24 -15.30 29.55 -40.88
N SER C 25 -15.83 28.80 -41.85
CA SER C 25 -17.18 28.26 -41.75
C SER C 25 -17.30 27.02 -42.59
N GLY C 26 -18.34 26.23 -42.32
CA GLY C 26 -18.69 25.04 -43.08
C GLY C 26 -18.09 23.75 -42.57
N TYR C 27 -17.33 23.78 -41.48
CA TYR C 27 -16.71 22.59 -40.92
C TYR C 27 -16.49 22.86 -39.44
N THR C 28 -16.20 21.82 -38.68
CA THR C 28 -15.90 22.04 -37.27
C THR C 28 -14.49 22.63 -37.20
N PHE C 29 -14.43 23.87 -36.74
CA PHE C 29 -13.17 24.62 -36.72
C PHE C 29 -12.13 23.93 -35.84
N SER C 30 -12.53 23.54 -34.63
CA SER C 30 -11.65 22.93 -33.65
C SER C 30 -11.13 21.55 -34.03
N SER C 31 -11.63 20.94 -35.11
CA SER C 31 -11.17 19.61 -35.50
C SER C 31 -9.99 19.60 -36.46
N PHE C 32 -9.58 20.74 -37.01
CA PHE C 32 -8.50 20.79 -37.99
C PHE C 32 -7.36 21.70 -37.56
N ALA C 33 -6.13 21.27 -37.89
CA ALA C 33 -4.98 22.14 -37.73
C ALA C 33 -5.05 23.14 -38.88
N MET C 34 -4.46 24.32 -38.70
CA MET C 34 -4.50 25.34 -39.74
C MET C 34 -3.16 26.05 -39.84
N SER C 35 -2.98 26.76 -40.95
CA SER C 35 -1.71 27.43 -41.22
C SER C 35 -1.90 28.67 -42.08
N TRP C 36 -0.83 29.46 -42.15
CA TRP C 36 -0.71 30.61 -43.05
C TRP C 36 0.41 30.32 -44.02
N VAL C 37 0.13 30.58 -45.32
CA VAL C 37 1.07 30.38 -46.42
C VAL C 37 1.20 31.66 -47.25
N ARG C 38 2.43 32.06 -47.56
CA ARG C 38 2.66 33.24 -48.39
C ARG C 38 2.95 32.88 -49.84
N GLN C 39 2.48 33.74 -50.73
CA GLN C 39 2.85 33.71 -52.14
C GLN C 39 3.42 35.07 -52.52
N ALA C 40 4.67 35.07 -52.97
CA ALA C 40 5.30 36.32 -53.35
C ALA C 40 4.54 36.87 -54.57
N PRO C 41 4.44 38.19 -54.74
CA PRO C 41 3.69 38.71 -55.90
C PRO C 41 4.08 38.09 -57.25
N GLY C 42 5.36 37.78 -57.46
CA GLY C 42 5.81 37.19 -58.71
C GLY C 42 6.40 35.80 -58.70
N LYS C 43 6.32 35.06 -57.60
CA LYS C 43 6.93 33.73 -57.49
C LYS C 43 5.90 32.76 -56.91
N GLY C 44 6.38 31.65 -56.32
CA GLY C 44 5.55 30.58 -55.82
C GLY C 44 5.14 30.70 -54.36
N LEU C 45 4.68 29.57 -53.83
CA LEU C 45 4.14 29.50 -52.47
C LEU C 45 5.24 29.23 -51.45
N GLU C 46 5.11 29.85 -50.28
CA GLU C 46 6.02 29.64 -49.16
C GLU C 46 5.20 29.42 -47.90
N TRP C 47 5.51 28.35 -47.15
CA TRP C 47 4.84 28.10 -45.89
C TRP C 47 5.43 29.05 -44.86
N VAL C 48 4.57 29.65 -44.02
CA VAL C 48 5.03 30.57 -42.97
C VAL C 48 4.76 30.03 -41.57
N SER C 49 3.52 29.66 -41.25
CA SER C 49 3.28 29.22 -39.88
C SER C 49 2.18 28.19 -39.81
N LEU C 50 2.28 27.33 -38.79
CA LEU C 50 1.36 26.23 -38.56
C LEU C 50 0.92 26.20 -37.11
N ILE C 51 -0.38 26.05 -36.86
CA ILE C 51 -0.94 25.94 -35.52
C ILE C 51 -1.78 24.67 -35.45
N ASN C 52 -1.74 24.01 -34.29
CA ASN C 52 -2.45 22.76 -34.06
C ASN C 52 -3.95 23.03 -33.95
N ASP C 53 -4.74 21.97 -33.76
CA ASP C 53 -6.19 22.15 -33.69
C ASP C 53 -6.59 22.83 -32.38
N ARG C 54 -5.88 22.52 -31.30
CA ARG C 54 -6.18 23.11 -29.99
C ARG C 54 -5.52 24.47 -29.80
N GLY C 55 -4.52 24.80 -30.61
CA GLY C 55 -3.83 26.07 -30.51
C GLY C 55 -2.65 26.08 -29.56
N GLY C 56 -2.39 25.00 -28.83
CA GLY C 56 -1.30 24.98 -27.87
C GLY C 56 0.08 24.89 -28.49
N LEU C 57 0.18 24.37 -29.71
CA LEU C 57 1.45 24.17 -30.39
C LEU C 57 1.50 25.01 -31.66
N THR C 58 2.56 25.79 -31.81
CA THR C 58 2.78 26.63 -32.99
C THR C 58 4.16 26.37 -33.55
N PHE C 59 4.29 26.46 -34.86
CA PHE C 59 5.54 26.29 -35.56
C PHE C 59 5.67 27.42 -36.58
N TYR C 60 6.91 27.87 -36.81
CA TYR C 60 7.16 28.93 -37.77
C TYR C 60 8.34 28.60 -38.66
N VAL C 61 8.31 29.13 -39.89
CA VAL C 61 9.47 29.09 -40.75
C VAL C 61 10.52 29.99 -40.13
N ASP C 62 11.79 29.58 -40.21
CA ASP C 62 12.88 30.33 -39.57
C ASP C 62 12.89 31.80 -39.94
N SER C 63 12.52 32.14 -41.17
CA SER C 63 12.58 33.54 -41.60
C SER C 63 11.66 34.46 -40.81
N VAL C 64 10.65 33.93 -40.10
CA VAL C 64 9.72 34.73 -39.31
C VAL C 64 9.67 34.29 -37.85
N LYS C 65 10.53 33.35 -37.46
CA LYS C 65 10.36 32.68 -36.16
C LYS C 65 10.35 33.68 -35.00
N GLY C 66 11.14 34.73 -35.07
CA GLY C 66 11.18 35.72 -34.02
C GLY C 66 10.33 36.95 -34.26
N ARG C 67 9.52 36.97 -35.34
CA ARG C 67 8.74 38.14 -35.72
C ARG C 67 7.24 37.92 -35.76
N PHE C 68 6.77 36.72 -36.14
CA PHE C 68 5.33 36.45 -36.30
C PHE C 68 4.82 35.60 -35.15
N THR C 69 3.58 35.88 -34.76
CA THR C 69 2.84 35.06 -33.79
C THR C 69 1.56 34.57 -34.44
N ILE C 70 1.29 33.27 -34.35
CA ILE C 70 0.08 32.66 -34.92
C ILE C 70 -0.82 32.32 -33.75
N SER C 71 -2.10 32.67 -33.83
CA SER C 71 -3.03 32.45 -32.74
C SER C 71 -4.36 31.97 -33.30
N ARG C 72 -5.08 31.22 -32.48
CA ARG C 72 -6.35 30.61 -32.84
C ARG C 72 -7.36 30.81 -31.72
N ASP C 73 -8.62 31.06 -32.10
CA ASP C 73 -9.70 31.19 -31.12
C ASP C 73 -10.85 30.32 -31.62
N ASN C 74 -11.03 29.18 -30.95
CA ASN C 74 -11.98 28.17 -31.39
C ASN C 74 -13.42 28.52 -31.03
N SER C 75 -13.65 29.54 -30.21
CA SER C 75 -15.00 29.91 -29.82
C SER C 75 -15.62 30.87 -30.82
N LYS C 76 -14.81 31.43 -31.70
CA LYS C 76 -15.21 32.41 -32.70
C LYS C 76 -14.99 31.87 -34.10
N ASN C 77 -14.43 30.65 -34.23
CA ASN C 77 -14.02 30.08 -35.50
C ASN C 77 -13.04 30.99 -36.24
N THR C 78 -12.02 31.51 -35.55
CA THR C 78 -11.05 32.38 -36.24
C THR C 78 -9.60 32.01 -35.99
N LEU C 79 -8.78 32.39 -36.97
CA LEU C 79 -7.34 32.42 -36.90
C LEU C 79 -6.89 33.88 -36.89
N SER C 80 -5.71 34.13 -36.35
CA SER C 80 -5.09 35.44 -36.45
C SER C 80 -3.60 35.27 -36.59
N LEU C 81 -2.98 36.29 -37.19
CA LEU C 81 -1.53 36.34 -37.35
C LEU C 81 -1.06 37.74 -37.01
N GLN C 82 -0.17 37.85 -36.02
CA GLN C 82 0.39 39.12 -35.57
C GLN C 82 1.78 39.20 -36.19
N MET C 83 1.96 40.15 -37.12
CA MET C 83 3.18 40.28 -37.88
C MET C 83 3.92 41.54 -37.44
N HIS C 84 5.06 41.36 -36.77
CA HIS C 84 5.88 42.47 -36.29
C HIS C 84 7.12 42.65 -37.16
N SER C 85 7.70 43.85 -37.10
CA SER C 85 8.97 44.16 -37.78
C SER C 85 8.95 43.76 -39.25
N LEU C 86 7.94 44.23 -39.97
CA LEU C 86 7.85 43.89 -41.39
C LEU C 86 9.03 44.45 -42.17
N ARG C 87 9.49 43.66 -43.14
CA ARG C 87 10.58 43.98 -44.04
C ARG C 87 10.07 43.82 -45.46
N ASP C 88 10.80 44.39 -46.41
CA ASP C 88 10.39 44.37 -47.81
C ASP C 88 10.16 42.93 -48.30
N GLY C 89 10.91 41.97 -47.74
CA GLY C 89 10.76 40.58 -48.17
C GLY C 89 9.46 39.92 -47.73
N ASP C 90 8.65 40.59 -46.90
CA ASP C 90 7.39 40.04 -46.42
C ASP C 90 6.21 40.41 -47.29
N THR C 91 6.40 41.13 -48.39
CA THR C 91 5.28 41.44 -49.27
C THR C 91 4.80 40.16 -49.92
N ALA C 92 3.51 39.88 -49.79
CA ALA C 92 2.98 38.63 -50.33
C ALA C 92 1.47 38.60 -50.15
N VAL C 93 0.84 37.66 -50.84
CA VAL C 93 -0.53 37.28 -50.53
C VAL C 93 -0.45 36.21 -49.44
N TYR C 94 -1.18 36.43 -48.35
CA TYR C 94 -1.21 35.53 -47.21
C TYR C 94 -2.49 34.72 -47.24
N TYR C 95 -2.38 33.42 -47.46
CA TYR C 95 -3.54 32.56 -47.55
C TYR C 95 -3.73 31.83 -46.23
N CYS C 96 -4.98 31.73 -45.84
CA CYS C 96 -5.45 30.96 -44.70
C CYS C 96 -5.73 29.56 -45.22
N ALA C 97 -5.14 28.53 -44.61
CA ALA C 97 -5.39 27.19 -45.09
C ALA C 97 -5.66 26.23 -43.95
N THR C 98 -6.48 25.24 -44.26
CA THR C 98 -6.88 24.19 -43.33
C THR C 98 -6.19 22.90 -43.75
N GLY C 99 -5.49 22.30 -42.80
CA GLY C 99 -4.72 21.09 -42.94
C GLY C 99 -3.36 21.27 -42.31
N GLY C 100 -2.36 20.62 -42.88
CA GLY C 100 -0.97 20.74 -42.48
C GLY C 100 -0.41 19.88 -41.36
N MET C 101 -1.05 19.83 -40.20
CA MET C 101 -0.54 19.06 -39.07
C MET C 101 -1.49 17.89 -38.81
N SER C 102 -1.79 17.55 -37.56
CA SER C 102 -2.65 16.43 -37.19
C SER C 102 -2.84 16.54 -35.68
N SER C 103 -3.71 15.69 -35.14
CA SER C 103 -3.96 15.65 -33.69
C SER C 103 -3.62 14.30 -33.07
N ALA C 104 -2.77 13.49 -33.72
CA ALA C 104 -2.30 12.20 -33.20
C ALA C 104 -3.31 11.06 -33.18
N LEU C 105 -4.58 11.31 -32.84
CA LEU C 105 -5.57 10.24 -32.73
C LEU C 105 -6.46 10.11 -33.97
N GLN C 106 -6.12 10.81 -35.05
CA GLN C 106 -6.83 10.78 -36.32
C GLN C 106 -5.77 10.60 -37.40
N SER C 107 -6.21 10.16 -38.58
CA SER C 107 -5.28 9.98 -39.68
C SER C 107 -4.55 11.28 -39.97
N SER C 108 -3.29 11.16 -40.36
CA SER C 108 -2.47 12.33 -40.61
C SER C 108 -2.86 12.99 -41.92
N LYS C 109 -2.45 14.25 -42.06
CA LYS C 109 -2.63 14.97 -43.32
C LYS C 109 -1.29 15.35 -43.95
N TYR C 110 -0.54 16.29 -43.38
CA TYR C 110 0.67 16.80 -43.99
C TYR C 110 0.38 17.37 -45.38
N TYR C 111 -0.79 17.98 -45.52
CA TYR C 111 -1.21 18.62 -46.76
C TYR C 111 -2.27 19.64 -46.35
N PHE C 112 -2.66 20.51 -47.28
CA PHE C 112 -3.62 21.57 -47.00
C PHE C 112 -4.96 21.26 -47.67
N ASP C 113 -6.02 21.07 -46.87
CA ASP C 113 -7.32 20.67 -47.40
C ASP C 113 -8.13 21.81 -47.98
N PHE C 114 -8.10 22.98 -47.35
CA PHE C 114 -8.93 24.10 -47.78
C PHE C 114 -8.09 25.37 -47.84
N TRP C 115 -8.44 26.25 -48.78
CA TRP C 115 -7.78 27.52 -48.95
C TRP C 115 -8.79 28.66 -49.00
N GLY C 116 -8.37 29.80 -48.47
CA GLY C 116 -9.12 31.04 -48.54
C GLY C 116 -8.74 31.79 -49.80
N GLN C 117 -9.08 33.08 -49.84
CA GLN C 117 -8.79 33.85 -51.05
C GLN C 117 -7.52 34.70 -50.90
N GLY C 118 -7.11 34.97 -49.68
CA GLY C 118 -5.86 35.61 -49.32
C GLY C 118 -5.95 37.10 -49.08
N ALA C 119 -5.15 37.57 -48.14
CA ALA C 119 -5.02 38.99 -47.83
C ALA C 119 -3.76 39.45 -48.57
N LEU C 120 -3.77 40.68 -49.09
CA LEU C 120 -2.56 41.20 -49.74
C LEU C 120 -1.82 42.12 -48.77
N VAL C 121 -0.56 41.78 -48.48
CA VAL C 121 0.29 42.56 -47.60
C VAL C 121 1.40 43.16 -48.43
N THR C 122 1.49 44.50 -48.42
CA THR C 122 2.53 45.23 -49.13
C THR C 122 3.31 45.99 -48.08
N VAL C 123 4.64 45.89 -48.14
CA VAL C 123 5.49 46.55 -47.16
C VAL C 123 6.04 47.82 -47.79
N ALA D 1 14.12 23.99 -50.63
CA ALA D 1 13.20 24.17 -51.76
C ALA D 1 13.33 23.03 -52.75
N LEU D 2 12.28 22.82 -53.53
CA LEU D 2 12.21 21.80 -54.56
C LEU D 2 12.32 22.44 -55.93
N THR D 3 12.84 21.66 -56.88
CA THR D 3 13.00 22.11 -58.27
C THR D 3 11.94 21.49 -59.16
N GLN D 4 11.28 22.33 -59.94
CA GLN D 4 10.24 21.98 -60.88
C GLN D 4 10.59 22.64 -62.21
N PRO D 5 10.12 22.10 -63.33
CA PRO D 5 10.32 22.79 -64.61
C PRO D 5 9.67 24.17 -64.60
N PRO D 6 10.34 25.20 -65.14
CA PRO D 6 9.66 26.51 -65.25
C PRO D 6 8.33 26.46 -65.97
N SER D 7 8.21 25.63 -67.01
CA SER D 7 6.95 25.52 -67.73
C SER D 7 6.95 24.20 -68.49
N VAL D 8 5.74 23.72 -68.77
CA VAL D 8 5.52 22.54 -69.60
C VAL D 8 4.36 22.87 -70.55
N SER D 9 4.19 22.05 -71.59
CA SER D 9 3.06 22.21 -72.50
C SER D 9 2.70 20.86 -73.11
N GLY D 10 1.52 20.79 -73.72
CA GLY D 10 1.13 19.60 -74.45
C GLY D 10 -0.21 19.77 -75.15
N SER D 11 -0.54 18.77 -75.96
CA SER D 11 -1.76 18.77 -76.75
C SER D 11 -3.03 18.68 -75.89
N PRO D 12 -4.15 19.37 -76.29
CA PRO D 12 -5.40 19.30 -75.47
C PRO D 12 -6.13 17.98 -75.65
N GLY D 13 -5.52 16.93 -75.12
CA GLY D 13 -6.05 15.58 -75.22
C GLY D 13 -5.01 14.49 -75.02
N GLN D 14 -3.74 14.85 -74.93
CA GLN D 14 -2.63 13.94 -74.70
C GLN D 14 -2.19 14.15 -73.25
N SER D 15 -1.46 13.19 -72.69
CA SER D 15 -1.02 13.35 -71.31
C SER D 15 0.21 14.25 -71.18
N VAL D 16 0.40 14.78 -69.98
CA VAL D 16 1.58 15.56 -69.62
C VAL D 16 2.07 15.10 -68.25
N THR D 17 3.37 15.29 -68.00
CA THR D 17 3.98 15.00 -66.71
C THR D 17 4.79 16.21 -66.23
N ILE D 18 4.56 16.62 -64.99
CA ILE D 18 5.29 17.70 -64.32
C ILE D 18 6.16 17.07 -63.23
N SER D 19 7.48 17.18 -63.36
CA SER D 19 8.37 16.59 -62.38
C SER D 19 8.60 17.52 -61.18
N CYS D 20 9.07 16.93 -60.09
CA CYS D 20 9.41 17.61 -58.84
C CYS D 20 10.57 16.82 -58.24
N THR D 21 11.69 17.48 -57.91
CA THR D 21 12.81 16.80 -57.28
C THR D 21 13.26 17.53 -56.02
N GLY D 22 13.82 16.75 -55.08
CA GLY D 22 14.33 17.27 -53.82
C GLY D 22 15.54 16.50 -53.36
N THR D 23 15.64 16.26 -52.06
CA THR D 23 16.75 15.52 -51.47
C THR D 23 16.26 14.32 -50.67
N SER D 24 17.23 13.53 -50.20
CA SER D 24 16.95 12.29 -49.49
C SER D 24 16.27 12.51 -48.14
N SER D 25 16.47 13.67 -47.51
CA SER D 25 15.90 13.92 -46.19
C SER D 25 14.47 14.45 -46.19
N ASP D 26 13.90 14.80 -47.35
CA ASP D 26 12.54 15.34 -47.40
C ASP D 26 11.65 14.57 -48.37
N ILE D 27 11.70 14.84 -49.68
CA ILE D 27 10.83 14.13 -50.60
C ILE D 27 11.17 12.65 -50.65
N GLY D 28 12.44 12.30 -50.44
CA GLY D 28 12.89 10.92 -50.41
C GLY D 28 12.71 10.19 -49.10
N SER D 29 12.30 10.89 -48.04
CA SER D 29 12.10 10.29 -46.72
C SER D 29 10.64 10.10 -46.33
N TYR D 30 9.75 10.97 -46.79
CA TYR D 30 8.35 10.95 -46.39
C TYR D 30 7.45 10.82 -47.61
N ASN D 31 6.41 10.00 -47.49
CA ASN D 31 5.42 9.84 -48.57
C ASN D 31 4.30 10.86 -48.41
N TYR D 32 4.72 12.13 -48.35
CA TYR D 32 3.80 13.27 -48.18
C TYR D 32 4.18 14.33 -49.21
N VAL D 33 3.81 14.10 -50.46
CA VAL D 33 4.17 14.99 -51.57
C VAL D 33 2.87 15.37 -52.28
N SER D 34 2.24 16.42 -51.80
CA SER D 34 1.00 16.90 -52.37
C SER D 34 1.27 17.78 -53.58
N TRP D 35 0.22 17.97 -54.40
CA TRP D 35 0.26 18.87 -55.55
C TRP D 35 -0.94 19.79 -55.52
N TYR D 36 -0.71 21.05 -55.93
CA TYR D 36 -1.73 22.08 -55.97
C TYR D 36 -1.81 22.71 -57.35
N GLN D 37 -3.03 23.08 -57.75
CA GLN D 37 -3.34 23.73 -59.02
C GLN D 37 -3.82 25.14 -58.72
N GLN D 38 -3.04 26.14 -59.12
CA GLN D 38 -3.37 27.55 -58.86
C GLN D 38 -3.66 28.27 -60.16
N HIS D 39 -4.91 28.65 -60.37
CA HIS D 39 -5.20 29.42 -61.57
C HIS D 39 -4.78 30.87 -61.29
N PRO D 40 -4.26 31.61 -62.29
CA PRO D 40 -3.86 33.00 -62.00
C PRO D 40 -5.03 33.78 -61.42
N GLY D 41 -4.76 34.53 -60.35
CA GLY D 41 -5.77 35.33 -59.70
C GLY D 41 -6.56 34.60 -58.64
N LYS D 42 -6.36 33.29 -58.49
CA LYS D 42 -7.08 32.45 -57.54
C LYS D 42 -6.11 31.77 -56.56
N ALA D 43 -6.66 31.41 -55.41
CA ALA D 43 -5.92 30.62 -54.43
C ALA D 43 -5.68 29.21 -54.96
N PRO D 44 -4.59 28.55 -54.56
CA PRO D 44 -4.36 27.18 -55.03
C PRO D 44 -5.40 26.20 -54.50
N LYS D 45 -5.72 25.22 -55.35
CA LYS D 45 -6.62 24.12 -55.03
C LYS D 45 -5.80 22.87 -54.75
N LEU D 46 -6.23 22.06 -53.80
CA LEU D 46 -5.54 20.79 -53.56
C LEU D 46 -5.94 19.82 -54.65
N MET D 47 -4.95 19.23 -55.32
CA MET D 47 -5.17 18.25 -56.37
C MET D 47 -4.74 16.85 -55.99
N ILE D 48 -3.57 16.72 -55.36
CA ILE D 48 -3.02 15.44 -54.94
C ILE D 48 -2.52 15.56 -53.50
N TYR D 49 -2.74 14.52 -52.70
CA TYR D 49 -2.23 14.49 -51.34
C TYR D 49 -1.54 13.15 -51.12
N ASP D 50 -0.65 13.12 -50.12
CA ASP D 50 0.19 11.97 -49.85
C ASP D 50 1.04 11.74 -51.10
N VAL D 51 0.79 10.66 -51.86
CA VAL D 51 1.54 10.39 -53.08
C VAL D 51 0.59 10.20 -54.26
N THR D 52 -0.42 9.35 -54.11
CA THR D 52 -1.29 8.95 -55.21
C THR D 52 -2.74 9.35 -54.99
N GLN D 53 -3.13 9.68 -53.76
CA GLN D 53 -4.52 9.93 -53.43
C GLN D 53 -4.93 11.32 -53.90
N ARG D 54 -6.21 11.45 -54.28
CA ARG D 54 -6.77 12.73 -54.68
C ARG D 54 -7.95 13.10 -53.78
N PRO D 55 -8.22 14.40 -53.57
CA PRO D 55 -9.42 14.78 -52.83
C PRO D 55 -10.71 14.42 -53.55
N SER D 56 -11.76 14.19 -52.77
CA SER D 56 -13.08 13.97 -53.36
C SER D 56 -13.46 15.22 -54.13
N GLY D 57 -14.07 15.03 -55.30
CA GLY D 57 -14.45 16.14 -56.15
C GLY D 57 -13.47 16.37 -57.29
N VAL D 58 -12.29 15.74 -57.21
CA VAL D 58 -11.25 15.81 -58.23
C VAL D 58 -11.41 14.61 -59.16
N SER D 59 -11.36 14.89 -60.45
CA SER D 59 -11.53 13.88 -61.48
C SER D 59 -10.29 12.99 -61.52
N ASP D 60 -10.44 11.86 -62.21
CA ASP D 60 -9.39 10.85 -62.28
C ASP D 60 -8.33 11.16 -63.34
N ARG D 61 -8.40 12.36 -63.93
CA ARG D 61 -7.38 12.79 -64.87
C ARG D 61 -6.08 13.22 -64.19
N PHE D 62 -6.11 13.46 -62.88
CA PHE D 62 -4.94 13.89 -62.11
C PHE D 62 -4.47 12.75 -61.23
N SER D 63 -3.20 12.38 -61.37
CA SER D 63 -2.60 11.30 -60.61
C SER D 63 -1.12 11.61 -60.45
N GLY D 64 -0.40 10.79 -59.72
CA GLY D 64 1.02 11.06 -59.55
C GLY D 64 1.70 9.91 -58.85
N SER D 65 3.02 10.04 -58.73
CA SER D 65 3.81 8.97 -58.11
C SER D 65 5.16 9.53 -57.71
N LYS D 66 5.93 8.71 -56.98
CA LYS D 66 7.29 9.07 -56.63
C LYS D 66 8.18 7.83 -56.61
N SER D 67 9.47 8.07 -56.84
CA SER D 67 10.53 7.07 -56.73
C SER D 67 11.80 7.80 -56.33
N GLY D 68 12.52 7.27 -55.34
CA GLY D 68 13.75 7.92 -54.92
C GLY D 68 13.45 9.32 -54.43
N ASN D 69 14.14 10.29 -55.01
CA ASN D 69 13.97 11.70 -54.66
C ASN D 69 13.18 12.45 -55.71
N THR D 70 12.49 11.74 -56.60
CA THR D 70 11.74 12.35 -57.69
C THR D 70 10.27 11.98 -57.59
N ALA D 71 9.40 12.97 -57.71
CA ALA D 71 7.96 12.81 -57.71
C ALA D 71 7.45 13.45 -59.00
N SER D 72 6.28 13.00 -59.46
CA SER D 72 5.71 13.65 -60.63
C SER D 72 4.19 13.61 -60.59
N LEU D 73 3.62 14.63 -61.24
CA LEU D 73 2.19 14.79 -61.44
C LEU D 73 1.89 14.42 -62.89
N THR D 74 0.99 13.47 -63.09
CA THR D 74 0.58 13.03 -64.41
C THR D 74 -0.85 13.50 -64.63
N ILE D 75 -1.08 14.14 -65.77
CA ILE D 75 -2.40 14.59 -66.19
C ILE D 75 -2.68 13.81 -67.47
N SER D 76 -3.84 13.14 -67.52
CA SER D 76 -4.17 12.32 -68.67
C SER D 76 -4.87 13.11 -69.76
N GLY D 77 -6.21 13.15 -69.77
CA GLY D 77 -6.87 13.86 -70.84
C GLY D 77 -6.72 15.35 -70.63
N LEU D 78 -5.59 15.89 -71.06
CA LEU D 78 -5.29 17.30 -70.82
C LEU D 78 -6.40 18.16 -71.41
N GLN D 79 -6.94 19.07 -70.59
CA GLN D 79 -8.03 19.95 -70.99
C GLN D 79 -7.61 21.42 -71.04
N ALA D 80 -8.40 22.21 -71.77
CA ALA D 80 -8.22 23.65 -71.81
C ALA D 80 -8.36 24.25 -70.41
N ASP D 81 -9.20 23.66 -69.57
CA ASP D 81 -9.48 24.16 -68.22
C ASP D 81 -8.36 23.87 -67.24
N ASP D 82 -7.30 23.22 -67.68
CA ASP D 82 -6.15 22.88 -66.84
C ASP D 82 -5.06 23.94 -66.85
N GLU D 83 -5.25 25.06 -67.53
CA GLU D 83 -4.21 26.08 -67.57
C GLU D 83 -4.11 26.77 -66.20
N ALA D 84 -3.05 26.40 -65.48
CA ALA D 84 -2.81 26.84 -64.11
C ALA D 84 -1.33 26.66 -63.83
N ASP D 85 -0.88 27.30 -62.76
CA ASP D 85 0.46 27.08 -62.23
C ASP D 85 0.38 25.94 -61.24
N TYR D 86 1.11 24.86 -61.50
CA TYR D 86 1.10 23.68 -60.66
C TYR D 86 2.29 23.71 -59.73
N TYR D 87 2.04 23.41 -58.46
CA TYR D 87 3.09 23.40 -57.44
C TYR D 87 3.14 22.04 -56.76
N CYS D 88 4.35 21.61 -56.43
CA CYS D 88 4.58 20.44 -55.60
C CYS D 88 5.02 20.96 -54.24
N SER D 89 4.75 20.18 -53.21
CA SER D 89 5.23 20.51 -51.88
C SER D 89 5.61 19.22 -51.21
N ALA D 90 6.36 19.34 -50.11
CA ALA D 90 6.72 18.15 -49.38
C ALA D 90 6.94 18.45 -47.92
N TYR D 91 6.64 17.44 -47.11
CA TYR D 91 6.97 17.48 -45.70
C TYR D 91 8.47 17.28 -45.61
N ALA D 92 9.14 18.11 -44.80
CA ALA D 92 10.59 18.07 -44.69
C ALA D 92 11.07 17.80 -43.26
N GLY D 93 10.26 17.11 -42.46
CA GLY D 93 10.67 16.74 -41.13
C GLY D 93 10.16 17.73 -40.09
N ARG D 94 10.17 17.30 -38.83
CA ARG D 94 9.63 18.12 -37.75
C ARG D 94 10.64 19.19 -37.32
N GLN D 95 10.99 20.05 -38.28
CA GLN D 95 11.90 21.18 -38.09
C GLN D 95 11.51 22.18 -39.16
N THR D 96 11.72 21.79 -40.41
CA THR D 96 11.39 22.58 -41.59
C THR D 96 9.88 22.61 -41.82
N PHE D 97 9.22 21.47 -41.61
CA PHE D 97 7.81 21.23 -41.86
C PHE D 97 7.43 21.22 -43.33
N TYR D 98 7.45 22.35 -44.05
CA TYR D 98 7.06 22.32 -45.44
C TYR D 98 8.03 23.05 -46.34
N ILE D 99 8.22 22.48 -47.53
CA ILE D 99 8.96 23.11 -48.59
C ILE D 99 8.11 23.06 -49.84
N PHE D 100 8.30 24.05 -50.72
CA PHE D 100 7.62 24.13 -52.00
C PHE D 100 8.64 24.38 -53.09
N GLY D 101 8.28 23.95 -54.29
CA GLY D 101 9.03 24.29 -55.48
C GLY D 101 8.40 25.51 -56.12
N GLY D 102 8.98 25.93 -57.23
CA GLY D 102 8.40 27.03 -57.94
C GLY D 102 7.26 26.49 -58.76
N GLY D 103 6.46 27.37 -59.35
CA GLY D 103 5.35 26.89 -60.14
C GLY D 103 5.82 26.47 -61.52
N THR D 104 5.12 25.48 -62.06
CA THR D 104 5.34 25.03 -63.44
C THR D 104 4.19 25.60 -64.24
N ARG D 105 4.50 26.39 -65.26
CA ARG D 105 3.46 26.98 -66.08
C ARG D 105 3.05 25.95 -67.11
N LEU D 106 1.79 25.52 -67.06
CA LEU D 106 1.28 24.52 -68.00
C LEU D 106 0.58 25.30 -69.11
N THR D 107 1.11 25.19 -70.32
CA THR D 107 0.59 25.87 -71.50
C THR D 107 -0.30 24.91 -72.29
N VAL D 108 -1.52 25.36 -72.59
CA VAL D 108 -2.50 24.55 -73.32
C VAL D 108 -2.57 25.08 -74.75
N LEU D 109 -2.23 24.23 -75.72
CA LEU D 109 -2.18 24.65 -77.12
C LEU D 109 -3.57 24.59 -77.74
N ASN E 38 37.55 5.03 -14.23
CA ASN E 38 36.44 5.96 -14.13
C ASN E 38 35.10 5.24 -14.12
N LEU E 39 34.83 4.52 -13.03
CA LEU E 39 33.60 3.76 -12.87
C LEU E 39 32.60 4.56 -12.04
N TRP E 40 31.32 4.33 -12.31
CA TRP E 40 30.21 5.02 -11.68
C TRP E 40 29.26 4.00 -11.08
N VAL E 41 28.55 4.41 -10.02
CA VAL E 41 27.57 3.55 -9.38
C VAL E 41 26.32 3.46 -10.25
N THR E 42 25.90 2.23 -10.57
CA THR E 42 24.67 1.99 -11.29
C THR E 42 23.78 1.16 -10.38
N VAL E 43 22.53 1.58 -10.23
CA VAL E 43 21.58 0.95 -9.33
C VAL E 43 20.67 0.04 -10.15
N TYR E 44 20.51 -1.20 -9.69
CA TYR E 44 19.67 -2.20 -10.34
C TYR E 44 18.57 -2.61 -9.38
N TYR E 45 17.34 -2.69 -9.89
CA TYR E 45 16.18 -3.11 -9.13
C TYR E 45 15.64 -4.37 -9.79
N GLY E 46 15.49 -5.42 -9.00
CA GLY E 46 15.06 -6.72 -9.49
C GLY E 46 16.22 -7.69 -9.48
N VAL E 47 17.24 -7.44 -8.67
CA VAL E 47 18.43 -8.27 -8.56
C VAL E 47 18.09 -9.62 -7.92
N PRO E 48 18.53 -10.78 -8.51
CA PRO E 48 18.20 -12.10 -7.93
C PRO E 48 19.06 -12.45 -6.72
N VAL E 49 18.88 -11.67 -5.65
CA VAL E 49 19.61 -11.82 -4.40
C VAL E 49 18.60 -11.98 -3.27
N TRP E 50 18.92 -12.86 -2.32
CA TRP E 50 18.07 -13.10 -1.17
C TRP E 50 18.92 -13.27 0.08
N LYS E 51 18.26 -13.06 1.22
CA LYS E 51 18.87 -13.23 2.53
C LYS E 51 17.94 -14.07 3.37
N ASP E 52 18.51 -14.80 4.33
CA ASP E 52 17.69 -15.65 5.19
C ASP E 52 16.69 -14.81 5.97
N ALA E 53 15.46 -15.32 6.12
CA ALA E 53 14.43 -14.58 6.83
C ALA E 53 13.42 -15.53 7.45
N GLU E 54 12.73 -15.03 8.47
CA GLU E 54 11.64 -15.72 9.15
C GLU E 54 10.39 -14.90 8.92
N THR E 55 9.40 -15.48 8.24
CA THR E 55 8.17 -14.75 7.94
C THR E 55 6.96 -15.66 8.11
N THR E 56 5.80 -15.08 7.84
CA THR E 56 4.52 -15.76 7.91
C THR E 56 4.20 -16.36 6.55
N LEU E 57 3.89 -17.66 6.52
CA LEU E 57 3.54 -18.35 5.29
C LEU E 57 2.03 -18.56 5.18
N PHE E 58 1.60 -18.68 3.93
CA PHE E 58 0.23 -18.92 3.50
C PHE E 58 -0.06 -20.42 3.46
N CYS E 59 -1.32 -20.76 3.67
CA CYS E 59 -1.82 -22.12 3.53
C CYS E 59 -2.46 -22.35 2.18
N ALA E 60 -2.36 -23.57 1.68
CA ALA E 60 -3.04 -23.89 0.43
C ALA E 60 -3.54 -25.33 0.55
N SER E 61 -4.64 -25.62 -0.14
CA SER E 61 -5.21 -26.96 -0.18
C SER E 61 -5.98 -27.13 -1.49
N ASP E 62 -6.24 -28.38 -1.85
CA ASP E 62 -7.02 -28.66 -3.06
C ASP E 62 -8.45 -28.15 -2.85
N HIS E 71 -15.34 -28.97 7.62
CA HIS E 71 -15.66 -30.26 8.19
C HIS E 71 -14.40 -31.10 8.35
N ASN E 72 -13.28 -30.42 8.61
CA ASN E 72 -11.98 -31.06 8.81
C ASN E 72 -11.21 -30.21 9.80
N VAL E 73 -10.49 -30.88 10.71
CA VAL E 73 -9.76 -30.16 11.76
C VAL E 73 -8.73 -29.21 11.17
N TRP E 74 -7.98 -29.64 10.14
CA TRP E 74 -6.89 -28.80 9.62
C TRP E 74 -7.16 -28.20 8.25
N ALA E 75 -8.07 -28.77 7.46
CA ALA E 75 -8.34 -28.23 6.12
C ALA E 75 -9.38 -27.12 6.27
N THR E 76 -8.96 -26.03 6.90
CA THR E 76 -9.88 -24.98 7.26
C THR E 76 -10.25 -24.11 6.06
N HIS E 77 -11.29 -23.30 6.24
CA HIS E 77 -11.77 -22.40 5.21
C HIS E 77 -10.90 -21.17 5.06
N ALA E 78 -10.03 -20.88 6.03
CA ALA E 78 -9.12 -19.75 5.95
C ALA E 78 -7.93 -19.99 5.04
N CYS E 79 -7.68 -21.26 4.68
CA CYS E 79 -6.59 -21.60 3.73
C CYS E 79 -7.09 -21.25 2.32
N VAL E 80 -6.18 -20.89 1.41
CA VAL E 80 -6.55 -20.59 0.02
C VAL E 80 -6.46 -21.80 -0.91
N PRO E 81 -7.06 -21.75 -2.09
CA PRO E 81 -6.86 -22.84 -3.05
C PRO E 81 -5.41 -22.93 -3.51
N THR E 82 -4.97 -24.16 -3.77
CA THR E 82 -3.64 -24.40 -4.31
C THR E 82 -3.57 -24.03 -5.79
N ASP E 83 -2.34 -23.91 -6.27
CA ASP E 83 -2.07 -23.61 -7.67
C ASP E 83 -2.29 -24.87 -8.49
N PRO E 84 -3.23 -24.87 -9.46
CA PRO E 84 -3.45 -26.08 -10.27
C PRO E 84 -2.20 -26.60 -10.98
N ASN E 85 -1.20 -25.76 -11.24
CA ASN E 85 0.02 -26.16 -11.94
C ASN E 85 1.23 -25.56 -11.23
N PRO E 86 1.59 -26.12 -10.06
CA PRO E 86 2.66 -25.51 -9.23
C PRO E 86 3.96 -25.41 -10.02
N GLN E 87 4.67 -24.31 -9.80
CA GLN E 87 5.93 -24.07 -10.48
C GLN E 87 7.11 -24.46 -9.60
N GLU E 88 8.16 -24.95 -10.25
CA GLU E 88 9.45 -25.24 -9.62
C GLU E 88 10.50 -24.80 -10.62
N ILE E 89 11.41 -23.92 -10.19
CA ILE E 89 12.44 -23.36 -11.05
C ILE E 89 13.81 -23.78 -10.55
N HIS E 90 14.52 -24.59 -11.33
CA HIS E 90 15.83 -25.05 -10.94
C HIS E 90 16.78 -23.86 -10.93
N LEU E 91 17.53 -23.70 -9.85
CA LEU E 91 18.50 -22.59 -9.75
C LEU E 91 19.87 -23.17 -10.12
N GLU E 92 20.17 -23.17 -11.42
CA GLU E 92 21.40 -23.79 -11.89
C GLU E 92 22.60 -23.03 -11.33
N ASN E 93 23.60 -23.79 -10.91
CA ASN E 93 24.85 -23.27 -10.34
C ASN E 93 24.66 -22.57 -9.01
N VAL E 94 23.50 -22.72 -8.37
CA VAL E 94 23.26 -22.16 -7.04
C VAL E 94 23.42 -23.25 -5.99
N THR E 95 24.23 -22.95 -4.98
CA THR E 95 24.46 -23.80 -3.83
C THR E 95 24.06 -22.96 -2.62
N GLU E 96 23.27 -23.53 -1.72
CA GLU E 96 22.79 -22.77 -0.56
C GLU E 96 22.92 -23.65 0.66
N GLU E 97 23.06 -23.04 1.82
CA GLU E 97 23.19 -23.79 3.07
C GLU E 97 21.85 -23.96 3.75
N PHE E 98 21.51 -25.20 4.05
CA PHE E 98 20.26 -25.57 4.70
C PHE E 98 20.58 -26.08 6.10
N ASN E 99 19.65 -25.88 7.02
CA ASN E 99 19.79 -26.42 8.38
C ASN E 99 18.40 -26.78 8.88
N MET E 100 18.06 -28.06 8.82
CA MET E 100 16.70 -28.50 9.16
C MET E 100 16.38 -28.31 10.63
N TRP E 101 17.39 -28.11 11.48
CA TRP E 101 17.18 -28.02 12.92
C TRP E 101 16.91 -26.58 13.38
N LYS E 102 17.06 -25.60 12.48
CA LYS E 102 16.86 -24.18 12.76
C LYS E 102 15.84 -23.61 11.81
N ASN E 103 15.01 -24.46 11.22
CA ASN E 103 14.03 -24.10 10.19
C ASN E 103 12.77 -23.57 10.86
N ASN E 104 12.53 -22.27 10.73
CA ASN E 104 11.38 -21.63 11.38
C ASN E 104 10.06 -22.18 10.86
N MET E 105 10.07 -22.82 9.68
CA MET E 105 8.83 -23.35 9.14
C MET E 105 8.26 -24.44 10.04
N VAL E 106 9.13 -25.13 10.77
CA VAL E 106 8.66 -26.21 11.63
C VAL E 106 7.95 -25.63 12.84
N GLU E 107 8.52 -24.60 13.46
CA GLU E 107 7.87 -23.99 14.61
C GLU E 107 6.57 -23.33 14.20
N GLN E 108 6.57 -22.69 13.03
CA GLN E 108 5.35 -22.06 12.54
C GLN E 108 4.27 -23.11 12.31
N MET E 109 4.63 -24.22 11.66
CA MET E 109 3.66 -25.26 11.38
C MET E 109 3.12 -25.82 12.69
N HIS E 110 4.00 -26.04 13.68
CA HIS E 110 3.57 -26.56 14.97
C HIS E 110 2.51 -25.65 15.58
N THR E 111 2.78 -24.34 15.55
CA THR E 111 1.84 -23.37 16.10
C THR E 111 0.53 -23.40 15.32
N ASP E 112 0.60 -23.46 13.99
CA ASP E 112 -0.62 -23.45 13.19
C ASP E 112 -1.45 -24.71 13.42
N ILE E 113 -0.79 -25.86 13.59
CA ILE E 113 -1.53 -27.10 13.83
C ILE E 113 -2.24 -27.02 15.17
N ILE E 114 -1.57 -26.51 16.20
CA ILE E 114 -2.23 -26.41 17.49
C ILE E 114 -3.39 -25.41 17.41
N SER E 115 -3.17 -24.27 16.76
CA SER E 115 -4.23 -23.27 16.64
C SER E 115 -5.45 -23.83 15.92
N LEU E 116 -5.22 -24.54 14.80
CA LEU E 116 -6.34 -25.11 14.06
C LEU E 116 -7.07 -26.15 14.89
N TRP E 117 -6.30 -26.95 15.64
CA TRP E 117 -6.86 -27.96 16.52
C TRP E 117 -7.82 -27.33 17.52
N ASP E 118 -7.35 -26.28 18.20
CA ASP E 118 -8.16 -25.63 19.21
C ASP E 118 -9.36 -24.93 18.58
N GLN E 119 -9.19 -24.34 17.39
CA GLN E 119 -10.33 -23.67 16.76
C GLN E 119 -11.41 -24.67 16.42
N SER E 120 -10.98 -25.86 15.97
CA SER E 120 -11.93 -26.91 15.62
C SER E 120 -12.67 -27.42 16.85
N LEU E 121 -11.95 -27.61 17.96
CA LEU E 121 -12.59 -28.14 19.16
C LEU E 121 -13.44 -27.13 19.93
N LYS E 122 -13.00 -25.88 20.02
CA LYS E 122 -13.69 -24.81 20.77
C LYS E 122 -15.21 -24.77 20.66
N PRO E 123 -15.83 -24.79 19.47
CA PRO E 123 -17.30 -24.71 19.41
C PRO E 123 -18.04 -25.97 19.81
N CYS E 124 -17.35 -27.07 20.11
CA CYS E 124 -18.06 -28.32 20.37
C CYS E 124 -18.62 -28.37 21.81
N VAL E 125 -19.53 -29.32 22.00
CA VAL E 125 -20.22 -29.51 23.28
C VAL E 125 -19.26 -29.86 24.40
N LYS E 126 -19.40 -29.17 25.52
CA LYS E 126 -18.59 -29.42 26.72
C LYS E 126 -19.23 -30.56 27.49
N LEU E 127 -18.41 -31.36 28.17
CA LEU E 127 -18.90 -32.50 28.96
C LEU E 127 -18.72 -32.31 30.46
N THR E 128 -18.78 -31.08 30.95
CA THR E 128 -18.72 -30.85 32.40
C THR E 128 -19.74 -31.72 33.14
N PRO E 129 -20.99 -31.87 32.69
CA PRO E 129 -21.94 -32.73 33.41
C PRO E 129 -21.50 -34.19 33.54
N LEU E 130 -20.50 -34.64 32.77
CA LEU E 130 -20.06 -36.03 32.86
C LEU E 130 -19.11 -36.30 34.02
N CYS E 131 -18.48 -35.26 34.58
CA CYS E 131 -17.50 -35.49 35.64
C CYS E 131 -18.26 -35.67 36.95
N VAL E 132 -18.80 -36.89 37.09
CA VAL E 132 -19.60 -37.34 38.22
C VAL E 132 -19.05 -38.68 38.68
N THR E 133 -19.43 -39.07 39.89
CA THR E 133 -19.06 -40.40 40.36
C THR E 133 -19.72 -41.45 39.47
N LEU E 134 -18.93 -42.41 39.01
CA LEU E 134 -19.41 -43.51 38.18
C LEU E 134 -19.50 -44.79 38.98
N GLN E 135 -20.50 -45.62 38.68
CA GLN E 135 -20.65 -46.94 39.28
C GLN E 135 -20.32 -47.96 38.19
N CYS E 136 -19.13 -48.57 38.27
CA CYS E 136 -18.61 -49.37 37.16
C CYS E 136 -18.40 -50.82 37.58
N THR E 137 -18.68 -51.73 36.64
CA THR E 137 -18.36 -53.14 36.80
C THR E 137 -17.56 -53.57 35.58
N ASN E 138 -16.91 -54.73 35.67
CA ASN E 138 -16.16 -55.21 34.51
C ASN E 138 -17.13 -55.76 33.48
N VAL E 139 -16.78 -55.59 32.21
CA VAL E 139 -17.54 -56.19 31.12
C VAL E 139 -17.05 -57.62 30.98
N THR E 140 -17.96 -58.58 31.10
CA THR E 140 -17.63 -60.00 31.06
C THR E 140 -18.27 -60.72 29.85
N ASN E 141 -18.91 -59.98 28.94
CA ASN E 141 -19.63 -60.58 27.82
C ASN E 141 -18.71 -60.83 26.61
N ASN E 142 -18.48 -62.11 26.30
CA ASN E 142 -17.65 -62.52 25.16
C ASN E 142 -16.27 -61.86 25.19
N ILE E 143 -15.65 -61.88 26.36
CA ILE E 143 -14.33 -61.26 26.55
C ILE E 143 -13.23 -62.28 26.33
N THR E 144 -12.30 -61.94 25.45
CA THR E 144 -11.13 -62.77 25.24
C THR E 144 -10.14 -62.47 26.36
N ASP E 145 -9.13 -63.35 26.52
CA ASP E 145 -8.19 -63.13 27.60
C ASP E 145 -7.48 -61.80 27.48
N ASP E 146 -7.21 -61.36 26.24
CA ASP E 146 -6.49 -60.12 26.00
C ASP E 146 -7.24 -58.87 26.48
N MET E 147 -8.57 -58.93 26.57
CA MET E 147 -9.40 -57.78 26.95
C MET E 147 -9.96 -57.83 28.37
N ARG E 148 -9.53 -58.76 29.23
CA ARG E 148 -10.11 -58.78 30.56
C ARG E 148 -9.64 -57.56 31.34
N GLY E 149 -10.59 -56.84 31.92
CA GLY E 149 -10.29 -55.66 32.71
C GLY E 149 -10.13 -54.39 31.91
N GLU E 150 -10.17 -54.47 30.57
CA GLU E 150 -9.97 -53.29 29.74
C GLU E 150 -11.21 -52.44 29.56
N LEU E 151 -12.41 -53.02 29.63
CA LEU E 151 -13.65 -52.29 29.46
C LEU E 151 -14.45 -52.35 30.74
N LYS E 152 -15.06 -51.22 31.11
CA LYS E 152 -15.89 -51.11 32.29
C LYS E 152 -17.26 -50.57 31.90
N ASN E 153 -18.31 -51.19 32.42
CA ASN E 153 -19.70 -50.82 32.17
C ASN E 153 -20.09 -49.92 33.33
N CYS E 154 -20.11 -48.60 33.08
CA CYS E 154 -20.31 -47.59 34.11
C CYS E 154 -21.68 -46.96 33.99
N SER E 155 -22.44 -46.99 35.09
CA SER E 155 -23.75 -46.37 35.21
C SER E 155 -23.60 -45.10 36.02
N PHE E 156 -24.38 -44.08 35.65
CA PHE E 156 -24.33 -42.82 36.39
C PHE E 156 -25.60 -41.99 36.19
N ASN E 157 -25.75 -41.02 37.10
CA ASN E 157 -26.83 -40.03 37.11
C ASN E 157 -26.38 -38.80 36.32
N MET E 158 -27.03 -38.53 35.19
CA MET E 158 -26.68 -37.39 34.35
C MET E 158 -27.88 -36.52 34.06
N THR E 159 -27.58 -35.22 33.95
CA THR E 159 -28.57 -34.19 33.67
C THR E 159 -29.26 -34.47 32.34
N THR E 160 -30.57 -34.26 32.29
CA THR E 160 -31.35 -34.41 31.06
C THR E 160 -31.69 -33.03 30.50
N GLU E 161 -32.54 -33.01 29.47
CA GLU E 161 -32.88 -31.76 28.78
C GLU E 161 -33.50 -30.74 29.71
N LEU E 162 -34.31 -31.19 30.66
CA LEU E 162 -34.92 -30.31 31.66
C LEU E 162 -33.95 -30.20 32.81
N ARG E 163 -33.73 -28.96 33.28
CA ARG E 163 -32.70 -28.74 34.30
C ARG E 163 -33.06 -29.32 35.67
N ASP E 164 -34.35 -29.53 35.97
CA ASP E 164 -34.76 -30.08 37.26
C ASP E 164 -34.93 -31.59 37.27
N LYS E 165 -34.56 -32.28 36.20
CA LYS E 165 -34.69 -33.74 36.10
C LYS E 165 -33.34 -34.39 35.80
N LYS E 166 -33.21 -35.64 36.22
CA LYS E 166 -32.02 -36.45 35.99
C LYS E 166 -32.43 -37.73 35.30
N GLN E 167 -31.48 -38.36 34.64
CA GLN E 167 -31.66 -39.66 34.01
C GLN E 167 -30.52 -40.57 34.42
N LYS E 168 -30.81 -41.86 34.52
CA LYS E 168 -29.80 -42.86 34.81
C LYS E 168 -29.40 -43.47 33.48
N VAL E 169 -28.12 -43.35 33.14
CA VAL E 169 -27.57 -43.79 31.86
C VAL E 169 -26.34 -44.63 32.13
N TYR E 170 -25.86 -45.31 31.08
CA TYR E 170 -24.61 -46.03 31.21
C TYR E 170 -23.79 -45.82 29.95
N SER E 171 -22.50 -46.02 30.10
CA SER E 171 -21.55 -45.92 29.01
C SER E 171 -20.41 -46.90 29.30
N LEU E 172 -19.84 -47.47 28.25
CA LEU E 172 -18.67 -48.30 28.44
C LEU E 172 -17.46 -47.38 28.35
N PHE E 173 -16.48 -47.62 29.21
CA PHE E 173 -15.24 -46.86 29.21
C PHE E 173 -14.06 -47.81 29.15
N TYR E 174 -12.96 -47.32 28.61
CA TYR E 174 -11.74 -48.09 28.63
C TYR E 174 -11.12 -47.91 30.01
N ARG E 175 -10.41 -48.93 30.49
CA ARG E 175 -9.77 -48.83 31.80
C ARG E 175 -8.90 -47.58 31.90
N LEU E 176 -8.22 -47.23 30.81
CA LEU E 176 -7.30 -46.10 30.81
C LEU E 176 -8.02 -44.76 30.96
N ASP E 177 -9.33 -44.71 30.76
CA ASP E 177 -10.08 -43.46 30.86
C ASP E 177 -10.66 -43.19 32.25
N VAL E 178 -10.57 -44.13 33.19
CA VAL E 178 -11.15 -43.95 34.52
C VAL E 178 -10.14 -44.28 35.60
N VAL E 179 -10.37 -43.70 36.77
CA VAL E 179 -9.56 -43.87 37.97
C VAL E 179 -10.48 -44.40 39.06
N GLN E 180 -10.09 -45.50 39.70
CA GLN E 180 -10.88 -46.01 40.81
C GLN E 180 -10.60 -45.16 42.03
N ILE E 181 -11.65 -44.81 42.76
CA ILE E 181 -11.54 -43.97 43.95
C ILE E 181 -12.12 -44.70 45.15
N ASN E 182 -11.77 -44.21 46.33
CA ASN E 182 -12.27 -44.73 47.60
C ASN E 182 -11.86 -46.18 47.79
N LYS E 194 -16.13 -50.06 43.35
CA LYS E 194 -16.85 -49.84 42.11
C LYS E 194 -16.94 -48.38 41.69
N GLU E 195 -16.56 -47.46 42.58
CA GLU E 195 -16.66 -46.04 42.26
C GLU E 195 -15.46 -45.58 41.46
N TYR E 196 -15.73 -44.90 40.34
CA TYR E 196 -14.70 -44.37 39.45
C TYR E 196 -14.99 -42.91 39.08
N ARG E 197 -13.92 -42.20 38.74
CA ARG E 197 -14.00 -40.86 38.17
C ARG E 197 -13.21 -40.84 36.87
N LEU E 198 -13.46 -39.86 36.02
CA LEU E 198 -12.65 -39.76 34.80
C LEU E 198 -11.28 -39.21 35.16
N ILE E 199 -10.28 -39.59 34.35
CA ILE E 199 -8.91 -39.14 34.59
C ILE E 199 -8.79 -37.61 34.57
N ASN E 200 -9.64 -36.93 33.80
CA ASN E 200 -9.56 -35.47 33.73
C ASN E 200 -10.25 -34.73 34.87
N CYS E 201 -10.99 -35.42 35.75
CA CYS E 201 -11.76 -34.71 36.76
C CYS E 201 -10.92 -33.88 37.72
N ASN E 202 -9.67 -34.27 38.00
CA ASN E 202 -8.85 -33.51 38.92
C ASN E 202 -7.83 -32.61 38.21
N THR E 203 -7.86 -32.51 36.86
CA THR E 203 -6.90 -31.65 36.17
C THR E 203 -7.52 -30.70 35.16
N SER E 204 -8.56 -31.10 34.43
CA SER E 204 -9.06 -30.24 33.36
C SER E 204 -10.51 -30.55 33.02
N ALA E 205 -11.17 -29.54 32.45
CA ALA E 205 -12.48 -29.73 31.84
C ALA E 205 -12.27 -30.43 30.52
N ILE E 206 -13.20 -31.32 30.15
CA ILE E 206 -13.12 -32.08 28.91
C ILE E 206 -14.23 -31.66 27.96
N THR E 207 -13.86 -31.47 26.70
CA THR E 207 -14.76 -31.09 25.62
C THR E 207 -14.96 -32.25 24.66
N GLN E 208 -16.20 -32.52 24.29
CA GLN E 208 -16.49 -33.59 23.34
C GLN E 208 -16.18 -33.10 21.93
N ALA E 209 -15.47 -33.92 21.15
CA ALA E 209 -15.21 -33.56 19.77
C ALA E 209 -16.51 -33.61 18.98
N CYS E 210 -16.66 -32.69 18.04
CA CYS E 210 -17.85 -32.71 17.21
C CYS E 210 -17.83 -33.95 16.31
N PRO E 211 -18.90 -34.77 16.30
CA PRO E 211 -18.85 -36.01 15.50
C PRO E 211 -18.81 -35.77 14.00
N LYS E 212 -19.14 -34.56 13.56
CA LYS E 212 -19.18 -34.23 12.14
C LYS E 212 -17.86 -33.70 11.60
N VAL E 213 -16.84 -33.50 12.43
CA VAL E 213 -15.58 -32.92 11.99
C VAL E 213 -14.57 -34.04 11.95
N SER E 214 -14.09 -34.32 10.74
CA SER E 214 -13.15 -35.41 10.49
C SER E 214 -11.76 -35.07 11.01
N PHE E 215 -11.07 -36.09 11.51
CA PHE E 215 -9.69 -35.99 11.95
C PHE E 215 -8.71 -36.58 10.94
N GLU E 216 -9.14 -36.87 9.71
CA GLU E 216 -8.23 -37.43 8.72
C GLU E 216 -7.27 -36.35 8.25
N PRO E 217 -5.95 -36.56 8.29
CA PRO E 217 -5.04 -35.50 7.84
C PRO E 217 -5.19 -35.23 6.35
N ILE E 218 -5.28 -33.95 6.02
CA ILE E 218 -5.41 -33.47 4.64
C ILE E 218 -4.14 -32.72 4.30
N PRO E 219 -3.48 -32.98 3.16
CA PRO E 219 -2.21 -32.29 2.90
C PRO E 219 -2.39 -30.79 2.83
N ILE E 220 -1.50 -30.08 3.51
CA ILE E 220 -1.47 -28.62 3.52
C ILE E 220 -0.17 -28.18 2.88
N HIS E 221 -0.26 -27.25 1.93
CA HIS E 221 0.90 -26.73 1.24
C HIS E 221 1.21 -25.37 1.85
N TYR E 222 2.47 -25.09 2.15
CA TYR E 222 2.86 -23.76 2.62
C TYR E 222 3.39 -22.97 1.44
N CYS E 223 2.93 -21.73 1.33
CA CYS E 223 3.23 -20.84 0.21
C CYS E 223 3.87 -19.55 0.71
N ALA E 224 4.88 -19.09 -0.01
CA ALA E 224 5.57 -17.88 0.38
C ALA E 224 4.69 -16.64 0.18
N PRO E 225 4.79 -15.64 1.06
CA PRO E 225 4.15 -14.35 0.76
C PRO E 225 4.96 -13.64 -0.30
N ALA E 226 4.34 -12.65 -0.96
CA ALA E 226 5.06 -11.91 -1.98
C ALA E 226 6.27 -11.24 -1.35
N GLY E 227 7.37 -11.19 -2.11
CA GLY E 227 8.61 -10.63 -1.64
C GLY E 227 9.54 -11.66 -1.02
N PHE E 228 9.04 -12.87 -0.77
CA PHE E 228 9.78 -13.97 -0.17
C PHE E 228 9.76 -15.16 -1.12
N ALA E 229 10.68 -16.09 -0.90
CA ALA E 229 10.75 -17.30 -1.72
C ALA E 229 11.11 -18.49 -0.85
N ILE E 230 10.61 -19.66 -1.25
CA ILE E 230 10.93 -20.93 -0.60
C ILE E 230 11.88 -21.69 -1.52
N LEU E 231 13.03 -22.07 -0.96
CA LEU E 231 14.03 -22.83 -1.68
C LEU E 231 13.90 -24.28 -1.24
N LYS E 232 14.00 -25.19 -2.21
CA LYS E 232 13.92 -26.62 -1.97
C LYS E 232 15.27 -27.25 -2.29
N CYS E 233 15.75 -28.07 -1.38
CA CYS E 233 17.00 -28.82 -1.53
C CYS E 233 16.71 -30.15 -2.19
N LYS E 234 17.28 -30.36 -3.38
CA LYS E 234 17.09 -31.59 -4.14
C LYS E 234 18.33 -32.46 -4.12
N ASP E 235 19.31 -32.15 -3.27
CA ASP E 235 20.54 -32.92 -3.24
C ASP E 235 20.21 -34.27 -2.61
N LYS E 236 20.28 -35.32 -3.42
CA LYS E 236 19.89 -36.64 -2.96
C LYS E 236 20.82 -37.06 -1.84
N LYS E 237 20.25 -37.65 -0.80
CA LYS E 237 21.00 -38.09 0.38
C LYS E 237 21.50 -36.89 1.19
N PHE E 238 20.81 -35.76 1.12
CA PHE E 238 21.12 -34.62 1.97
C PHE E 238 20.81 -34.98 3.42
N ASN E 239 21.74 -34.67 4.33
CA ASN E 239 21.63 -35.07 5.72
C ASN E 239 21.00 -34.02 6.64
N GLY E 240 20.39 -32.98 6.08
CA GLY E 240 19.68 -31.98 6.84
C GLY E 240 20.43 -30.71 7.18
N THR E 241 21.77 -30.71 7.06
CA THR E 241 22.55 -29.53 7.36
C THR E 241 23.60 -29.32 6.28
N GLY E 242 24.18 -28.12 6.26
CA GLY E 242 25.26 -27.83 5.36
C GLY E 242 24.86 -27.44 3.95
N PRO E 243 25.88 -27.22 3.10
CA PRO E 243 25.63 -26.80 1.72
C PRO E 243 24.81 -27.84 0.96
N CYS E 244 23.94 -27.33 0.08
CA CYS E 244 23.10 -28.13 -0.80
C CYS E 244 23.17 -27.62 -2.23
N PRO E 245 23.76 -28.39 -3.16
CA PRO E 245 23.70 -28.00 -4.57
C PRO E 245 22.33 -28.42 -5.09
N SER E 246 22.02 -28.03 -6.33
CA SER E 246 20.78 -28.45 -6.97
C SER E 246 19.59 -27.98 -6.13
N VAL E 247 19.56 -26.67 -5.90
CA VAL E 247 18.50 -25.99 -5.17
C VAL E 247 17.55 -25.37 -6.19
N SER E 248 16.25 -25.49 -5.93
CA SER E 248 15.25 -24.90 -6.80
C SER E 248 14.32 -24.03 -5.98
N THR E 249 13.66 -23.09 -6.66
CA THR E 249 12.72 -22.19 -6.01
C THR E 249 11.31 -22.69 -6.31
N VAL E 250 10.49 -22.79 -5.27
CA VAL E 250 9.10 -23.23 -5.42
C VAL E 250 8.20 -22.16 -4.82
N GLN E 251 7.03 -21.99 -5.44
CA GLN E 251 6.05 -21.06 -4.87
C GLN E 251 5.47 -21.63 -3.59
N CYS E 252 5.24 -22.94 -3.57
CA CYS E 252 4.65 -23.62 -2.43
C CYS E 252 5.36 -24.94 -2.23
N THR E 253 5.27 -25.45 -1.02
CA THR E 253 5.83 -26.76 -0.70
C THR E 253 4.92 -27.86 -1.22
N HIS E 254 5.40 -29.09 -1.17
CA HIS E 254 4.53 -30.19 -1.54
C HIS E 254 3.51 -30.34 -0.43
N GLY E 255 2.46 -31.12 -0.64
CA GLY E 255 1.48 -31.24 0.41
C GLY E 255 2.06 -32.11 1.51
N ILE E 256 1.89 -31.65 2.75
CA ILE E 256 2.33 -32.38 3.92
C ILE E 256 1.09 -32.77 4.70
N LYS E 257 0.90 -34.06 4.90
CA LYS E 257 -0.23 -34.50 5.69
C LYS E 257 0.09 -34.28 7.16
N PRO E 258 -0.74 -33.56 7.93
CA PRO E 258 -0.38 -33.36 9.35
C PRO E 258 -0.68 -34.61 10.17
N VAL E 259 0.09 -35.66 9.91
CA VAL E 259 -0.08 -36.92 10.61
C VAL E 259 0.55 -36.77 11.98
N VAL E 260 -0.21 -37.10 13.01
CA VAL E 260 0.23 -36.99 14.40
C VAL E 260 0.52 -38.40 14.91
N SER E 261 1.79 -38.69 15.15
CA SER E 261 2.17 -39.99 15.65
C SER E 261 3.49 -39.86 16.41
N THR E 262 3.78 -40.88 17.22
CA THR E 262 5.03 -40.96 17.96
C THR E 262 5.75 -42.26 17.63
N GLN E 263 7.09 -42.21 17.70
CA GLN E 263 8.00 -43.33 17.46
C GLN E 263 8.07 -43.76 16.00
N LEU E 264 6.92 -44.08 15.41
CA LEU E 264 6.82 -44.46 14.01
C LEU E 264 6.11 -43.38 13.22
N LEU E 265 6.73 -42.93 12.12
CA LEU E 265 6.17 -41.88 11.28
C LEU E 265 5.39 -42.56 10.17
N LEU E 266 4.13 -42.16 10.01
CA LEU E 266 3.23 -42.78 9.04
C LEU E 266 3.01 -41.86 7.85
N ASN E 267 2.79 -42.48 6.69
CA ASN E 267 2.52 -41.76 5.44
C ASN E 267 3.65 -40.76 5.18
N GLY E 268 3.36 -39.47 5.03
CA GLY E 268 4.41 -38.51 4.76
C GLY E 268 5.13 -38.80 3.44
N SER E 269 6.47 -38.87 3.48
CA SER E 269 7.26 -39.14 2.29
C SER E 269 8.42 -40.08 2.58
N LEU E 270 8.93 -40.69 1.51
CA LEU E 270 10.04 -41.62 1.50
C LEU E 270 11.35 -41.00 1.03
N ALA E 271 12.46 -41.60 1.47
CA ALA E 271 13.78 -41.20 1.00
C ALA E 271 13.89 -41.55 -0.48
N GLU E 272 14.63 -40.74 -1.24
CA GLU E 272 14.69 -40.96 -2.67
C GLU E 272 15.43 -42.24 -3.05
N GLU E 273 16.57 -42.55 -2.39
CA GLU E 273 17.35 -43.73 -2.78
C GLU E 273 17.71 -44.65 -1.64
N GLU E 274 18.15 -44.11 -0.52
CA GLU E 274 18.68 -44.89 0.60
C GLU E 274 18.03 -44.41 1.89
N VAL E 275 18.02 -45.28 2.89
CA VAL E 275 17.53 -44.87 4.19
C VAL E 275 18.45 -43.75 4.67
N MET E 276 17.87 -42.64 5.10
CA MET E 276 18.64 -41.47 5.50
C MET E 276 18.58 -41.30 7.01
N ILE E 277 19.74 -41.08 7.62
CA ILE E 277 19.86 -40.86 9.05
C ILE E 277 20.15 -39.38 9.23
N ARG E 278 19.33 -38.67 10.00
CA ARG E 278 19.53 -37.25 10.23
C ARG E 278 19.47 -36.95 11.72
N SER E 279 20.37 -36.09 12.19
CA SER E 279 20.36 -35.69 13.58
C SER E 279 21.01 -34.33 13.70
N GLU E 280 20.70 -33.63 14.80
CA GLU E 280 21.36 -32.36 15.06
C GLU E 280 22.81 -32.59 15.43
N ASN E 281 23.07 -33.60 16.26
CA ASN E 281 24.41 -33.97 16.70
C ASN E 281 24.35 -35.46 16.97
N ILE E 282 24.86 -36.26 16.02
CA ILE E 282 24.69 -37.71 16.07
C ILE E 282 25.37 -38.32 17.30
N THR E 283 26.43 -37.69 17.80
CA THR E 283 27.13 -38.22 18.97
C THR E 283 26.49 -37.79 20.28
N ASN E 284 25.53 -36.87 20.26
CA ASN E 284 24.89 -36.35 21.46
C ASN E 284 23.70 -37.23 21.83
N ASN E 285 23.75 -37.85 23.02
CA ASN E 285 22.68 -38.75 23.42
C ASN E 285 21.38 -38.02 23.76
N ALA E 286 21.41 -36.70 23.87
CA ALA E 286 20.23 -35.90 24.19
C ALA E 286 19.42 -35.50 22.96
N LYS E 287 19.87 -35.84 21.76
CA LYS E 287 19.21 -35.48 20.51
C LYS E 287 18.52 -36.69 19.90
N ASN E 288 17.45 -36.43 19.16
CA ASN E 288 16.74 -37.48 18.45
C ASN E 288 17.37 -37.70 17.09
N ILE E 289 17.23 -38.94 16.60
CA ILE E 289 17.68 -39.33 15.27
C ILE E 289 16.44 -39.60 14.44
N LEU E 290 16.33 -38.94 13.29
CA LEU E 290 15.20 -39.12 12.39
C LEU E 290 15.68 -40.03 11.26
N VAL E 291 15.03 -41.18 11.13
CA VAL E 291 15.38 -42.17 10.12
C VAL E 291 14.29 -42.12 9.08
N GLN E 292 14.64 -41.79 7.83
CA GLN E 292 13.69 -41.72 6.73
C GLN E 292 13.90 -42.93 5.83
N PHE E 293 12.86 -43.74 5.66
CA PHE E 293 12.98 -44.95 4.87
C PHE E 293 12.93 -44.63 3.39
N ASN E 294 13.57 -45.49 2.59
CA ASN E 294 13.50 -45.37 1.13
C ASN E 294 12.44 -46.29 0.54
N THR E 295 11.78 -47.09 1.36
CA THR E 295 10.69 -47.98 0.98
C THR E 295 9.68 -47.90 2.10
N PRO E 296 8.38 -48.01 1.81
CA PRO E 296 7.41 -48.02 2.90
C PRO E 296 7.37 -49.39 3.56
N VAL E 297 7.00 -49.42 4.83
CA VAL E 297 6.66 -50.66 5.51
C VAL E 297 5.17 -50.59 5.77
N GLN E 298 4.42 -51.56 5.26
CA GLN E 298 2.97 -51.49 5.40
C GLN E 298 2.56 -51.99 6.78
N ILE E 299 1.69 -51.24 7.44
CA ILE E 299 1.16 -51.60 8.75
C ILE E 299 -0.37 -51.60 8.65
N ASN E 300 -0.98 -52.73 9.00
CA ASN E 300 -2.45 -52.89 8.96
C ASN E 300 -2.98 -52.87 10.39
N CYS E 301 -3.65 -51.79 10.77
CA CYS E 301 -4.15 -51.60 12.13
C CYS E 301 -5.67 -51.77 12.13
N THR E 302 -6.19 -52.40 13.19
CA THR E 302 -7.62 -52.60 13.29
C THR E 302 -8.13 -52.51 14.72
N ARG E 303 -9.41 -52.14 14.79
CA ARG E 303 -10.23 -52.12 15.99
C ARG E 303 -11.38 -53.05 15.65
N PRO E 304 -11.22 -54.36 15.91
CA PRO E 304 -12.16 -55.36 15.37
C PRO E 304 -13.56 -55.30 15.94
N ASN E 305 -13.77 -54.64 17.08
CA ASN E 305 -15.07 -54.65 17.72
C ASN E 305 -16.09 -53.76 16.99
N ASN E 306 -17.27 -54.31 16.76
CA ASN E 306 -18.37 -53.61 16.11
C ASN E 306 -19.10 -52.83 17.20
N ASN E 307 -18.83 -51.52 17.25
CA ASN E 307 -19.33 -50.67 18.31
C ASN E 307 -20.66 -50.00 17.98
N THR E 308 -21.37 -49.65 19.04
CA THR E 308 -22.65 -48.94 19.02
C THR E 308 -22.43 -47.59 19.68
N ARG E 309 -23.00 -46.53 19.11
CA ARG E 309 -22.92 -45.19 19.69
C ARG E 309 -24.29 -44.76 20.17
N LYS E 310 -24.38 -44.48 21.47
CA LYS E 310 -25.62 -44.15 22.17
C LYS E 310 -25.65 -42.66 22.47
N SER E 311 -26.55 -41.91 21.80
CA SER E 311 -26.60 -40.47 21.98
C SER E 311 -27.50 -40.16 23.18
N ILE E 312 -26.93 -39.53 24.20
CA ILE E 312 -27.60 -39.19 25.44
C ILE E 312 -27.77 -37.67 25.49
N ARG E 313 -29.00 -37.20 25.60
CA ARG E 313 -29.20 -35.75 25.65
C ARG E 313 -28.72 -35.27 27.01
N ILE E 314 -27.94 -34.19 27.05
CA ILE E 314 -27.42 -33.68 28.31
C ILE E 314 -27.82 -32.24 28.58
N GLY E 315 -28.74 -31.69 27.79
CA GLY E 315 -29.15 -30.31 27.96
C GLY E 315 -29.69 -29.79 26.64
N PRO E 316 -30.32 -28.61 26.64
CA PRO E 316 -30.86 -28.09 25.39
C PRO E 316 -29.75 -27.92 24.35
N GLY E 317 -29.91 -28.61 23.23
CA GLY E 317 -28.97 -28.49 22.14
C GLY E 317 -27.67 -29.25 22.30
N GLN E 318 -27.52 -30.05 23.36
CA GLN E 318 -26.27 -30.76 23.62
C GLN E 318 -26.53 -32.24 23.87
N ALA E 319 -25.57 -33.06 23.44
CA ALA E 319 -25.63 -34.49 23.70
C ALA E 319 -24.23 -35.04 23.88
N PHE E 320 -24.16 -36.09 24.66
CA PHE E 320 -22.96 -36.86 24.93
C PHE E 320 -23.08 -38.15 24.15
N TYR E 321 -22.01 -38.58 23.50
CA TYR E 321 -22.04 -39.84 22.75
C TYR E 321 -21.34 -40.91 23.57
N ALA E 322 -22.14 -41.83 24.10
CA ALA E 322 -21.68 -42.90 24.96
C ALA E 322 -21.34 -44.11 24.11
N THR E 323 -20.46 -44.95 24.64
CA THR E 323 -20.16 -46.21 23.98
C THR E 323 -21.24 -47.19 24.38
N GLY E 324 -21.92 -47.76 23.40
CA GLY E 324 -23.00 -48.69 23.65
C GLY E 324 -22.47 -50.10 23.69
N ASP E 325 -23.38 -51.05 23.57
CA ASP E 325 -22.96 -52.44 23.64
C ASP E 325 -22.12 -52.77 22.41
N ILE E 326 -21.17 -53.68 22.60
CA ILE E 326 -20.37 -54.18 21.49
C ILE E 326 -21.11 -55.36 20.89
N ILE E 327 -21.23 -55.37 19.56
CA ILE E 327 -21.93 -56.43 18.84
C ILE E 327 -20.91 -57.50 18.50
N GLY E 328 -21.17 -58.73 18.96
CA GLY E 328 -20.23 -59.80 18.73
C GLY E 328 -19.14 -59.82 19.78
N ASP E 329 -18.05 -60.52 19.45
CA ASP E 329 -16.98 -60.74 20.40
C ASP E 329 -16.24 -59.42 20.64
N ILE E 330 -15.63 -59.31 21.82
CA ILE E 330 -14.80 -58.17 22.19
C ILE E 330 -13.35 -58.60 22.15
N ARG E 331 -12.60 -58.02 21.23
CA ARG E 331 -11.21 -58.38 20.96
C ARG E 331 -10.34 -57.14 21.10
N GLN E 332 -9.04 -57.36 21.31
CA GLN E 332 -8.10 -56.26 21.45
C GLN E 332 -7.70 -55.71 20.10
N ALA E 333 -7.60 -54.39 20.02
CA ALA E 333 -7.14 -53.73 18.80
C ALA E 333 -5.67 -54.08 18.59
N HIS E 334 -5.27 -54.15 17.32
CA HIS E 334 -3.88 -54.54 17.06
C HIS E 334 -3.45 -54.08 15.68
N CYS E 335 -2.13 -54.09 15.46
CA CYS E 335 -1.54 -53.78 14.17
C CYS E 335 -0.62 -54.90 13.68
N ASN E 336 -0.73 -55.24 12.41
CA ASN E 336 0.08 -56.28 11.78
C ASN E 336 1.12 -55.63 10.87
N VAL E 337 2.38 -55.69 11.28
CA VAL E 337 3.51 -55.16 10.54
C VAL E 337 4.17 -56.31 9.80
N SER E 338 4.37 -56.18 8.49
CA SER E 338 4.97 -57.29 7.75
C SER E 338 6.35 -57.59 8.33
N LYS E 339 6.60 -58.86 8.68
CA LYS E 339 7.85 -59.18 9.36
C LYS E 339 9.06 -59.13 8.43
N ALA E 340 8.94 -59.69 7.22
CA ALA E 340 10.10 -59.69 6.33
C ALA E 340 10.47 -58.28 5.90
N THR E 341 9.45 -57.46 5.63
CA THR E 341 9.71 -56.10 5.18
C THR E 341 10.37 -55.32 6.30
N TRP E 342 9.84 -55.45 7.52
CA TRP E 342 10.40 -54.76 8.67
C TRP E 342 11.86 -55.17 8.88
N ASN E 343 12.13 -56.48 8.83
CA ASN E 343 13.49 -56.95 9.08
C ASN E 343 14.47 -56.42 8.03
N GLU E 344 14.05 -56.36 6.77
CA GLU E 344 14.93 -55.83 5.73
C GLU E 344 15.14 -54.32 5.91
N THR E 345 14.06 -53.61 6.26
CA THR E 345 14.16 -52.17 6.45
C THR E 345 15.08 -51.87 7.63
N LEU E 346 14.94 -52.64 8.70
CA LEU E 346 15.75 -52.40 9.88
C LEU E 346 17.20 -52.69 9.57
N GLY E 347 17.48 -53.74 8.78
CA GLY E 347 18.85 -54.01 8.40
C GLY E 347 19.45 -52.85 7.64
N LYS E 348 18.65 -52.21 6.76
CA LYS E 348 19.13 -51.04 6.05
C LYS E 348 19.43 -49.90 7.02
N VAL E 349 18.59 -49.77 8.05
CA VAL E 349 18.80 -48.74 9.06
C VAL E 349 20.12 -49.00 9.75
N VAL E 350 20.39 -50.26 10.06
CA VAL E 350 21.62 -50.63 10.74
C VAL E 350 22.82 -50.26 9.89
N LYS E 351 22.79 -50.58 8.59
CA LYS E 351 23.92 -50.23 7.74
C LYS E 351 24.18 -48.72 7.75
N GLN E 352 23.11 -47.94 7.75
CA GLN E 352 23.32 -46.49 7.72
C GLN E 352 23.82 -45.99 9.06
N LEU E 353 23.40 -46.63 10.16
CA LEU E 353 23.94 -46.25 11.46
C LEU E 353 25.41 -46.63 11.54
N ARG E 354 25.79 -47.77 10.93
CA ARG E 354 27.18 -48.21 10.93
C ARG E 354 28.05 -47.17 10.28
N LYS E 355 27.52 -46.47 9.27
CA LYS E 355 28.31 -45.42 8.63
C LYS E 355 28.75 -44.33 9.61
N HIS E 356 28.03 -44.13 10.73
CA HIS E 356 28.38 -43.10 11.70
C HIS E 356 29.02 -43.63 12.96
N PHE E 357 28.75 -44.88 13.34
CA PHE E 357 29.25 -45.47 14.58
C PHE E 357 30.32 -46.54 14.40
N GLY E 358 30.58 -47.00 13.20
CA GLY E 358 31.61 -48.01 12.96
C GLY E 358 31.10 -49.35 12.43
N ASN E 359 31.88 -49.91 11.51
CA ASN E 359 31.53 -51.16 10.83
C ASN E 359 31.46 -52.33 11.79
N ASN E 360 32.24 -52.30 12.87
CA ASN E 360 32.29 -53.38 13.86
C ASN E 360 31.59 -53.03 15.17
N THR E 361 30.72 -52.03 15.17
CA THR E 361 29.96 -51.65 16.36
C THR E 361 28.65 -52.43 16.36
N ILE E 362 28.30 -53.00 17.51
CA ILE E 362 27.09 -53.79 17.63
C ILE E 362 25.93 -52.83 17.78
N ILE E 363 24.89 -53.01 16.97
CA ILE E 363 23.71 -52.13 17.02
C ILE E 363 22.53 -52.92 17.55
N ARG E 364 21.94 -52.44 18.65
CA ARG E 364 20.84 -53.13 19.32
C ARG E 364 19.60 -52.25 19.35
N PHE E 365 18.46 -52.84 18.99
CA PHE E 365 17.16 -52.18 19.06
C PHE E 365 16.39 -52.80 20.22
N ALA E 366 16.15 -51.98 21.24
CA ALA E 366 15.48 -52.33 22.48
C ALA E 366 14.14 -51.60 22.50
N ASN E 367 13.26 -52.01 23.42
CA ASN E 367 11.98 -51.33 23.49
C ASN E 367 12.16 -49.99 24.20
N SER E 368 11.07 -49.22 24.25
CA SER E 368 11.09 -47.88 24.79
C SER E 368 11.23 -47.88 26.32
N SER E 369 11.57 -46.71 26.84
CA SER E 369 11.70 -46.46 28.26
C SER E 369 10.30 -46.20 28.81
N GLY E 370 10.19 -46.12 30.15
CA GLY E 370 8.88 -45.88 30.73
C GLY E 370 8.46 -44.42 30.65
N GLY E 371 7.21 -44.17 31.04
CA GLY E 371 6.60 -42.87 30.98
C GLY E 371 5.17 -42.98 30.52
N ASP E 372 4.59 -41.84 30.16
CA ASP E 372 3.20 -41.83 29.69
C ASP E 372 3.10 -42.55 28.35
N LEU E 373 1.89 -43.06 28.06
CA LEU E 373 1.66 -43.82 26.83
C LEU E 373 1.98 -43.02 25.57
N GLU E 374 1.86 -41.70 25.60
CA GLU E 374 2.12 -40.93 24.38
C GLU E 374 3.55 -41.10 23.88
N VAL E 375 4.52 -41.32 24.76
CA VAL E 375 5.92 -41.47 24.35
C VAL E 375 6.43 -42.90 24.48
N THR E 376 5.77 -43.77 25.24
CA THR E 376 6.25 -45.14 25.41
C THR E 376 5.67 -46.09 24.38
N THR E 377 4.55 -45.75 23.77
CA THR E 377 3.89 -46.57 22.76
C THR E 377 3.77 -45.82 21.46
N HIS E 378 3.34 -46.53 20.42
CA HIS E 378 3.06 -45.94 19.13
C HIS E 378 1.70 -45.28 19.25
N SER E 379 1.66 -43.97 19.15
CA SER E 379 0.42 -43.22 19.30
C SER E 379 -0.04 -42.82 17.91
N PHE E 380 -1.29 -43.12 17.58
CA PHE E 380 -1.80 -42.65 16.29
C PHE E 380 -3.31 -42.61 16.29
N ASN E 381 -3.85 -41.84 15.36
CA ASN E 381 -5.28 -41.71 15.14
C ASN E 381 -5.72 -42.55 13.94
N CYS E 382 -6.50 -43.60 14.22
CA CYS E 382 -6.98 -44.57 13.23
C CYS E 382 -8.51 -44.52 13.17
N GLY E 383 -9.03 -43.82 12.15
CA GLY E 383 -10.46 -43.75 11.98
C GLY E 383 -11.19 -42.93 13.01
N GLY E 384 -10.49 -42.07 13.72
CA GLY E 384 -11.06 -41.29 14.80
C GLY E 384 -10.75 -41.84 16.17
N GLU E 385 -10.24 -43.08 16.27
CA GLU E 385 -9.87 -43.65 17.56
C GLU E 385 -8.39 -43.45 17.79
N PHE E 386 -8.00 -43.31 19.06
CA PHE E 386 -6.61 -43.09 19.42
C PHE E 386 -6.00 -44.36 19.98
N PHE E 387 -5.05 -44.91 19.20
CA PHE E 387 -4.36 -46.16 19.47
C PHE E 387 -3.02 -45.90 20.12
N TYR E 388 -2.66 -46.78 21.07
CA TYR E 388 -1.39 -46.80 21.78
C TYR E 388 -0.82 -48.22 21.69
N CYS E 389 -0.04 -48.48 20.64
CA CYS E 389 0.42 -49.83 20.31
C CYS E 389 1.78 -50.14 20.91
N ASN E 390 1.96 -51.39 21.28
CA ASN E 390 3.19 -51.88 21.93
C ASN E 390 4.26 -52.19 20.89
N THR E 391 5.25 -51.31 20.79
CA THR E 391 6.31 -51.39 19.78
C THR E 391 7.47 -52.26 20.24
N SER E 392 7.38 -52.89 21.41
CA SER E 392 8.42 -53.79 21.87
C SER E 392 8.54 -55.01 20.98
N GLY E 393 7.54 -55.31 20.17
CA GLY E 393 7.61 -56.44 19.25
C GLY E 393 8.41 -56.19 18.00
N LEU E 394 8.81 -54.93 17.76
CA LEU E 394 9.60 -54.56 16.59
C LEU E 394 11.04 -54.27 16.95
N PHE E 395 11.27 -53.50 18.00
CA PHE E 395 12.61 -53.10 18.42
C PHE E 395 13.11 -54.10 19.46
N ASN E 396 13.36 -55.31 18.98
CA ASN E 396 13.74 -56.45 19.81
C ASN E 396 14.80 -57.27 19.09
N SER E 397 15.93 -56.67 18.76
CA SER E 397 16.96 -57.43 18.05
C SER E 397 18.32 -56.79 18.21
N THR E 398 19.37 -57.61 18.01
CA THR E 398 20.74 -57.14 18.01
C THR E 398 21.38 -57.54 16.68
N TRP E 399 22.00 -56.56 16.03
CA TRP E 399 22.65 -56.71 14.73
C TRP E 399 24.16 -56.63 14.90
N ILE E 400 24.86 -57.53 14.21
CA ILE E 400 26.31 -57.62 14.22
C ILE E 400 26.74 -57.93 12.79
N ASP E 415 4.73 -63.95 7.96
CA ASP E 415 3.98 -64.31 9.14
C ASP E 415 3.36 -63.08 9.79
N SER E 416 4.13 -61.99 9.79
CA SER E 416 3.82 -60.68 10.35
C SER E 416 4.04 -60.62 11.85
N ILE E 417 4.24 -59.40 12.35
CA ILE E 417 4.41 -59.11 13.77
C ILE E 417 3.13 -58.43 14.22
N THR E 418 2.50 -58.96 15.26
CA THR E 418 1.25 -58.40 15.78
C THR E 418 1.59 -57.55 17.00
N LEU E 419 1.19 -56.28 16.95
CA LEU E 419 1.40 -55.34 18.02
C LEU E 419 0.09 -55.14 18.77
N PRO E 420 -0.02 -55.44 20.06
CA PRO E 420 -1.29 -55.16 20.75
C PRO E 420 -1.43 -53.66 20.92
N CYS E 421 -2.66 -53.19 20.89
CA CYS E 421 -2.93 -51.77 21.02
C CYS E 421 -4.02 -51.48 22.04
N ARG E 422 -3.80 -50.43 22.82
CA ARG E 422 -4.77 -49.93 23.77
C ARG E 422 -5.45 -48.75 23.09
N ILE E 423 -6.69 -48.47 23.46
CA ILE E 423 -7.42 -47.35 22.89
C ILE E 423 -7.90 -46.45 24.01
N LYS E 424 -7.77 -45.13 23.80
CA LYS E 424 -8.25 -44.16 24.78
C LYS E 424 -9.27 -43.22 24.14
N GLN E 425 -10.26 -42.82 24.95
CA GLN E 425 -11.20 -41.78 24.55
C GLN E 425 -10.88 -40.40 25.11
N ILE E 426 -10.16 -40.31 26.23
CA ILE E 426 -9.79 -39.03 26.82
C ILE E 426 -8.37 -38.75 26.40
N ILE E 427 -8.19 -37.72 25.57
CA ILE E 427 -6.91 -37.41 24.94
C ILE E 427 -6.41 -36.06 25.44
N ASN E 428 -5.17 -36.04 25.89
CA ASN E 428 -4.49 -34.80 26.25
C ASN E 428 -3.45 -34.72 25.13
N MET E 429 -3.72 -33.87 24.15
CA MET E 429 -2.86 -33.85 22.97
C MET E 429 -1.61 -33.02 23.24
N TRP E 430 -0.51 -33.46 22.62
CA TRP E 430 0.85 -32.94 22.75
C TRP E 430 1.21 -33.07 24.23
N GLN E 431 1.72 -32.03 24.89
CA GLN E 431 2.09 -32.09 26.30
C GLN E 431 1.33 -31.03 27.11
N ARG E 432 0.17 -30.59 26.62
CA ARG E 432 -0.57 -29.54 27.31
C ARG E 432 -1.43 -30.13 28.41
N ILE E 433 -1.39 -29.47 29.58
CA ILE E 433 -2.17 -29.84 30.75
C ILE E 433 -3.15 -28.70 30.99
N GLY E 434 -4.42 -29.05 31.22
CA GLY E 434 -5.49 -28.09 31.42
C GLY E 434 -6.57 -28.16 30.34
N GLN E 435 -6.29 -28.80 29.22
CA GLN E 435 -7.26 -29.02 28.16
C GLN E 435 -7.35 -30.52 27.93
N ALA E 436 -8.54 -30.99 27.56
CA ALA E 436 -8.74 -32.40 27.26
C ALA E 436 -9.87 -32.53 26.26
N MET E 437 -9.83 -33.60 25.47
CA MET E 437 -10.85 -33.92 24.48
C MET E 437 -11.43 -35.29 24.79
N TYR E 438 -12.74 -35.44 24.58
CA TYR E 438 -13.39 -36.73 24.67
C TYR E 438 -13.64 -37.18 23.23
N ALA E 439 -13.07 -38.31 22.84
CA ALA E 439 -13.26 -38.82 21.49
C ALA E 439 -14.54 -39.62 21.44
N PRO E 440 -15.54 -39.24 20.63
CA PRO E 440 -16.79 -39.99 20.64
C PRO E 440 -16.57 -41.37 20.05
N PRO E 441 -17.40 -42.36 20.41
CA PRO E 441 -17.24 -43.68 19.78
C PRO E 441 -17.48 -43.61 18.29
N ILE E 442 -16.78 -44.50 17.57
CA ILE E 442 -16.96 -44.70 16.14
C ILE E 442 -17.70 -46.02 15.97
N GLN E 443 -18.79 -45.99 15.21
CA GLN E 443 -19.59 -47.19 15.04
C GLN E 443 -18.92 -48.11 14.02
N GLY E 444 -19.25 -49.39 14.12
CA GLY E 444 -18.69 -50.36 13.18
C GLY E 444 -17.33 -50.85 13.63
N VAL E 445 -16.54 -51.26 12.64
CA VAL E 445 -15.22 -51.86 12.83
C VAL E 445 -14.24 -50.98 12.07
N ILE E 446 -13.10 -50.71 12.69
CA ILE E 446 -12.11 -49.78 12.10
C ILE E 446 -10.94 -50.56 11.54
N ARG E 447 -10.58 -50.24 10.30
CA ARG E 447 -9.39 -50.79 9.65
C ARG E 447 -8.65 -49.65 8.98
N CYS E 448 -7.35 -49.55 9.24
CA CYS E 448 -6.46 -48.56 8.66
C CYS E 448 -5.27 -49.27 8.06
N VAL E 449 -4.83 -48.84 6.89
CA VAL E 449 -3.60 -49.34 6.29
C VAL E 449 -2.72 -48.13 6.07
N SER E 450 -1.52 -48.14 6.68
CA SER E 450 -0.62 -47.01 6.61
C SER E 450 0.75 -47.45 6.13
N ASN E 451 1.50 -46.47 5.63
CA ASN E 451 2.90 -46.65 5.26
C ASN E 451 3.76 -46.11 6.39
N ILE E 452 4.66 -46.93 6.91
CA ILE E 452 5.64 -46.46 7.89
C ILE E 452 6.81 -46.00 7.04
N THR E 453 7.14 -44.71 7.14
CA THR E 453 8.14 -44.07 6.31
C THR E 453 9.30 -43.52 7.12
N GLY E 454 9.36 -43.83 8.42
CA GLY E 454 10.46 -43.35 9.23
C GLY E 454 10.29 -43.56 10.71
N LEU E 455 11.39 -43.42 11.44
CA LEU E 455 11.47 -43.65 12.87
C LEU E 455 12.06 -42.44 13.57
N ILE E 456 11.68 -42.26 14.83
CA ILE E 456 12.38 -41.35 15.74
C ILE E 456 13.05 -42.24 16.77
N LEU E 457 14.38 -42.22 16.77
CA LEU E 457 15.18 -43.05 17.65
C LEU E 457 16.00 -42.20 18.60
N THR E 458 16.30 -42.77 19.77
CA THR E 458 17.21 -42.16 20.72
C THR E 458 18.31 -43.19 20.95
N ARG E 459 19.42 -42.73 21.51
CA ARG E 459 20.55 -43.62 21.79
C ARG E 459 20.95 -43.47 23.25
N ASP E 460 21.38 -44.59 23.85
CA ASP E 460 21.86 -44.60 25.22
C ASP E 460 23.33 -44.25 25.28
N THR E 467 31.10 -51.27 23.44
CA THR E 467 31.18 -51.73 22.06
C THR E 467 29.81 -51.94 21.40
N THR E 468 28.73 -51.73 22.16
CA THR E 468 27.37 -51.87 21.65
C THR E 468 26.62 -50.55 21.85
N GLU E 469 26.02 -50.08 20.76
CA GLU E 469 25.19 -48.88 20.77
C GLU E 469 23.74 -49.35 20.75
N THR E 470 22.96 -48.95 21.76
CA THR E 470 21.57 -49.34 21.86
C THR E 470 20.67 -48.18 21.48
N PHE E 471 19.71 -48.46 20.61
CA PHE E 471 18.75 -47.50 20.10
C PHE E 471 17.37 -47.85 20.62
N ARG E 472 16.57 -46.84 20.93
CA ARG E 472 15.22 -47.06 21.43
C ARG E 472 14.24 -46.12 20.77
N PRO E 473 12.96 -46.51 20.67
CA PRO E 473 11.94 -45.57 20.21
C PRO E 473 11.87 -44.35 21.13
N GLY E 474 11.66 -43.19 20.54
CA GLY E 474 11.53 -41.96 21.29
C GLY E 474 10.61 -40.98 20.61
N GLY E 475 10.90 -39.70 20.83
CA GLY E 475 10.05 -38.64 20.30
C GLY E 475 9.04 -38.20 21.34
N GLY E 476 7.97 -37.59 20.84
CA GLY E 476 6.94 -36.98 21.66
C GLY E 476 6.74 -35.51 21.34
N ASP E 477 7.79 -34.84 20.89
CA ASP E 477 7.71 -33.47 20.42
C ASP E 477 7.36 -33.57 18.94
N MET E 478 6.16 -33.11 18.58
CA MET E 478 5.67 -33.26 17.22
C MET E 478 6.48 -32.48 16.21
N ARG E 479 7.29 -31.52 16.65
CA ARG E 479 8.12 -30.76 15.74
C ARG E 479 9.05 -31.68 14.96
N ASP E 480 9.45 -32.79 15.56
CA ASP E 480 10.37 -33.69 14.88
C ASP E 480 9.71 -34.35 13.69
N ASN E 481 8.40 -34.59 13.72
CA ASN E 481 7.79 -35.23 12.56
C ASN E 481 7.76 -34.25 11.43
N TRP E 482 7.55 -32.99 11.78
CA TRP E 482 7.47 -31.95 10.78
C TRP E 482 8.86 -31.60 10.32
N ARG E 483 9.87 -31.79 11.18
CA ARG E 483 11.24 -31.58 10.71
C ARG E 483 11.52 -32.58 9.61
N SER E 484 11.01 -33.80 9.74
CA SER E 484 11.23 -34.77 8.69
C SER E 484 10.61 -34.29 7.39
N GLU E 485 9.34 -33.85 7.44
CA GLU E 485 8.69 -33.43 6.20
C GLU E 485 9.22 -32.13 5.62
N LEU E 486 9.64 -31.20 6.48
CA LEU E 486 10.15 -29.89 6.06
C LEU E 486 11.67 -29.81 5.96
N TYR E 487 12.37 -30.94 6.05
CA TYR E 487 13.84 -30.90 6.09
C TYR E 487 14.44 -30.25 4.84
N LYS E 488 13.72 -30.31 3.72
CA LYS E 488 14.26 -29.83 2.45
C LYS E 488 13.88 -28.39 2.09
N TYR E 489 13.16 -27.65 2.95
CA TYR E 489 12.76 -26.30 2.62
C TYR E 489 13.43 -25.25 3.49
N LYS E 490 13.66 -24.09 2.88
CA LYS E 490 14.19 -22.90 3.52
C LYS E 490 13.39 -21.70 3.03
N VAL E 491 13.16 -20.72 3.91
CA VAL E 491 12.48 -19.48 3.54
C VAL E 491 13.50 -18.36 3.51
N VAL E 492 13.54 -17.62 2.40
CA VAL E 492 14.42 -16.49 2.21
C VAL E 492 13.59 -15.29 1.76
N LYS E 493 14.15 -14.10 1.92
CA LYS E 493 13.52 -12.87 1.47
C LYS E 493 14.34 -12.32 0.31
N ILE E 494 13.66 -11.66 -0.60
CA ILE E 494 14.26 -11.06 -1.79
C ILE E 494 14.67 -9.63 -1.48
N GLU E 495 15.86 -9.25 -1.95
CA GLU E 495 16.40 -7.90 -1.78
C GLU E 495 16.62 -7.34 -3.19
N PRO E 496 15.56 -6.80 -3.81
CA PRO E 496 15.64 -6.42 -5.22
C PRO E 496 16.65 -5.35 -5.57
N LEU E 497 17.11 -4.54 -4.61
CA LEU E 497 18.05 -3.48 -4.90
C LEU E 497 19.48 -3.97 -4.80
N GLY E 498 20.32 -3.44 -5.67
CA GLY E 498 21.75 -3.67 -5.61
C GLY E 498 22.42 -2.62 -6.46
N VAL E 499 23.72 -2.47 -6.25
CA VAL E 499 24.51 -1.48 -6.97
C VAL E 499 25.74 -2.19 -7.53
N ALA E 500 26.28 -1.61 -8.60
CA ALA E 500 27.47 -2.23 -9.23
C ALA E 500 28.21 -1.17 -10.05
N PRO E 501 29.56 -1.21 -10.13
CA PRO E 501 30.31 -0.26 -10.94
C PRO E 501 29.99 -0.48 -12.42
N THR E 502 29.81 0.60 -13.16
CA THR E 502 29.51 0.53 -14.59
C THR E 502 30.20 1.71 -15.21
N ARG E 503 30.45 1.72 -16.51
CA ARG E 503 31.10 2.87 -17.17
C ARG E 503 30.04 3.89 -17.59
N CYS E 504 28.82 3.83 -17.05
CA CYS E 504 27.69 4.70 -17.40
C CYS E 504 27.52 5.85 -16.43
N LYS E 505 27.44 7.10 -16.94
CA LYS E 505 27.34 8.28 -16.04
C LYS E 505 26.04 9.03 -16.34
N ARG E 506 25.25 9.32 -15.30
CA ARG E 506 23.99 10.09 -15.48
C ARG E 506 24.33 11.43 -16.13
N ARG E 507 23.68 11.77 -17.24
CA ARG E 507 24.00 13.03 -17.97
C ARG E 507 23.76 14.22 -17.04
N VAL E 508 24.81 15.01 -16.76
CA VAL E 508 24.64 16.22 -15.94
C VAL E 508 24.32 17.37 -16.88
N VAL E 509 23.18 18.04 -16.68
CA VAL E 509 22.78 19.19 -17.50
C VAL E 509 23.61 20.40 -17.05
N LEU F 9 13.96 -18.73 -18.55
CA LEU F 9 14.15 -18.65 -17.11
C LEU F 9 12.96 -17.97 -16.44
N GLY F 10 12.69 -18.39 -15.21
CA GLY F 10 11.66 -17.82 -14.37
C GLY F 10 12.23 -17.10 -13.17
N PHE F 11 11.38 -16.95 -12.15
CA PHE F 11 11.76 -16.23 -10.93
C PHE F 11 13.02 -16.82 -10.33
N LEU F 12 14.02 -15.96 -10.14
CA LEU F 12 15.34 -16.29 -9.62
C LEU F 12 16.12 -17.28 -10.49
N GLY F 13 15.66 -17.52 -11.73
CA GLY F 13 16.39 -18.45 -12.57
C GLY F 13 17.81 -18.01 -12.85
N ALA F 14 18.04 -16.71 -12.88
CA ALA F 14 19.35 -16.13 -13.15
C ALA F 14 20.19 -16.00 -11.89
N ALA F 15 19.69 -16.45 -10.73
CA ALA F 15 20.41 -16.28 -9.47
C ALA F 15 21.80 -16.89 -9.51
N GLY F 16 21.96 -18.00 -10.24
CA GLY F 16 23.26 -18.63 -10.33
C GLY F 16 24.06 -18.18 -11.53
N SER F 17 23.53 -17.26 -12.32
CA SER F 17 24.21 -16.80 -13.52
C SER F 17 25.11 -15.63 -13.16
N THR F 18 25.95 -15.23 -14.09
CA THR F 18 26.85 -14.12 -13.81
C THR F 18 26.09 -12.80 -13.81
N MET F 19 26.72 -11.77 -13.24
CA MET F 19 26.07 -10.47 -13.14
C MET F 19 25.71 -9.92 -14.51
N GLY F 20 26.53 -10.19 -15.54
CA GLY F 20 26.19 -9.69 -16.86
C GLY F 20 25.23 -10.58 -17.62
N ALA F 21 24.94 -11.76 -17.08
CA ALA F 21 23.96 -12.67 -17.67
C ALA F 21 22.61 -12.36 -17.07
N ALA F 22 22.65 -11.93 -15.80
CA ALA F 22 21.52 -11.42 -15.06
C ALA F 22 21.42 -9.96 -15.48
N SER F 23 20.60 -9.16 -14.82
CA SER F 23 20.39 -7.76 -15.22
C SER F 23 19.74 -7.65 -16.60
N MET F 24 19.03 -8.70 -16.99
CA MET F 24 18.19 -8.83 -18.17
C MET F 24 16.89 -9.51 -17.80
N THR F 25 16.74 -9.96 -16.55
CA THR F 25 15.60 -10.67 -16.00
C THR F 25 15.01 -9.84 -14.86
N LEU F 26 15.34 -8.55 -14.80
CA LEU F 26 14.91 -7.71 -13.69
C LEU F 26 13.40 -7.62 -13.59
N THR F 27 12.69 -7.72 -14.71
CA THR F 27 11.23 -7.63 -14.61
C THR F 27 10.66 -8.93 -14.06
N VAL F 28 11.43 -10.02 -14.14
CA VAL F 28 10.94 -11.31 -13.67
C VAL F 28 10.87 -11.30 -12.16
N GLN F 29 11.92 -10.78 -11.50
CA GLN F 29 11.88 -10.71 -10.05
C GLN F 29 11.02 -9.54 -9.61
N ALA F 30 11.05 -8.43 -10.35
CA ALA F 30 10.29 -7.25 -9.96
C ALA F 30 8.80 -7.54 -9.90
N ARG F 31 8.27 -8.37 -10.82
CA ARG F 31 6.83 -8.63 -10.79
C ARG F 31 6.40 -9.55 -9.66
N ASN F 32 7.34 -10.17 -8.94
CA ASN F 32 7.04 -11.10 -7.86
C ASN F 32 7.19 -10.48 -6.48
N LEU F 33 7.27 -9.16 -6.39
CA LEU F 33 7.38 -8.48 -5.11
C LEU F 33 6.03 -8.07 -4.55
N LEU F 34 5.04 -7.86 -5.43
CA LEU F 34 3.69 -7.47 -5.02
C LEU F 34 2.76 -8.66 -4.89
N SER F 35 2.97 -9.71 -5.68
CA SER F 35 2.08 -10.87 -5.65
C SER F 35 2.77 -12.08 -6.29
N LEU F 57 -12.18 -17.22 12.96
CA LEU F 57 -11.02 -17.42 12.12
C LEU F 57 -10.32 -16.08 11.85
N THR F 58 -10.52 -15.12 12.77
CA THR F 58 -9.93 -13.79 12.65
C THR F 58 -8.41 -13.79 12.84
N VAL F 59 -7.86 -14.80 13.51
CA VAL F 59 -6.40 -14.88 13.65
C VAL F 59 -5.78 -15.18 12.30
N TRP F 60 -6.46 -15.94 11.46
CA TRP F 60 -5.90 -16.29 10.16
C TRP F 60 -5.99 -15.06 9.26
N GLY F 61 -7.04 -14.26 9.49
CA GLY F 61 -7.21 -13.01 8.80
C GLY F 61 -6.06 -12.06 9.09
N ILE F 62 -5.73 -11.90 10.37
CA ILE F 62 -4.65 -11.01 10.76
C ILE F 62 -3.33 -11.53 10.20
N LYS F 63 -3.08 -12.83 10.26
CA LYS F 63 -1.82 -13.34 9.75
C LYS F 63 -1.67 -13.06 8.25
N GLN F 64 -2.74 -13.26 7.48
CA GLN F 64 -2.65 -12.99 6.05
C GLN F 64 -2.51 -11.49 5.76
N LEU F 65 -3.21 -10.68 6.55
CA LEU F 65 -3.10 -9.24 6.36
C LEU F 65 -1.70 -8.77 6.68
N GLN F 66 -1.09 -9.32 7.73
CA GLN F 66 0.27 -8.91 8.06
C GLN F 66 1.22 -9.25 6.93
N ALA F 67 1.04 -10.42 6.32
CA ALA F 67 1.91 -10.78 5.20
C ALA F 67 1.72 -9.84 4.01
N ARG F 68 0.48 -9.44 3.74
CA ARG F 68 0.23 -8.58 2.58
C ARG F 68 0.69 -7.15 2.84
N VAL F 69 0.46 -6.65 4.05
CA VAL F 69 0.86 -5.30 4.39
C VAL F 69 2.38 -5.22 4.38
N LEU F 70 3.06 -6.23 4.92
CA LEU F 70 4.52 -6.22 4.91
C LEU F 70 5.04 -6.18 3.49
N ALA F 71 4.48 -7.01 2.60
CA ALA F 71 4.95 -6.99 1.22
C ALA F 71 4.78 -5.62 0.60
N VAL F 72 3.66 -4.95 0.89
CA VAL F 72 3.41 -3.61 0.35
C VAL F 72 4.40 -2.59 0.92
N GLU F 73 4.62 -2.62 2.24
CA GLU F 73 5.54 -1.66 2.83
C GLU F 73 6.96 -1.85 2.33
N ARG F 74 7.39 -3.11 2.14
CA ARG F 74 8.75 -3.32 1.65
C ARG F 74 8.88 -2.80 0.23
N TYR F 75 7.86 -3.05 -0.59
CA TYR F 75 7.88 -2.55 -1.96
C TYR F 75 7.97 -1.03 -1.98
N LEU F 76 7.15 -0.38 -1.17
CA LEU F 76 7.16 1.08 -1.18
C LEU F 76 8.47 1.65 -0.68
N ARG F 77 9.11 1.03 0.32
CA ARG F 77 10.40 1.57 0.73
C ARG F 77 11.43 1.44 -0.40
N ASP F 78 11.40 0.34 -1.15
CA ASP F 78 12.34 0.25 -2.27
C ASP F 78 12.04 1.30 -3.32
N GLN F 79 10.76 1.54 -3.58
CA GLN F 79 10.41 2.54 -4.59
C GLN F 79 10.76 3.93 -4.10
N GLN F 80 10.63 4.19 -2.80
CA GLN F 80 10.99 5.49 -2.26
C GLN F 80 12.48 5.73 -2.40
N LEU F 81 13.28 4.68 -2.18
CA LEU F 81 14.72 4.85 -2.35
C LEU F 81 15.05 5.14 -3.81
N LEU F 82 14.36 4.47 -4.74
CA LEU F 82 14.62 4.76 -6.15
C LEU F 82 14.19 6.19 -6.48
N GLY F 83 13.10 6.64 -5.88
CA GLY F 83 12.63 8.00 -6.10
C GLY F 83 13.62 9.05 -5.65
N ILE F 84 14.08 8.97 -4.40
CA ILE F 84 14.98 9.98 -3.88
C ILE F 84 16.35 9.93 -4.54
N TRP F 85 16.71 8.81 -5.16
CA TRP F 85 17.96 8.71 -5.92
C TRP F 85 17.81 9.18 -7.36
N GLY F 86 16.61 9.58 -7.78
CA GLY F 86 16.38 10.01 -9.14
C GLY F 86 16.21 8.90 -10.15
N CYS F 87 15.83 7.71 -9.69
CA CYS F 87 15.69 6.52 -10.54
C CYS F 87 14.24 6.06 -10.69
N SER F 88 13.27 6.90 -10.36
CA SER F 88 11.87 6.47 -10.42
C SER F 88 11.49 6.03 -11.83
N GLY F 89 10.81 4.89 -11.90
CA GLY F 89 10.29 4.32 -13.12
C GLY F 89 11.28 3.48 -13.92
N LYS F 90 12.50 3.30 -13.43
CA LYS F 90 13.54 2.54 -14.12
C LYS F 90 13.97 1.34 -13.29
N LEU F 91 14.42 0.31 -14.00
CA LEU F 91 15.02 -0.87 -13.38
C LEU F 91 16.53 -0.76 -13.39
N ILE F 92 17.08 -0.07 -14.39
CA ILE F 92 18.51 0.20 -14.49
C ILE F 92 18.61 1.70 -14.62
N CYS F 93 19.34 2.35 -13.72
CA CYS F 93 19.54 3.78 -13.79
C CYS F 93 20.99 4.08 -13.49
N CYS F 94 21.55 5.03 -14.22
CA CYS F 94 22.93 5.44 -14.06
C CYS F 94 22.94 6.68 -13.17
N THR F 95 24.03 6.85 -12.41
CA THR F 95 24.14 7.97 -11.49
C THR F 95 25.44 8.71 -11.73
N ASN F 96 25.64 9.77 -10.94
CA ASN F 96 26.83 10.61 -10.97
C ASN F 96 27.74 10.39 -9.77
N VAL F 97 27.60 9.27 -9.06
CA VAL F 97 28.44 8.95 -7.92
C VAL F 97 29.60 8.09 -8.43
N PRO F 98 30.86 8.52 -8.29
CA PRO F 98 31.96 7.70 -8.79
C PRO F 98 32.15 6.48 -7.90
N TRP F 99 32.70 5.43 -8.48
CA TRP F 99 32.97 4.23 -7.70
C TRP F 99 34.32 4.40 -7.00
N ASN F 100 34.33 4.10 -5.71
CA ASN F 100 35.53 4.14 -4.89
C ASN F 100 36.22 2.80 -4.93
N SER F 101 37.53 2.80 -5.16
CA SER F 101 38.30 1.57 -5.19
C SER F 101 38.36 0.92 -3.81
N SER F 102 38.05 1.66 -2.76
CA SER F 102 38.02 1.12 -1.41
C SER F 102 36.82 0.22 -1.18
N TRP F 103 35.79 0.32 -2.02
CA TRP F 103 34.61 -0.53 -1.86
C TRP F 103 34.83 -1.90 -2.52
N SER F 104 35.38 -1.92 -3.73
CA SER F 104 35.70 -3.18 -4.40
C SER F 104 36.74 -2.87 -5.47
N ASN F 105 37.97 -3.36 -5.28
CA ASN F 105 39.06 -3.10 -6.23
C ASN F 105 39.11 -4.19 -7.30
N ARG F 106 38.08 -4.18 -8.16
CA ARG F 106 37.96 -5.12 -9.27
C ARG F 106 37.55 -4.37 -10.53
N ASN F 107 37.97 -4.91 -11.67
CA ASN F 107 37.54 -4.38 -12.96
C ASN F 107 36.25 -5.05 -13.42
N LEU F 108 35.63 -4.43 -14.44
CA LEU F 108 34.33 -4.86 -14.94
C LEU F 108 34.34 -6.27 -15.50
N SER F 109 35.45 -6.74 -16.05
CA SER F 109 35.46 -8.09 -16.61
C SER F 109 35.19 -9.14 -15.54
N GLU F 110 35.71 -8.94 -14.34
CA GLU F 110 35.48 -9.93 -13.30
C GLU F 110 34.11 -9.76 -12.68
N ILE F 111 33.72 -8.52 -12.41
CA ILE F 111 32.45 -8.29 -11.72
C ILE F 111 31.28 -8.73 -12.58
N TRP F 112 31.30 -8.37 -13.86
CA TRP F 112 30.17 -8.69 -14.73
C TRP F 112 30.25 -10.03 -15.45
N ASP F 113 31.43 -10.57 -15.76
CA ASP F 113 31.48 -11.84 -16.49
C ASP F 113 31.75 -13.05 -15.60
N ASN F 114 32.37 -12.87 -14.43
CA ASN F 114 32.67 -13.99 -13.54
C ASN F 114 31.77 -14.07 -12.31
N MET F 115 31.51 -12.95 -11.66
CA MET F 115 30.75 -12.92 -10.42
C MET F 115 29.24 -13.01 -10.63
N THR F 116 28.56 -13.56 -9.62
CA THR F 116 27.12 -13.59 -9.54
C THR F 116 26.67 -12.46 -8.61
N TRP F 117 25.36 -12.18 -8.62
CA TRP F 117 24.86 -11.11 -7.77
C TRP F 117 24.90 -11.46 -6.28
N LEU F 118 24.80 -12.74 -5.93
CA LEU F 118 24.86 -13.11 -4.51
C LEU F 118 26.26 -12.84 -3.95
N GLN F 119 27.28 -13.18 -4.73
CA GLN F 119 28.64 -12.98 -4.28
C GLN F 119 28.92 -11.49 -4.19
N TRP F 120 28.40 -10.73 -5.15
CA TRP F 120 28.59 -9.29 -5.14
C TRP F 120 27.94 -8.67 -3.92
N ASP F 121 26.72 -9.11 -3.59
CA ASP F 121 26.02 -8.56 -2.43
C ASP F 121 26.86 -8.82 -1.19
N LYS F 122 27.47 -10.00 -1.11
CA LYS F 122 28.31 -10.28 0.06
C LYS F 122 29.54 -9.38 0.08
N GLU F 123 30.17 -9.19 -1.09
CA GLU F 123 31.42 -8.43 -1.16
C GLU F 123 31.31 -6.96 -0.74
N ILE F 124 30.19 -6.29 -1.04
CA ILE F 124 30.04 -4.87 -0.69
C ILE F 124 28.95 -4.63 0.35
N SER F 125 28.56 -5.65 1.13
CA SER F 125 27.51 -5.43 2.12
C SER F 125 27.87 -4.30 3.08
N ASN F 126 29.13 -4.25 3.51
CA ASN F 126 29.55 -3.28 4.51
C ASN F 126 29.54 -1.86 4.01
N TYR F 127 29.44 -1.64 2.70
CA TYR F 127 29.47 -0.31 2.12
C TYR F 127 28.10 0.09 1.56
N THR F 128 27.07 -0.73 1.77
CA THR F 128 25.78 -0.43 1.15
C THR F 128 25.22 0.91 1.61
N GLN F 129 25.30 1.21 2.90
CA GLN F 129 24.69 2.45 3.35
C GLN F 129 25.52 3.64 2.92
N ILE F 130 26.82 3.44 2.75
CA ILE F 130 27.67 4.55 2.33
C ILE F 130 27.25 4.93 0.91
N ILE F 131 27.09 3.92 0.07
CA ILE F 131 26.74 4.18 -1.31
C ILE F 131 25.37 4.84 -1.35
N TYR F 132 24.43 4.33 -0.54
CA TYR F 132 23.09 4.91 -0.57
C TYR F 132 23.13 6.38 -0.17
N GLY F 133 23.93 6.71 0.85
CA GLY F 133 24.00 8.11 1.24
C GLY F 133 24.52 8.99 0.13
N LEU F 134 25.55 8.52 -0.57
CA LEU F 134 26.10 9.31 -1.65
C LEU F 134 25.10 9.47 -2.78
N LEU F 135 24.32 8.41 -3.03
CA LEU F 135 23.35 8.51 -4.12
C LEU F 135 22.31 9.56 -3.78
N GLU F 136 21.89 9.56 -2.52
CA GLU F 136 20.92 10.54 -2.07
C GLU F 136 21.48 11.93 -2.19
N GLU F 137 22.74 12.10 -1.80
CA GLU F 137 23.33 13.42 -1.83
C GLU F 137 23.48 13.90 -3.26
N SER F 138 23.86 13.01 -4.18
CA SER F 138 24.04 13.52 -5.54
C SER F 138 22.71 13.91 -6.16
N GLN F 139 21.62 13.23 -5.78
CA GLN F 139 20.35 13.64 -6.34
C GLN F 139 19.95 15.00 -5.79
N ASN F 140 20.25 15.23 -4.51
CA ASN F 140 19.89 16.50 -3.92
C ASN F 140 20.59 17.62 -4.64
N GLN F 141 21.84 17.41 -5.02
CA GLN F 141 22.52 18.49 -5.73
C GLN F 141 21.98 18.64 -7.14
N GLN F 142 21.74 17.51 -7.81
CA GLN F 142 21.26 17.56 -9.19
C GLN F 142 19.89 18.20 -9.28
N GLU F 143 19.01 17.85 -8.35
CA GLU F 143 17.66 18.40 -8.40
C GLU F 143 17.71 19.91 -8.21
N LYS F 144 18.54 20.38 -7.29
CA LYS F 144 18.63 21.82 -7.10
C LYS F 144 19.25 22.45 -8.33
N ASN F 145 20.26 21.79 -8.90
CA ASN F 145 20.91 22.33 -10.08
C ASN F 145 19.90 22.47 -11.21
N GLU F 146 19.00 21.49 -11.33
CA GLU F 146 18.00 21.61 -12.38
C GLU F 146 17.07 22.78 -12.10
N GLN F 147 16.70 22.98 -10.84
CA GLN F 147 15.81 24.09 -10.49
C GLN F 147 16.44 25.43 -10.84
N ASP F 148 17.76 25.55 -10.69
CA ASP F 148 18.43 26.81 -10.98
C ASP F 148 18.70 27.04 -12.46
N LEU F 149 18.39 26.09 -13.35
CA LEU F 149 18.54 26.28 -14.79
C LEU F 149 17.25 26.58 -15.52
N LEU F 150 16.15 25.97 -15.06
CA LEU F 150 14.82 26.31 -15.65
C LEU F 150 14.39 27.70 -15.12
N ALA F 151 15.28 28.37 -14.39
CA ALA F 151 14.98 29.71 -13.80
C ALA F 151 15.56 30.80 -14.70
N LEU F 152 16.67 30.52 -15.40
CA LEU F 152 17.26 31.45 -16.34
C LEU F 152 16.18 31.97 -17.29
N ASP F 153 16.39 33.22 -17.74
CA ASP F 153 15.50 33.96 -18.66
C ASP F 153 14.40 34.63 -17.86
N VAL G 2 41.99 -14.22 -35.56
CA VAL G 2 40.60 -14.41 -35.95
C VAL G 2 40.44 -14.10 -37.43
N GLN G 3 39.25 -14.32 -37.99
CA GLN G 3 38.96 -14.00 -39.38
C GLN G 3 37.83 -13.00 -39.54
N LEU G 4 38.03 -12.10 -40.50
CA LEU G 4 37.02 -11.16 -40.98
C LEU G 4 37.16 -11.15 -42.49
N VAL G 5 36.13 -11.61 -43.20
CA VAL G 5 36.17 -11.73 -44.65
C VAL G 5 35.04 -10.91 -45.25
N GLU G 6 35.41 -9.83 -45.92
CA GLU G 6 34.46 -8.96 -46.60
C GLU G 6 34.09 -9.52 -47.96
N THR G 7 32.82 -9.45 -48.30
CA THR G 7 32.33 -9.83 -49.62
C THR G 7 31.38 -8.75 -50.11
N GLY G 8 31.02 -8.83 -51.38
CA GLY G 8 30.10 -7.88 -51.97
C GLY G 8 30.59 -7.47 -53.34
N GLY G 9 29.78 -6.70 -54.07
CA GLY G 9 30.17 -6.31 -55.41
C GLY G 9 31.22 -5.21 -55.38
N GLY G 10 31.89 -5.02 -56.52
CA GLY G 10 32.89 -3.97 -56.64
C GLY G 10 32.68 -2.83 -57.64
N LEU G 11 31.54 -2.74 -58.32
CA LEU G 11 31.37 -1.67 -59.31
C LEU G 11 29.92 -1.29 -59.47
N VAL G 12 29.63 0.01 -59.29
CA VAL G 12 28.32 0.59 -59.54
C VAL G 12 28.57 1.90 -60.31
N GLN G 13 27.48 2.45 -60.97
CA GLN G 13 27.47 3.78 -61.56
C GLN G 13 26.99 4.81 -60.55
N PRO G 14 27.37 6.10 -60.66
CA PRO G 14 26.86 7.10 -59.70
C PRO G 14 25.34 7.10 -59.61
N GLY G 15 24.84 7.20 -58.38
CA GLY G 15 23.42 7.17 -58.10
C GLY G 15 22.87 5.79 -57.76
N GLY G 16 23.66 4.73 -57.96
CA GLY G 16 23.23 3.38 -57.69
C GLY G 16 23.45 3.00 -56.24
N SER G 17 23.21 1.72 -55.94
CA SER G 17 23.32 1.20 -54.58
C SER G 17 24.14 -0.09 -54.59
N LEU G 18 24.83 -0.33 -53.46
CA LEU G 18 25.62 -1.55 -53.29
C LEU G 18 25.57 -2.05 -51.85
N LYS G 19 25.44 -3.36 -51.68
CA LYS G 19 25.45 -3.98 -50.36
C LYS G 19 26.70 -4.81 -50.17
N LEU G 20 27.42 -4.55 -49.08
CA LEU G 20 28.60 -5.27 -48.64
C LEU G 20 28.23 -6.15 -47.46
N SER G 21 28.99 -7.22 -47.24
CA SER G 21 28.78 -8.05 -46.06
C SER G 21 30.13 -8.52 -45.54
N CYS G 22 30.13 -8.94 -44.27
CA CYS G 22 31.34 -9.39 -43.60
C CYS G 22 31.09 -10.60 -42.71
N ARG G 23 31.83 -11.68 -42.95
CA ARG G 23 31.79 -12.89 -42.14
C ARG G 23 32.91 -12.84 -41.10
N ALA G 24 32.56 -13.08 -39.84
CA ALA G 24 33.51 -13.09 -38.74
C ALA G 24 33.60 -14.50 -38.19
N SER G 25 34.79 -14.88 -37.72
CA SER G 25 34.94 -16.16 -37.05
C SER G 25 36.14 -16.14 -36.12
N GLY G 26 36.16 -17.10 -35.20
CA GLY G 26 37.23 -17.29 -34.27
C GLY G 26 37.03 -16.60 -32.92
N TYR G 27 35.90 -15.96 -32.71
CA TYR G 27 35.60 -15.27 -31.46
C TYR G 27 34.09 -15.21 -31.32
N THR G 28 33.61 -14.87 -30.13
CA THR G 28 32.18 -14.73 -29.91
C THR G 28 31.74 -13.43 -30.56
N PHE G 29 30.93 -13.55 -31.62
CA PHE G 29 30.52 -12.41 -32.43
C PHE G 29 29.74 -11.39 -31.61
N SER G 30 28.77 -11.86 -30.83
CA SER G 30 27.89 -11.00 -30.05
C SER G 30 28.58 -10.22 -28.94
N SER G 31 29.85 -10.51 -28.64
CA SER G 31 30.55 -9.79 -27.57
C SER G 31 31.27 -8.52 -28.00
N PHE G 32 31.39 -8.24 -29.30
CA PHE G 32 32.15 -7.08 -29.77
C PHE G 32 31.30 -6.18 -30.64
N ALA G 33 31.50 -4.87 -30.51
CA ALA G 33 30.92 -3.94 -31.45
C ALA G 33 31.79 -3.98 -32.69
N MET G 34 31.24 -3.63 -33.84
CA MET G 34 32.03 -3.64 -35.07
C MET G 34 31.71 -2.41 -35.89
N SER G 35 32.61 -2.12 -36.83
CA SER G 35 32.52 -0.93 -37.65
C SER G 35 33.02 -1.19 -39.06
N TRP G 36 32.72 -0.22 -39.92
CA TRP G 36 33.24 -0.17 -41.28
C TRP G 36 34.09 1.10 -41.38
N VAL G 37 35.27 0.95 -41.97
CA VAL G 37 36.23 2.02 -42.16
C VAL G 37 36.62 2.08 -43.64
N ARG G 38 36.63 3.27 -44.24
CA ARG G 38 37.00 3.39 -45.64
C ARG G 38 38.43 3.88 -45.76
N GLN G 39 39.11 3.41 -46.81
CA GLN G 39 40.41 3.92 -47.23
C GLN G 39 40.32 4.40 -48.68
N ALA G 40 40.58 5.67 -48.90
CA ALA G 40 40.53 6.19 -50.26
C ALA G 40 41.65 5.53 -51.06
N PRO G 41 41.45 5.25 -52.36
CA PRO G 41 42.53 4.61 -53.14
C PRO G 41 43.88 5.29 -53.03
N GLY G 42 43.91 6.62 -52.93
CA GLY G 42 45.14 7.37 -52.84
C GLY G 42 45.46 8.09 -51.54
N LYS G 43 44.70 7.87 -50.45
CA LYS G 43 44.97 8.61 -49.22
C LYS G 43 44.97 7.69 -47.99
N GLY G 44 44.43 8.14 -46.85
CA GLY G 44 44.48 7.41 -45.60
C GLY G 44 43.16 6.81 -45.19
N LEU G 45 43.05 6.49 -43.90
CA LEU G 45 41.87 5.82 -43.38
C LEU G 45 40.85 6.86 -42.90
N GLU G 46 39.58 6.58 -43.12
CA GLU G 46 38.47 7.38 -42.62
C GLU G 46 37.40 6.46 -42.05
N TRP G 47 36.91 6.76 -40.85
CA TRP G 47 35.84 5.99 -40.25
C TRP G 47 34.52 6.37 -40.92
N VAL G 48 33.71 5.38 -41.26
CA VAL G 48 32.42 5.60 -41.88
C VAL G 48 31.24 5.20 -41.00
N SER G 49 31.23 3.98 -40.43
CA SER G 49 30.05 3.62 -39.63
C SER G 49 30.41 2.69 -38.49
N LEU G 50 29.60 2.72 -37.43
CA LEU G 50 29.80 1.91 -36.22
C LEU G 50 28.48 1.33 -35.76
N ILE G 51 28.48 0.03 -35.42
CA ILE G 51 27.29 -0.62 -34.88
C ILE G 51 27.64 -1.32 -33.56
N ASN G 52 26.71 -1.23 -32.61
CA ASN G 52 26.84 -1.83 -31.30
C ASN G 52 26.76 -3.36 -31.40
N ASP G 53 27.29 -4.01 -30.37
CA ASP G 53 27.37 -5.48 -30.37
C ASP G 53 26.00 -6.13 -30.51
N ARG G 54 24.95 -5.49 -29.99
CA ARG G 54 23.60 -6.05 -30.08
C ARG G 54 22.83 -5.57 -31.30
N GLY G 55 23.38 -4.65 -32.09
CA GLY G 55 22.70 -4.18 -33.28
C GLY G 55 21.67 -3.10 -33.06
N GLY G 56 21.44 -2.69 -31.81
CA GLY G 56 20.41 -1.70 -31.54
C GLY G 56 20.80 -0.27 -31.82
N LEU G 57 22.08 0.05 -31.75
CA LEU G 57 22.57 1.42 -31.90
C LEU G 57 23.55 1.49 -33.05
N THR G 58 23.33 2.44 -33.95
CA THR G 58 24.20 2.66 -35.09
C THR G 58 24.61 4.12 -35.12
N PHE G 59 25.82 4.37 -35.59
CA PHE G 59 26.37 5.72 -35.73
C PHE G 59 27.01 5.82 -37.10
N TYR G 60 26.95 7.01 -37.68
CA TYR G 60 27.52 7.23 -39.01
C TYR G 60 28.30 8.53 -39.05
N VAL G 61 29.27 8.58 -39.96
CA VAL G 61 29.92 9.83 -40.30
C VAL G 61 28.91 10.67 -41.06
N ASP G 62 28.89 11.98 -40.80
CA ASP G 62 27.91 12.88 -41.40
C ASP G 62 27.83 12.77 -42.92
N SER G 63 28.96 12.53 -43.59
CA SER G 63 28.95 12.49 -45.05
C SER G 63 28.10 11.36 -45.62
N VAL G 64 27.74 10.35 -44.82
CA VAL G 64 26.92 9.22 -45.27
C VAL G 64 25.68 9.04 -44.40
N LYS G 65 25.42 9.96 -43.46
CA LYS G 65 24.43 9.72 -42.43
C LYS G 65 23.05 9.43 -43.01
N GLY G 66 22.69 10.09 -44.09
CA GLY G 66 21.39 9.88 -44.72
C GLY G 66 21.40 8.89 -45.85
N ARG G 67 22.52 8.23 -46.13
CA ARG G 67 22.65 7.33 -47.28
C ARG G 67 23.00 5.89 -46.95
N PHE G 68 23.78 5.62 -45.90
CA PHE G 68 24.24 4.27 -45.59
C PHE G 68 23.49 3.72 -44.40
N THR G 69 23.23 2.41 -44.45
CA THR G 69 22.64 1.65 -43.34
C THR G 69 23.60 0.55 -42.94
N ILE G 70 23.89 0.45 -41.63
CA ILE G 70 24.76 -0.58 -41.09
C ILE G 70 23.86 -1.57 -40.35
N SER G 71 24.06 -2.86 -40.60
CA SER G 71 23.22 -3.91 -40.03
C SER G 71 24.09 -5.05 -39.53
N ARG G 72 23.56 -5.75 -38.54
CA ARG G 72 24.21 -6.86 -37.87
C ARG G 72 23.22 -7.99 -37.68
N ASP G 73 23.69 -9.22 -37.88
CA ASP G 73 22.88 -10.41 -37.67
C ASP G 73 23.74 -11.36 -36.83
N ASN G 74 23.38 -11.46 -35.54
CA ASN G 74 24.16 -12.24 -34.59
C ASN G 74 23.93 -13.73 -34.73
N SER G 75 22.96 -14.16 -35.54
CA SER G 75 22.70 -15.59 -35.70
C SER G 75 23.54 -16.21 -36.80
N LYS G 76 24.18 -15.38 -37.63
CA LYS G 76 24.99 -15.83 -38.75
C LYS G 76 26.43 -15.39 -38.55
N ASN G 77 26.71 -14.62 -37.49
CA ASN G 77 28.00 -13.97 -37.31
C ASN G 77 28.31 -13.09 -38.50
N THR G 78 27.33 -12.27 -38.96
CA THR G 78 27.59 -11.41 -40.11
C THR G 78 27.21 -9.95 -39.89
N LEU G 79 27.93 -9.11 -40.63
CA LEU G 79 27.64 -7.69 -40.82
C LEU G 79 27.21 -7.43 -42.24
N SER G 80 26.49 -6.34 -42.43
CA SER G 80 26.22 -5.85 -43.78
C SER G 80 26.18 -4.34 -43.76
N LEU G 81 26.48 -3.75 -44.90
CA LEU G 81 26.41 -2.30 -45.11
C LEU G 81 25.69 -2.07 -46.41
N GLN G 82 24.54 -1.41 -46.34
CA GLN G 82 23.74 -1.10 -47.52
C GLN G 82 23.96 0.37 -47.84
N MET G 83 24.60 0.64 -48.98
CA MET G 83 24.94 1.99 -49.39
C MET G 83 24.02 2.41 -50.53
N HIS G 84 23.27 3.47 -50.31
CA HIS G 84 22.37 4.02 -51.31
C HIS G 84 23.00 5.28 -51.85
N SER G 85 22.60 5.65 -53.07
CA SER G 85 23.01 6.90 -53.71
C SER G 85 24.53 7.08 -53.68
N LEU G 86 25.26 6.06 -54.13
CA LEU G 86 26.71 6.14 -54.16
C LEU G 86 27.18 7.22 -55.12
N ARG G 87 28.21 7.95 -54.71
CA ARG G 87 28.82 9.03 -55.47
C ARG G 87 30.25 8.65 -55.80
N ASP G 88 30.87 9.41 -56.72
CA ASP G 88 32.25 9.12 -57.10
C ASP G 88 33.19 9.26 -55.91
N GLY G 89 32.84 10.13 -54.96
CA GLY G 89 33.63 10.34 -53.76
C GLY G 89 33.62 9.17 -52.80
N ASP G 90 32.77 8.17 -53.03
CA ASP G 90 32.67 7.00 -52.17
C ASP G 90 33.53 5.84 -52.64
N THR G 91 34.34 6.01 -53.68
CA THR G 91 35.22 4.92 -54.10
C THR G 91 36.25 4.71 -53.01
N ALA G 92 36.37 3.48 -52.54
CA ALA G 92 37.31 3.20 -51.45
C ALA G 92 37.38 1.71 -51.20
N VAL G 93 38.39 1.31 -50.44
CA VAL G 93 38.41 -0.02 -49.85
C VAL G 93 37.66 0.09 -48.53
N TYR G 94 36.68 -0.77 -48.34
CA TYR G 94 35.83 -0.81 -47.17
C TYR G 94 36.29 -1.97 -46.29
N TYR G 95 36.84 -1.64 -45.13
CA TYR G 95 37.36 -2.65 -44.22
C TYR G 95 36.32 -2.91 -43.14
N CYS G 96 36.18 -4.18 -42.80
CA CYS G 96 35.36 -4.65 -41.70
C CYS G 96 36.29 -4.69 -40.50
N ALA G 97 35.91 -4.06 -39.39
CA ALA G 97 36.77 -4.09 -38.22
C ALA G 97 36.00 -4.36 -36.94
N THR G 98 36.69 -5.03 -36.03
CA THR G 98 36.17 -5.39 -34.72
C THR G 98 36.81 -4.46 -33.70
N GLY G 99 35.95 -3.80 -32.92
CA GLY G 99 36.21 -2.81 -31.91
C GLY G 99 35.42 -1.58 -32.24
N GLY G 100 35.83 -0.46 -31.67
CA GLY G 100 35.18 0.81 -31.90
C GLY G 100 34.15 1.26 -30.89
N MET G 101 33.64 0.39 -30.01
CA MET G 101 32.68 0.91 -29.04
C MET G 101 32.89 0.19 -27.70
N SER G 102 31.83 -0.24 -27.04
CA SER G 102 31.86 -0.87 -25.73
C SER G 102 30.41 -1.29 -25.46
N SER G 103 30.18 -1.97 -24.33
CA SER G 103 28.81 -2.29 -23.95
C SER G 103 28.50 -1.98 -22.50
N ALA G 104 29.08 -0.89 -21.96
CA ALA G 104 28.80 -0.40 -20.60
C ALA G 104 29.25 -1.30 -19.44
N LEU G 105 29.04 -2.61 -19.54
CA LEU G 105 29.36 -3.58 -18.50
C LEU G 105 30.70 -4.25 -18.75
N GLN G 106 31.46 -3.76 -19.71
CA GLN G 106 32.77 -4.29 -20.06
C GLN G 106 33.69 -3.12 -20.32
N SER G 107 34.99 -3.37 -20.23
CA SER G 107 35.97 -2.32 -20.43
C SER G 107 35.80 -1.72 -21.83
N SER G 108 35.97 -0.40 -21.91
CA SER G 108 35.79 0.27 -23.19
C SER G 108 36.97 -0.01 -24.10
N LYS G 109 36.76 0.23 -25.40
CA LYS G 109 37.83 0.10 -26.37
C LYS G 109 38.16 1.44 -27.03
N TYR G 110 37.26 2.00 -27.82
CA TYR G 110 37.53 3.19 -28.62
C TYR G 110 38.75 2.97 -29.51
N TYR G 111 38.90 1.75 -30.00
CA TYR G 111 39.98 1.37 -30.92
C TYR G 111 39.47 0.13 -31.64
N PHE G 112 40.17 -0.27 -32.70
CA PHE G 112 39.76 -1.42 -33.50
C PHE G 112 40.71 -2.61 -33.33
N ASP G 113 40.19 -3.73 -32.82
CA ASP G 113 41.05 -4.88 -32.50
C ASP G 113 41.43 -5.71 -33.72
N PHE G 114 40.48 -5.94 -34.62
CA PHE G 114 40.70 -6.84 -35.76
C PHE G 114 40.26 -6.18 -37.05
N TRP G 115 40.98 -6.49 -38.13
CA TRP G 115 40.66 -5.97 -39.45
C TRP G 115 40.57 -7.12 -40.45
N GLY G 116 39.66 -6.96 -41.41
CA GLY G 116 39.53 -7.86 -42.53
C GLY G 116 40.45 -7.39 -43.62
N GLN G 117 40.25 -7.90 -44.85
CA GLN G 117 41.17 -7.52 -45.92
C GLN G 117 40.60 -6.41 -46.78
N GLY G 118 39.29 -6.23 -46.79
CA GLY G 118 38.62 -5.12 -47.44
C GLY G 118 38.02 -5.36 -48.79
N ALA G 119 36.80 -4.86 -49.02
CA ALA G 119 36.17 -4.94 -50.32
C ALA G 119 36.49 -3.64 -51.03
N LEU G 120 36.77 -3.68 -52.33
CA LEU G 120 37.02 -2.45 -53.07
C LEU G 120 35.75 -2.10 -53.81
N VAL G 121 35.23 -0.90 -53.56
CA VAL G 121 34.01 -0.43 -54.20
C VAL G 121 34.39 0.77 -55.05
N THR G 122 34.12 0.68 -56.34
CA THR G 122 34.34 1.74 -57.31
C THR G 122 33.00 2.22 -57.82
N VAL G 123 32.82 3.55 -57.84
CA VAL G 123 31.57 4.13 -58.31
C VAL G 123 31.82 4.69 -59.71
N ALA H 1 40.20 16.04 -39.31
CA ALA H 1 41.40 15.23 -39.50
C ALA H 1 42.54 15.71 -38.60
N LEU H 2 43.44 14.80 -38.26
CA LEU H 2 44.64 15.13 -37.50
C LEU H 2 45.79 15.46 -38.44
N THR H 3 46.68 16.34 -37.98
CA THR H 3 47.86 16.69 -38.75
C THR H 3 48.93 15.67 -38.37
N GLN H 4 49.55 15.08 -39.38
CA GLN H 4 50.55 14.04 -39.18
C GLN H 4 51.58 14.19 -40.30
N PRO H 5 52.89 14.07 -40.00
CA PRO H 5 53.89 14.22 -41.08
C PRO H 5 53.67 13.24 -42.20
N PRO H 6 53.91 13.62 -43.46
CA PRO H 6 53.76 12.65 -44.56
C PRO H 6 54.82 11.57 -44.55
N SER H 7 55.98 11.79 -43.94
CA SER H 7 57.01 10.75 -43.89
C SER H 7 58.01 11.06 -42.80
N VAL H 8 58.63 9.98 -42.30
CA VAL H 8 59.75 10.03 -41.37
C VAL H 8 60.77 9.01 -41.89
N SER H 9 61.99 9.08 -41.37
CA SER H 9 62.99 8.10 -41.77
C SER H 9 64.06 7.91 -40.70
N GLY H 10 64.79 6.81 -40.87
CA GLY H 10 65.95 6.53 -40.04
C GLY H 10 66.54 5.19 -40.45
N SER H 11 67.79 4.97 -40.02
CA SER H 11 68.49 3.75 -40.33
C SER H 11 68.11 2.61 -39.38
N PRO H 12 68.30 1.35 -39.78
CA PRO H 12 68.04 0.24 -38.85
C PRO H 12 68.85 0.39 -37.57
N GLY H 13 68.21 0.12 -36.44
CA GLY H 13 68.84 0.24 -35.15
C GLY H 13 68.66 1.59 -34.49
N GLN H 14 68.21 2.59 -35.23
CA GLN H 14 67.97 3.93 -34.72
C GLN H 14 66.50 4.03 -34.34
N SER H 15 66.21 4.81 -33.30
CA SER H 15 64.81 5.00 -32.96
C SER H 15 64.21 6.10 -33.84
N VAL H 16 62.89 6.05 -33.98
CA VAL H 16 62.15 7.09 -34.69
C VAL H 16 60.92 7.44 -33.87
N THR H 17 60.42 8.66 -34.06
CA THR H 17 59.19 9.11 -33.44
C THR H 17 58.28 9.70 -34.52
N ILE H 18 57.02 9.27 -34.53
CA ILE H 18 56.00 9.79 -35.44
C ILE H 18 55.00 10.51 -34.56
N SER H 19 54.76 11.80 -34.82
CA SER H 19 53.80 12.55 -34.01
C SER H 19 52.57 12.93 -34.85
N CYS H 20 51.45 13.10 -34.15
CA CYS H 20 50.20 13.59 -34.70
C CYS H 20 49.68 14.67 -33.77
N THR H 21 49.07 15.71 -34.32
CA THR H 21 48.45 16.76 -33.50
C THR H 21 47.00 16.98 -33.93
N GLY H 22 46.21 17.41 -32.95
CA GLY H 22 44.81 17.75 -33.11
C GLY H 22 44.45 18.94 -32.25
N THR H 23 43.28 18.91 -31.61
CA THR H 23 42.82 19.99 -30.76
C THR H 23 42.44 19.42 -29.39
N SER H 24 41.92 20.28 -28.52
CA SER H 24 41.57 19.83 -27.17
C SER H 24 40.29 19.00 -27.16
N SER H 25 39.38 19.25 -28.11
CA SER H 25 38.11 18.52 -28.10
C SER H 25 38.25 17.05 -28.49
N ASP H 26 39.36 16.65 -29.10
CA ASP H 26 39.54 15.26 -29.53
C ASP H 26 40.78 14.58 -28.93
N ILE H 27 41.98 14.86 -29.45
CA ILE H 27 43.16 14.13 -29.01
C ILE H 27 43.55 14.53 -27.59
N GLY H 28 43.35 15.79 -27.23
CA GLY H 28 43.64 16.29 -25.90
C GLY H 28 42.81 15.78 -24.74
N SER H 29 41.50 16.01 -24.82
CA SER H 29 40.58 15.63 -23.75
C SER H 29 40.45 14.13 -23.56
N TYR H 30 40.45 13.34 -24.63
CA TYR H 30 40.24 11.91 -24.55
C TYR H 30 41.53 11.13 -24.67
N ASN H 31 41.76 10.21 -23.74
CA ASN H 31 42.94 9.35 -23.75
C ASN H 31 42.68 8.07 -24.53
N TYR H 32 42.22 8.20 -25.78
CA TYR H 32 41.91 7.07 -26.65
C TYR H 32 42.54 7.39 -28.01
N VAL H 33 43.86 7.25 -28.09
CA VAL H 33 44.61 7.63 -29.29
C VAL H 33 45.40 6.40 -29.72
N SER H 34 44.77 5.56 -30.54
CA SER H 34 45.40 4.35 -31.01
C SER H 34 46.28 4.64 -32.24
N TRP H 35 47.18 3.70 -32.53
CA TRP H 35 48.04 3.74 -33.71
C TRP H 35 47.91 2.45 -34.49
N TYR H 36 47.92 2.57 -35.82
CA TYR H 36 47.83 1.45 -36.73
C TYR H 36 49.01 1.41 -37.71
N GLN H 37 49.42 0.19 -38.05
CA GLN H 37 50.50 -0.08 -38.99
C GLN H 37 49.94 -0.80 -40.20
N GLN H 38 49.99 -0.16 -41.38
CA GLN H 38 49.44 -0.72 -42.61
C GLN H 38 50.51 -1.01 -43.65
N HIS H 39 50.76 -2.29 -43.92
CA HIS H 39 51.71 -2.65 -44.97
C HIS H 39 50.99 -2.57 -46.33
N PRO H 40 51.69 -2.21 -47.42
CA PRO H 40 51.01 -2.13 -48.71
C PRO H 40 50.32 -3.44 -49.06
N GLY H 41 49.09 -3.33 -49.54
CA GLY H 41 48.30 -4.48 -49.93
C GLY H 41 47.55 -5.11 -48.78
N LYS H 42 47.75 -4.64 -47.55
CA LYS H 42 47.13 -5.15 -46.35
C LYS H 42 46.33 -4.11 -45.60
N ALA H 43 45.37 -4.62 -44.84
CA ALA H 43 44.59 -3.82 -43.92
C ALA H 43 45.48 -3.38 -42.78
N PRO H 44 45.18 -2.24 -42.15
CA PRO H 44 46.01 -1.81 -41.02
C PRO H 44 45.89 -2.78 -39.86
N LYS H 45 47.00 -2.95 -39.16
CA LYS H 45 47.09 -3.77 -37.97
C LYS H 45 47.13 -2.84 -36.77
N LEU H 46 46.49 -3.24 -35.67
CA LEU H 46 46.56 -2.44 -34.46
C LEU H 46 47.90 -2.62 -33.77
N MET H 47 48.57 -1.50 -33.50
CA MET H 47 49.86 -1.46 -32.84
C MET H 47 49.78 -0.89 -31.44
N ILE H 48 49.08 0.23 -31.26
CA ILE H 48 48.94 0.89 -29.96
C ILE H 48 47.47 1.21 -29.73
N TYR H 49 47.00 1.05 -28.50
CA TYR H 49 45.64 1.41 -28.15
C TYR H 49 45.64 2.23 -26.87
N ASP H 50 44.55 2.96 -26.68
CA ASP H 50 44.40 3.91 -25.58
C ASP H 50 45.50 4.95 -25.79
N VAL H 51 46.52 4.98 -24.93
CA VAL H 51 47.62 5.93 -25.08
C VAL H 51 48.95 5.15 -25.11
N THR H 52 49.18 4.23 -24.14
CA THR H 52 50.48 3.54 -24.01
C THR H 52 50.36 2.04 -24.23
N GLN H 53 49.16 1.48 -24.18
CA GLN H 53 48.99 0.04 -24.21
C GLN H 53 49.19 -0.50 -25.61
N ARG H 54 49.69 -1.74 -25.69
CA ARG H 54 49.84 -2.44 -26.96
C ARG H 54 49.02 -3.73 -26.93
N PRO H 55 48.52 -4.19 -28.09
CA PRO H 55 47.86 -5.50 -28.12
C PRO H 55 48.82 -6.64 -27.85
N SER H 56 48.28 -7.74 -27.35
CA SER H 56 49.11 -8.93 -27.20
C SER H 56 49.59 -9.32 -28.60
N GLY H 57 50.85 -9.74 -28.68
CA GLY H 57 51.46 -10.10 -29.94
C GLY H 57 52.35 -9.01 -30.49
N VAL H 58 52.26 -7.80 -29.94
CA VAL H 58 53.08 -6.66 -30.31
C VAL H 58 54.21 -6.55 -29.30
N SER H 59 55.42 -6.42 -29.81
CA SER H 59 56.65 -6.36 -29.03
C SER H 59 56.84 -4.98 -28.38
N ASP H 60 57.77 -4.92 -27.44
CA ASP H 60 58.05 -3.64 -26.73
C ASP H 60 58.61 -2.63 -27.74
N ARG H 61 59.16 -3.11 -28.85
CA ARG H 61 59.75 -2.20 -29.83
C ARG H 61 58.88 -0.97 -30.08
N PHE H 62 57.56 -1.12 -29.99
CA PHE H 62 56.61 -0.05 -30.26
C PHE H 62 56.04 0.43 -28.94
N SER H 63 56.02 1.75 -28.75
CA SER H 63 55.46 2.37 -27.56
C SER H 63 54.93 3.74 -27.95
N GLY H 64 54.29 4.44 -27.02
CA GLY H 64 53.78 5.76 -27.37
C GLY H 64 53.36 6.54 -26.14
N SER H 65 53.03 7.79 -26.38
CA SER H 65 52.65 8.71 -25.31
C SER H 65 51.94 9.91 -25.90
N LYS H 66 51.40 10.75 -25.02
CA LYS H 66 50.79 12.01 -25.44
C LYS H 66 51.09 13.10 -24.43
N SER H 67 51.10 14.34 -24.91
CA SER H 67 51.25 15.52 -24.08
C SER H 67 50.46 16.64 -24.74
N GLY H 68 49.62 17.31 -23.96
CA GLY H 68 48.80 18.37 -24.53
C GLY H 68 47.90 17.78 -25.59
N ASN H 69 47.96 18.36 -26.79
CA ASN H 69 47.17 17.92 -27.93
C ASN H 69 48.03 17.17 -28.94
N THR H 70 49.22 16.72 -28.55
CA THR H 70 50.14 16.00 -29.43
C THR H 70 50.34 14.58 -28.92
N ALA H 71 50.21 13.59 -29.80
CA ALA H 71 50.46 12.20 -29.46
C ALA H 71 51.61 11.72 -30.33
N SER H 72 52.37 10.73 -29.84
CA SER H 72 53.45 10.20 -30.66
C SER H 72 53.68 8.71 -30.41
N LEU H 73 54.19 8.07 -31.46
CA LEU H 73 54.60 6.67 -31.50
C LEU H 73 56.11 6.63 -31.52
N THR H 74 56.72 5.86 -30.63
CA THR H 74 58.16 5.68 -30.58
C THR H 74 58.49 4.25 -30.98
N ILE H 75 59.40 4.11 -31.93
CA ILE H 75 59.90 2.81 -32.39
C ILE H 75 61.37 2.79 -32.02
N SER H 76 61.79 1.77 -31.25
CA SER H 76 63.17 1.73 -30.77
C SER H 76 64.10 1.00 -31.73
N GLY H 77 64.20 -0.32 -31.63
CA GLY H 77 65.10 -1.05 -32.51
C GLY H 77 64.53 -1.18 -33.91
N LEU H 78 64.51 -0.07 -34.66
CA LEU H 78 63.88 -0.03 -35.97
C LEU H 78 64.47 -1.08 -36.90
N GLN H 79 63.58 -1.85 -37.54
CA GLN H 79 63.94 -2.89 -38.50
C GLN H 79 63.42 -2.53 -39.90
N ALA H 80 64.02 -3.18 -40.91
CA ALA H 80 63.54 -3.05 -42.28
C ALA H 80 62.15 -3.65 -42.47
N ASP H 81 61.70 -4.53 -41.58
CA ASP H 81 60.40 -5.20 -41.67
C ASP H 81 59.24 -4.33 -41.20
N ASP H 82 59.54 -3.11 -40.75
CA ASP H 82 58.62 -2.10 -40.28
C ASP H 82 58.18 -1.13 -41.37
N GLU H 83 58.51 -1.42 -42.64
CA GLU H 83 58.14 -0.52 -43.72
C GLU H 83 56.63 -0.59 -43.92
N ALA H 84 55.95 0.46 -43.46
CA ALA H 84 54.49 0.52 -43.48
C ALA H 84 54.05 1.98 -43.37
N ASP H 85 52.79 2.21 -43.70
CA ASP H 85 52.14 3.50 -43.46
C ASP H 85 51.53 3.47 -42.07
N TYR H 86 51.94 4.41 -41.22
CA TYR H 86 51.45 4.47 -39.85
C TYR H 86 50.36 5.54 -39.77
N TYR H 87 49.30 5.24 -39.03
CA TYR H 87 48.18 6.16 -38.87
C TYR H 87 47.85 6.36 -37.39
N CYS H 88 47.44 7.59 -37.08
CA CYS H 88 46.80 7.91 -35.82
C CYS H 88 45.30 7.83 -35.99
N SER H 89 44.62 7.52 -34.90
CA SER H 89 43.20 7.73 -34.83
C SER H 89 42.93 8.17 -33.41
N ALA H 90 41.85 8.92 -33.23
CA ALA H 90 41.48 9.30 -31.88
C ALA H 90 39.99 9.39 -31.76
N TYR H 91 39.51 9.05 -30.57
CA TYR H 91 38.11 9.23 -30.23
C TYR H 91 37.92 10.73 -30.03
N ALA H 92 36.85 11.28 -30.58
CA ALA H 92 36.59 12.72 -30.45
C ALA H 92 35.25 13.01 -29.77
N GLY H 93 34.74 12.06 -28.99
CA GLY H 93 33.50 12.26 -28.26
C GLY H 93 32.34 11.75 -29.05
N ARG H 94 31.17 11.79 -28.43
CA ARG H 94 29.97 11.43 -29.17
C ARG H 94 29.76 12.47 -30.28
N GLN H 95 29.01 12.06 -31.30
CA GLN H 95 28.66 12.80 -32.51
C GLN H 95 29.79 12.66 -33.53
N THR H 96 31.00 13.01 -33.15
CA THR H 96 32.19 12.79 -33.97
C THR H 96 32.96 11.66 -33.32
N PHE H 97 32.73 10.42 -33.77
CA PHE H 97 33.29 9.28 -33.04
C PHE H 97 34.79 9.14 -33.24
N TYR H 98 35.25 9.08 -34.49
CA TYR H 98 36.68 8.91 -34.73
C TYR H 98 37.20 9.91 -35.75
N ILE H 99 38.42 10.37 -35.49
CA ILE H 99 39.15 11.24 -36.39
C ILE H 99 40.48 10.56 -36.71
N PHE H 100 40.80 10.46 -37.99
CA PHE H 100 42.08 9.91 -38.43
C PHE H 100 42.96 11.02 -38.99
N GLY H 101 44.27 10.82 -38.85
CA GLY H 101 45.25 11.68 -39.47
C GLY H 101 45.66 11.13 -40.81
N GLY H 102 46.55 11.86 -41.48
CA GLY H 102 47.09 11.35 -42.72
C GLY H 102 48.12 10.31 -42.35
N GLY H 103 48.58 9.54 -43.32
CA GLY H 103 49.56 8.54 -42.99
C GLY H 103 50.97 9.07 -43.05
N THR H 104 51.85 8.40 -42.31
CA THR H 104 53.27 8.69 -42.30
C THR H 104 53.93 7.52 -43.01
N ARG H 105 54.69 7.78 -44.07
CA ARG H 105 55.36 6.70 -44.78
C ARG H 105 56.67 6.51 -44.02
N LEU H 106 56.95 5.31 -43.52
CA LEU H 106 58.22 5.07 -42.83
C LEU H 106 59.22 4.47 -43.81
N THR H 107 60.28 5.23 -44.07
CA THR H 107 61.36 4.83 -44.97
C THR H 107 62.55 4.39 -44.13
N VAL H 108 63.06 3.20 -44.40
CA VAL H 108 64.18 2.64 -43.65
C VAL H 108 65.44 2.77 -44.50
N LEU H 109 66.45 3.44 -43.95
CA LEU H 109 67.66 3.78 -44.70
C LEU H 109 68.68 2.64 -44.58
N ASN I 38 6.47 37.81 -12.05
CA ASN I 38 6.60 36.71 -13.00
C ASN I 38 7.08 35.46 -12.29
N LEU I 39 6.26 34.96 -11.36
CA LEU I 39 6.56 33.79 -10.55
C LEU I 39 5.70 32.62 -11.01
N TRP I 40 6.20 31.41 -10.76
CA TRP I 40 5.56 30.16 -11.16
C TRP I 40 5.38 29.27 -9.95
N VAL I 41 4.34 28.42 -10.00
CA VAL I 41 4.07 27.49 -8.91
C VAL I 41 5.09 26.36 -8.95
N THR I 42 5.77 26.13 -7.82
CA THR I 42 6.69 25.00 -7.68
C THR I 42 6.17 24.12 -6.56
N VAL I 43 6.11 22.82 -6.83
CA VAL I 43 5.59 21.82 -5.91
C VAL I 43 6.75 21.22 -5.13
N TYR I 44 6.61 21.16 -3.81
CA TYR I 44 7.59 20.56 -2.92
C TYR I 44 6.92 19.41 -2.19
N TYR I 45 7.67 18.33 -2.00
CA TYR I 45 7.23 17.16 -1.25
C TYR I 45 8.30 16.86 -0.22
N GLY I 46 7.88 16.71 1.02
CA GLY I 46 8.78 16.52 2.14
C GLY I 46 8.84 17.79 2.96
N VAL I 47 7.83 18.65 2.86
CA VAL I 47 7.76 19.94 3.55
C VAL I 47 7.55 19.74 5.05
N PRO I 48 8.33 20.45 5.93
CA PRO I 48 8.19 20.28 7.40
C PRO I 48 6.96 20.98 7.96
N VAL I 49 5.79 20.50 7.56
CA VAL I 49 4.50 21.05 7.99
C VAL I 49 3.65 19.94 8.56
N TRP I 50 2.92 20.28 9.63
CA TRP I 50 2.01 19.34 10.27
C TRP I 50 0.77 20.09 10.71
N LYS I 51 -0.31 19.33 10.87
CA LYS I 51 -1.57 19.86 11.33
C LYS I 51 -2.07 19.00 12.48
N ASP I 52 -2.86 19.58 13.37
CA ASP I 52 -3.38 18.79 14.48
C ASP I 52 -4.23 17.65 13.95
N ALA I 53 -4.08 16.47 14.55
CA ALA I 53 -4.85 15.32 14.12
C ALA I 53 -4.96 14.33 15.27
N GLU I 54 -5.98 13.47 15.18
CA GLU I 54 -6.19 12.40 16.15
C GLU I 54 -6.02 11.09 15.40
N THR I 55 -5.03 10.28 15.80
CA THR I 55 -4.79 8.99 15.18
C THR I 55 -4.52 7.94 16.25
N THR I 56 -4.43 6.70 15.80
CA THR I 56 -4.13 5.58 16.68
C THR I 56 -2.63 5.51 16.96
N LEU I 57 -2.28 5.40 18.24
CA LEU I 57 -0.90 5.21 18.68
C LEU I 57 -0.76 3.76 19.11
N PHE I 58 0.45 3.21 19.03
CA PHE I 58 0.66 1.83 19.44
C PHE I 58 1.61 1.74 20.64
N CYS I 59 1.46 0.62 21.35
CA CYS I 59 2.26 0.29 22.52
C CYS I 59 3.65 -0.20 22.18
N ALA I 60 4.63 0.27 22.96
CA ALA I 60 5.98 -0.24 22.94
C ALA I 60 6.44 -0.42 24.38
N SER I 61 7.30 -1.41 24.60
CA SER I 61 7.84 -1.67 25.93
C SER I 61 9.24 -2.25 25.80
N ASP I 62 10.02 -2.10 26.86
CA ASP I 62 11.37 -2.67 26.91
C ASP I 62 11.31 -4.19 26.96
N HIS I 71 2.58 -12.53 30.77
CA HIS I 71 2.18 -12.80 32.15
C HIS I 71 1.77 -11.53 32.91
N ASN I 72 1.92 -10.37 32.28
CA ASN I 72 1.56 -9.08 32.84
C ASN I 72 0.18 -8.63 32.39
N VAL I 73 -0.44 -7.76 33.20
CA VAL I 73 -1.68 -7.11 32.79
C VAL I 73 -1.38 -6.05 31.74
N TRP I 74 -0.35 -5.23 31.96
CA TRP I 74 -0.03 -4.13 31.07
C TRP I 74 1.38 -4.38 30.53
N ALA I 75 1.67 -3.81 29.35
CA ALA I 75 2.98 -3.98 28.72
C ALA I 75 3.24 -5.48 28.49
N THR I 76 2.32 -6.10 27.76
CA THR I 76 2.35 -7.53 27.53
C THR I 76 2.96 -7.85 26.17
N HIS I 77 2.55 -8.96 25.55
CA HIS I 77 3.09 -9.31 24.24
C HIS I 77 2.52 -8.44 23.14
N ALA I 78 1.44 -7.72 23.40
CA ALA I 78 0.82 -6.87 22.40
C ALA I 78 1.50 -5.50 22.35
N CYS I 79 2.83 -5.50 22.28
CA CYS I 79 3.62 -4.27 22.27
C CYS I 79 4.90 -4.56 21.50
N VAL I 80 5.28 -3.65 20.61
CA VAL I 80 6.51 -3.77 19.85
C VAL I 80 7.71 -3.44 20.75
N PRO I 81 8.85 -4.12 20.62
CA PRO I 81 10.02 -3.71 21.42
C PRO I 81 10.41 -2.26 21.13
N THR I 82 10.85 -1.57 22.17
CA THR I 82 11.28 -0.19 22.06
C THR I 82 12.66 -0.09 21.42
N ASP I 83 12.98 1.13 21.02
CA ASP I 83 14.29 1.47 20.50
C ASP I 83 15.21 1.73 21.70
N PRO I 84 16.28 0.96 21.89
CA PRO I 84 17.17 1.22 23.04
C PRO I 84 17.78 2.61 23.05
N ASN I 85 17.82 3.31 21.92
CA ASN I 85 18.40 4.64 21.82
C ASN I 85 17.45 5.55 21.05
N PRO I 86 16.30 5.89 21.65
CA PRO I 86 15.27 6.64 20.91
C PRO I 86 15.77 8.05 20.67
N GLN I 87 15.26 8.67 19.60
CA GLN I 87 15.67 10.01 19.24
C GLN I 87 14.69 11.06 19.71
N GLU I 88 15.23 12.26 19.95
CA GLU I 88 14.48 13.46 20.25
C GLU I 88 15.17 14.58 19.49
N ILE I 89 14.40 15.32 18.70
CA ILE I 89 14.94 16.39 17.86
C ILE I 89 14.37 17.72 18.32
N HIS I 90 15.22 18.59 18.85
CA HIS I 90 14.75 19.89 19.31
C HIS I 90 14.36 20.71 18.09
N LEU I 91 13.21 21.36 18.14
CA LEU I 91 12.75 22.20 17.04
C LEU I 91 13.03 23.65 17.40
N GLU I 92 14.03 24.24 16.76
CA GLU I 92 14.37 25.61 17.08
C GLU I 92 13.33 26.54 16.44
N ASN I 93 13.04 27.64 17.14
CA ASN I 93 12.12 28.66 16.62
C ASN I 93 10.75 28.09 16.27
N VAL I 94 10.27 27.12 17.04
CA VAL I 94 8.94 26.53 16.84
C VAL I 94 8.14 26.71 18.12
N THR I 95 6.97 27.33 17.98
CA THR I 95 6.03 27.50 19.09
C THR I 95 4.78 26.74 18.70
N GLU I 96 4.34 25.84 19.58
CA GLU I 96 3.18 24.99 19.32
C GLU I 96 2.16 25.21 20.43
N GLU I 97 0.89 25.33 20.06
CA GLU I 97 -0.15 25.52 21.06
C GLU I 97 -0.65 24.16 21.54
N PHE I 98 -0.58 23.94 22.85
CA PHE I 98 -0.95 22.70 23.50
C PHE I 98 -2.23 22.89 24.31
N ASN I 99 -2.96 21.78 24.51
CA ASN I 99 -4.13 21.81 25.39
C ASN I 99 -4.25 20.42 26.00
N MET I 100 -3.77 20.26 27.23
CA MET I 100 -3.75 18.94 27.86
C MET I 100 -5.15 18.42 28.16
N TRP I 101 -6.17 19.28 28.14
CA TRP I 101 -7.51 18.87 28.52
C TRP I 101 -8.31 18.34 27.35
N LYS I 102 -7.79 18.47 26.12
CA LYS I 102 -8.45 18.05 24.89
C LYS I 102 -7.52 17.10 24.13
N ASN I 103 -6.57 16.50 24.84
CA ASN I 103 -5.56 15.62 24.28
C ASN I 103 -6.13 14.22 24.12
N ASN I 104 -6.34 13.79 22.88
CA ASN I 104 -6.98 12.51 22.62
C ASN I 104 -6.08 11.33 22.98
N MET I 105 -4.81 11.59 23.34
CA MET I 105 -3.95 10.49 23.74
C MET I 105 -4.43 9.91 25.06
N VAL I 106 -5.11 10.72 25.85
CA VAL I 106 -5.61 10.28 27.14
C VAL I 106 -6.77 9.33 26.93
N GLU I 107 -7.65 9.63 25.97
CA GLU I 107 -8.79 8.75 25.70
C GLU I 107 -8.32 7.41 25.15
N GLN I 108 -7.30 7.43 24.30
CA GLN I 108 -6.78 6.17 23.77
C GLN I 108 -6.11 5.37 24.86
N MET I 109 -5.37 6.04 25.75
CA MET I 109 -4.72 5.32 26.82
C MET I 109 -5.76 4.71 27.75
N HIS I 110 -6.83 5.46 28.04
CA HIS I 110 -7.88 4.96 28.91
C HIS I 110 -8.50 3.70 28.32
N THR I 111 -8.83 3.77 27.03
CA THR I 111 -9.43 2.64 26.35
C THR I 111 -8.49 1.44 26.33
N ASP I 112 -7.20 1.67 26.06
CA ASP I 112 -6.27 0.55 25.96
C ASP I 112 -5.99 -0.07 27.33
N ILE I 113 -5.91 0.74 28.39
CA ILE I 113 -5.69 0.18 29.72
C ILE I 113 -6.88 -0.68 30.12
N ILE I 114 -8.10 -0.20 29.83
CA ILE I 114 -9.28 -1.02 30.16
C ILE I 114 -9.27 -2.29 29.33
N SER I 115 -8.95 -2.18 28.03
CA SER I 115 -8.93 -3.35 27.16
C SER I 115 -7.93 -4.38 27.67
N LEU I 116 -6.72 -3.95 28.05
CA LEU I 116 -5.73 -4.89 28.54
C LEU I 116 -6.21 -5.53 29.84
N TRP I 117 -6.86 -4.75 30.70
CA TRP I 117 -7.41 -5.30 31.94
C TRP I 117 -8.37 -6.43 31.64
N ASP I 118 -9.33 -6.16 30.75
CA ASP I 118 -10.33 -7.18 30.45
C ASP I 118 -9.71 -8.37 29.74
N GLN I 119 -8.71 -8.15 28.88
CA GLN I 119 -8.06 -9.28 28.23
C GLN I 119 -7.37 -10.17 29.25
N SER I 120 -6.81 -9.57 30.29
CA SER I 120 -6.11 -10.35 31.30
C SER I 120 -7.09 -11.14 32.16
N LEU I 121 -8.24 -10.54 32.48
CA LEU I 121 -9.21 -11.26 33.31
C LEU I 121 -10.02 -12.29 32.55
N LYS I 122 -10.30 -12.04 31.27
CA LYS I 122 -11.12 -12.90 30.41
C LYS I 122 -10.82 -14.40 30.49
N PRO I 123 -9.58 -14.88 30.41
CA PRO I 123 -9.33 -16.32 30.48
C PRO I 123 -9.20 -16.92 31.87
N CYS I 124 -9.46 -16.18 32.95
CA CYS I 124 -9.20 -16.68 34.28
C CYS I 124 -10.44 -17.39 34.84
N VAL I 125 -10.22 -18.13 35.93
CA VAL I 125 -11.27 -18.93 36.55
C VAL I 125 -12.43 -18.09 37.03
N LYS I 126 -13.65 -18.52 36.67
CA LYS I 126 -14.87 -17.86 37.09
C LYS I 126 -15.25 -18.37 38.47
N LEU I 127 -15.73 -17.47 39.33
CA LEU I 127 -16.16 -17.85 40.67
C LEU I 127 -17.69 -17.81 40.85
N THR I 128 -18.45 -17.94 39.75
CA THR I 128 -19.91 -17.98 39.87
C THR I 128 -20.39 -18.97 40.93
N PRO I 129 -19.84 -20.19 41.05
CA PRO I 129 -20.34 -21.12 42.09
C PRO I 129 -20.27 -20.61 43.52
N LEU I 130 -19.53 -19.53 43.81
CA LEU I 130 -19.39 -19.03 45.17
C LEU I 130 -20.51 -18.12 45.64
N CYS I 131 -21.45 -17.76 44.77
CA CYS I 131 -22.56 -16.91 45.20
C CYS I 131 -23.61 -17.82 45.83
N VAL I 132 -23.26 -18.28 47.04
CA VAL I 132 -24.04 -19.20 47.86
C VAL I 132 -24.16 -18.60 49.24
N THR I 133 -25.08 -19.14 50.04
CA THR I 133 -25.25 -18.65 51.39
C THR I 133 -24.00 -18.96 52.22
N LEU I 134 -23.48 -17.96 52.90
CA LEU I 134 -22.33 -18.07 53.79
C LEU I 134 -22.82 -18.03 55.23
N GLN I 135 -22.16 -18.80 56.11
CA GLN I 135 -22.41 -18.75 57.55
C GLN I 135 -21.14 -18.21 58.20
N CYS I 136 -21.17 -16.95 58.61
CA CYS I 136 -19.98 -16.23 59.03
C CYS I 136 -20.02 -15.90 60.52
N THR I 137 -18.83 -15.89 61.12
CA THR I 137 -18.64 -15.44 62.49
C THR I 137 -17.52 -14.41 62.52
N ASN I 138 -17.33 -13.76 63.66
CA ASN I 138 -16.24 -12.80 63.82
C ASN I 138 -14.94 -13.53 64.09
N VAL I 139 -13.84 -13.00 63.54
CA VAL I 139 -12.52 -13.51 63.88
C VAL I 139 -12.08 -12.80 65.16
N THR I 140 -11.88 -13.59 66.23
CA THR I 140 -11.54 -13.05 67.54
C THR I 140 -10.18 -13.51 68.05
N ASN I 141 -9.39 -14.19 67.23
CA ASN I 141 -8.10 -14.74 67.67
C ASN I 141 -7.00 -13.68 67.50
N ASN I 142 -6.52 -13.15 68.63
CA ASN I 142 -5.47 -12.12 68.63
C ASN I 142 -5.87 -10.93 67.76
N ILE I 143 -7.08 -10.41 68.00
CA ILE I 143 -7.63 -9.31 67.22
C ILE I 143 -7.39 -8.01 67.97
N THR I 144 -6.81 -7.03 67.28
CA THR I 144 -6.63 -5.72 67.89
C THR I 144 -7.95 -4.96 67.84
N ASP I 145 -8.03 -3.87 68.61
CA ASP I 145 -9.28 -3.13 68.66
C ASP I 145 -9.63 -2.56 67.28
N ASP I 146 -8.60 -2.13 66.54
CA ASP I 146 -8.82 -1.54 65.22
C ASP I 146 -9.38 -2.53 64.21
N MET I 147 -9.18 -3.83 64.43
CA MET I 147 -9.62 -4.86 63.48
C MET I 147 -10.85 -5.64 63.93
N ARG I 148 -11.53 -5.26 65.00
CA ARG I 148 -12.68 -6.08 65.40
C ARG I 148 -13.79 -5.86 64.39
N GLY I 149 -14.32 -6.95 63.87
CA GLY I 149 -15.40 -6.92 62.91
C GLY I 149 -14.93 -6.77 61.48
N GLU I 150 -13.63 -6.60 61.26
CA GLU I 150 -13.09 -6.41 59.91
C GLU I 150 -12.96 -7.72 59.14
N LEU I 151 -12.75 -8.84 59.84
CA LEU I 151 -12.58 -10.15 59.21
C LEU I 151 -13.72 -11.06 59.63
N LYS I 152 -14.33 -11.71 58.65
CA LYS I 152 -15.40 -12.67 58.86
C LYS I 152 -14.90 -14.06 58.49
N ASN I 153 -15.12 -15.01 59.38
CA ASN I 153 -14.74 -16.41 59.15
C ASN I 153 -16.01 -17.07 58.63
N CYS I 154 -16.08 -17.25 57.31
CA CYS I 154 -17.29 -17.70 56.64
C CYS I 154 -17.14 -19.13 56.16
N SER I 155 -18.09 -19.99 56.53
CA SER I 155 -18.14 -21.37 56.09
C SER I 155 -19.23 -21.50 55.04
N PHE I 156 -19.02 -22.42 54.10
CA PHE I 156 -19.99 -22.69 53.05
C PHE I 156 -19.80 -24.09 52.47
N ASN I 157 -20.88 -24.54 51.81
CA ASN I 157 -20.91 -25.83 51.11
C ASN I 157 -20.54 -25.59 49.64
N MET I 158 -19.32 -25.96 49.30
CA MET I 158 -18.73 -25.76 47.99
C MET I 158 -18.77 -27.03 47.15
N THR I 159 -18.79 -26.83 45.84
CA THR I 159 -18.74 -27.94 44.91
C THR I 159 -17.34 -28.53 44.93
N THR I 160 -17.21 -29.71 44.34
CA THR I 160 -15.94 -30.43 44.24
C THR I 160 -15.73 -30.80 42.79
N GLU I 161 -14.65 -31.54 42.52
CA GLU I 161 -14.36 -31.96 41.16
C GLU I 161 -15.55 -32.70 40.56
N LEU I 162 -16.27 -33.48 41.37
CA LEU I 162 -17.44 -34.20 40.90
C LEU I 162 -18.71 -33.41 41.27
N ARG I 163 -19.66 -33.34 40.34
CA ARG I 163 -20.88 -32.57 40.59
C ARG I 163 -21.72 -33.17 41.71
N ASP I 164 -21.64 -34.48 41.93
CA ASP I 164 -22.48 -35.13 42.93
C ASP I 164 -21.82 -35.14 44.32
N LYS I 165 -20.64 -34.56 44.47
CA LYS I 165 -19.95 -34.52 45.76
C LYS I 165 -19.78 -33.06 46.17
N LYS I 166 -19.89 -32.82 47.48
CA LYS I 166 -19.74 -31.48 48.04
C LYS I 166 -18.68 -31.53 49.12
N GLN I 167 -18.18 -30.35 49.48
CA GLN I 167 -17.22 -30.20 50.56
C GLN I 167 -17.63 -29.01 51.41
N LYS I 168 -17.38 -29.09 52.71
CA LYS I 168 -17.62 -27.96 53.60
C LYS I 168 -16.28 -27.28 53.81
N VAL I 169 -16.20 -26.02 53.41
CA VAL I 169 -14.96 -25.26 53.44
C VAL I 169 -15.23 -23.94 54.13
N TYR I 170 -14.16 -23.23 54.46
CA TYR I 170 -14.30 -21.89 55.02
C TYR I 170 -13.21 -21.02 54.45
N SER I 171 -13.46 -19.72 54.51
CA SER I 171 -12.53 -18.70 54.05
C SER I 171 -12.74 -17.44 54.85
N LEU I 172 -11.66 -16.69 55.07
CA LEU I 172 -11.77 -15.40 55.73
C LEU I 172 -12.05 -14.35 54.66
N PHE I 173 -12.98 -13.45 54.96
CA PHE I 173 -13.32 -12.35 54.07
C PHE I 173 -13.25 -11.04 54.83
N TYR I 174 -13.00 -9.96 54.10
CA TYR I 174 -13.05 -8.65 54.72
C TYR I 174 -14.51 -8.22 54.81
N ARG I 175 -14.82 -7.44 55.86
CA ARG I 175 -16.19 -6.94 56.05
C ARG I 175 -16.75 -6.28 54.78
N LEU I 176 -15.92 -5.54 54.06
CA LEU I 176 -16.39 -4.80 52.90
C LEU I 176 -16.81 -5.70 51.74
N ASP I 177 -16.39 -6.96 51.72
CA ASP I 177 -16.70 -7.87 50.63
C ASP I 177 -17.94 -8.72 50.90
N VAL I 178 -18.47 -8.72 52.11
CA VAL I 178 -19.54 -9.62 52.53
C VAL I 178 -20.68 -8.77 53.08
N VAL I 179 -21.90 -9.02 52.59
CA VAL I 179 -23.10 -8.27 53.00
C VAL I 179 -24.10 -9.23 53.64
N GLN I 180 -24.65 -8.82 54.78
CA GLN I 180 -25.61 -9.63 55.53
C GLN I 180 -26.92 -9.77 54.77
N ILE I 181 -27.46 -10.99 54.76
CA ILE I 181 -28.75 -11.31 54.16
C ILE I 181 -29.74 -11.64 55.27
N ASN I 182 -30.90 -10.97 55.23
CA ASN I 182 -31.93 -11.15 56.26
C ASN I 182 -31.37 -10.89 57.64
N LYS I 194 -26.41 -14.95 61.08
CA LYS I 194 -25.08 -15.25 60.58
C LYS I 194 -25.03 -15.54 59.08
N GLU I 195 -26.17 -15.40 58.39
CA GLU I 195 -26.19 -15.66 56.95
C GLU I 195 -25.73 -14.42 56.18
N TYR I 196 -24.77 -14.62 55.28
CA TYR I 196 -24.19 -13.56 54.47
C TYR I 196 -24.05 -14.03 53.03
N ARG I 197 -23.93 -13.05 52.13
CA ARG I 197 -23.65 -13.30 50.71
C ARG I 197 -22.54 -12.35 50.28
N LEU I 198 -21.94 -12.65 49.14
CA LEU I 198 -20.94 -11.73 48.63
C LEU I 198 -21.70 -10.54 48.07
N ILE I 199 -21.07 -9.36 48.15
CA ILE I 199 -21.72 -8.12 47.72
C ILE I 199 -22.10 -8.14 46.25
N ASN I 200 -21.41 -8.96 45.46
CA ASN I 200 -21.65 -9.10 44.03
C ASN I 200 -22.85 -9.95 43.61
N CYS I 201 -23.51 -10.65 44.53
CA CYS I 201 -24.58 -11.55 44.15
C CYS I 201 -25.75 -10.89 43.44
N ASN I 202 -26.08 -9.64 43.75
CA ASN I 202 -27.19 -8.96 43.10
C ASN I 202 -26.75 -7.99 42.01
N THR I 203 -25.47 -8.00 41.62
CA THR I 203 -25.00 -7.09 40.56
C THR I 203 -24.30 -7.80 39.40
N SER I 204 -23.32 -8.67 39.66
CA SER I 204 -22.55 -9.22 38.55
C SER I 204 -21.84 -10.51 38.94
N ALA I 205 -21.46 -11.27 37.92
CA ALA I 205 -20.58 -12.42 38.12
C ALA I 205 -19.16 -11.91 38.35
N ILE I 206 -18.41 -12.61 39.20
CA ILE I 206 -17.04 -12.25 39.54
C ILE I 206 -16.05 -13.27 39.00
N THR I 207 -14.96 -12.77 38.41
CA THR I 207 -13.91 -13.59 37.84
C THR I 207 -12.69 -13.52 38.76
N GLN I 208 -12.09 -14.67 39.05
CA GLN I 208 -10.90 -14.70 39.89
C GLN I 208 -9.69 -14.31 39.08
N ALA I 209 -8.86 -13.43 39.62
CA ALA I 209 -7.65 -13.08 38.89
C ALA I 209 -6.72 -14.29 38.86
N CYS I 210 -6.04 -14.46 37.74
CA CYS I 210 -5.07 -15.55 37.62
C CYS I 210 -3.91 -15.30 38.58
N PRO I 211 -3.51 -16.30 39.36
CA PRO I 211 -2.44 -16.07 40.35
C PRO I 211 -1.04 -15.77 39.79
N LYS I 212 -0.74 -16.05 38.52
CA LYS I 212 0.55 -15.81 37.91
C LYS I 212 0.64 -14.41 37.32
N VAL I 213 -0.48 -13.69 37.27
CA VAL I 213 -0.53 -12.40 36.59
C VAL I 213 -0.22 -11.29 37.57
N SER I 214 0.73 -10.45 37.16
CA SER I 214 1.23 -9.32 37.93
C SER I 214 0.44 -8.06 37.66
N PHE I 215 0.14 -7.33 38.73
CA PHE I 215 -0.57 -6.06 38.67
C PHE I 215 0.39 -4.89 38.81
N GLU I 216 1.70 -5.14 38.68
CA GLU I 216 2.67 -4.06 38.77
C GLU I 216 2.58 -3.15 37.55
N PRO I 217 2.51 -1.83 37.74
CA PRO I 217 2.60 -0.94 36.58
C PRO I 217 3.97 -1.07 35.92
N ILE I 218 3.97 -1.21 34.60
CA ILE I 218 5.19 -1.30 33.80
C ILE I 218 5.15 -0.15 32.81
N PRO I 219 6.22 0.66 32.68
CA PRO I 219 6.18 1.80 31.77
C PRO I 219 5.81 1.39 30.35
N ILE I 220 4.85 2.11 29.78
CA ILE I 220 4.40 1.90 28.40
C ILE I 220 4.75 3.14 27.60
N HIS I 221 5.37 2.93 26.45
CA HIS I 221 5.74 4.01 25.56
C HIS I 221 4.75 4.00 24.41
N TYR I 222 4.14 5.15 24.11
CA TYR I 222 3.26 5.24 22.95
C TYR I 222 4.05 5.78 21.78
N CYS I 223 3.90 5.13 20.64
CA CYS I 223 4.63 5.47 19.43
C CYS I 223 3.64 5.81 18.33
N ALA I 224 3.97 6.81 17.54
CA ALA I 224 3.15 7.25 16.44
C ALA I 224 3.36 6.37 15.22
N PRO I 225 2.32 6.17 14.39
CA PRO I 225 2.52 5.48 13.13
C PRO I 225 3.25 6.38 12.14
N ALA I 226 3.82 5.78 11.11
CA ALA I 226 4.51 6.56 10.10
C ALA I 226 3.54 7.56 9.49
N GLY I 227 4.06 8.75 9.18
CA GLY I 227 3.27 9.82 8.66
C GLY I 227 2.76 10.77 9.72
N PHE I 228 2.90 10.42 11.00
CA PHE I 228 2.46 11.18 12.15
C PHE I 228 3.66 11.38 13.06
N ALA I 229 3.57 12.37 13.95
CA ALA I 229 4.66 12.64 14.89
C ALA I 229 4.10 13.11 16.21
N ILE I 230 4.86 12.87 17.28
CA ILE I 230 4.53 13.33 18.62
C ILE I 230 5.47 14.47 18.98
N LEU I 231 4.88 15.61 19.36
CA LEU I 231 5.62 16.78 19.77
C LEU I 231 5.57 16.85 21.29
N LYS I 232 6.72 17.13 21.91
CA LYS I 232 6.87 17.21 23.35
C LYS I 232 7.14 18.65 23.73
N CYS I 233 6.40 19.14 24.72
CA CYS I 233 6.56 20.48 25.25
C CYS I 233 7.56 20.44 26.39
N LYS I 234 8.70 21.12 26.21
CA LYS I 234 9.75 21.15 27.21
C LYS I 234 9.84 22.49 27.91
N ASP I 235 8.84 23.35 27.73
CA ASP I 235 8.87 24.67 28.34
C ASP I 235 8.63 24.49 29.82
N LYS I 236 9.67 24.71 30.62
CA LYS I 236 9.56 24.46 32.05
C LYS I 236 8.50 25.39 32.63
N LYS I 237 7.69 24.84 33.53
CA LYS I 237 6.56 25.51 34.16
C LYS I 237 5.42 25.73 33.19
N PHE I 238 5.32 24.91 32.15
CA PHE I 238 4.15 24.92 31.28
C PHE I 238 2.92 24.48 32.06
N ASN I 239 1.84 25.26 31.98
CA ASN I 239 0.67 25.04 32.79
C ASN I 239 -0.39 24.16 32.14
N GLY I 240 -0.10 23.52 31.02
CA GLY I 240 -1.02 22.60 30.39
C GLY I 240 -1.81 23.15 29.20
N THR I 241 -1.88 24.47 29.05
CA THR I 241 -2.60 25.07 27.93
C THR I 241 -1.80 26.21 27.34
N GLY I 242 -2.08 26.50 26.07
CA GLY I 242 -1.54 27.66 25.41
C GLY I 242 -0.22 27.43 24.69
N PRO I 243 0.35 28.52 24.15
CA PRO I 243 1.60 28.41 23.39
C PRO I 243 2.73 27.82 24.20
N CYS I 244 3.54 26.99 23.56
CA CYS I 244 4.70 26.37 24.17
C CYS I 244 5.93 26.53 23.27
N PRO I 245 6.95 27.28 23.68
CA PRO I 245 8.21 27.31 22.94
C PRO I 245 8.98 26.07 23.35
N SER I 246 10.18 25.88 22.76
CA SER I 246 11.05 24.77 23.16
C SER I 246 10.32 23.44 23.02
N VAL I 247 9.80 23.19 21.82
CA VAL I 247 9.08 21.98 21.48
C VAL I 247 10.03 21.09 20.68
N SER I 248 10.04 19.80 20.99
CA SER I 248 10.87 18.83 20.30
C SER I 248 9.99 17.70 19.76
N THR I 249 10.49 17.04 18.72
CA THR I 249 9.80 15.90 18.13
C THR I 249 10.40 14.62 18.71
N VAL I 250 9.55 13.68 19.12
CA VAL I 250 10.02 12.41 19.67
C VAL I 250 9.39 11.28 18.86
N GLN I 251 10.11 10.17 18.79
CA GLN I 251 9.56 8.98 18.14
C GLN I 251 8.46 8.37 18.99
N CYS I 252 8.64 8.39 20.30
CA CYS I 252 7.71 7.78 21.24
C CYS I 252 7.72 8.60 22.52
N THR I 253 6.70 8.38 23.36
CA THR I 253 6.64 9.05 24.64
C THR I 253 7.57 8.37 25.63
N HIS I 254 7.75 8.99 26.79
CA HIS I 254 8.57 8.36 27.81
C HIS I 254 7.78 7.20 28.39
N GLY I 255 8.41 6.44 29.27
CA GLY I 255 7.68 5.31 29.80
C GLY I 255 6.73 5.80 30.88
N ILE I 256 5.45 5.60 30.63
CA ILE I 256 4.39 6.02 31.53
C ILE I 256 3.88 4.77 32.23
N LYS I 257 4.02 4.72 33.53
CA LYS I 257 3.56 3.54 34.26
C LYS I 257 2.05 3.61 34.41
N PRO I 258 1.31 2.53 34.09
CA PRO I 258 -0.15 2.58 34.30
C PRO I 258 -0.48 2.39 35.78
N VAL I 259 -0.09 3.36 36.58
CA VAL I 259 -0.33 3.32 38.02
C VAL I 259 -1.78 3.71 38.24
N VAL I 260 -2.50 2.90 39.01
CA VAL I 260 -3.91 3.12 39.29
C VAL I 260 -4.02 3.65 40.71
N SER I 261 -4.58 4.85 40.85
CA SER I 261 -4.75 5.44 42.16
C SER I 261 -5.82 6.52 42.09
N THR I 262 -6.31 6.92 43.26
CA THR I 262 -7.23 8.03 43.41
C THR I 262 -6.63 9.04 44.39
N GLN I 263 -7.08 10.28 44.29
CA GLN I 263 -6.70 11.37 45.20
C GLN I 263 -5.22 11.75 45.14
N LEU I 264 -4.35 10.78 45.37
CA LEU I 264 -2.90 10.97 45.33
C LEU I 264 -2.33 10.32 44.08
N LEU I 265 -1.44 11.03 43.39
CA LEU I 265 -0.79 10.52 42.20
C LEU I 265 0.52 9.85 42.65
N LEU I 266 0.66 8.56 42.38
CA LEU I 266 1.84 7.81 42.80
C LEU I 266 2.74 7.46 41.62
N ASN I 267 4.03 7.39 41.91
CA ASN I 267 5.06 6.88 40.97
C ASN I 267 4.98 7.58 39.61
N GLY I 268 4.67 8.87 39.62
CA GLY I 268 4.60 9.67 38.40
C GLY I 268 5.83 10.52 38.18
N SER I 269 5.69 11.49 37.28
CA SER I 269 6.77 12.42 36.99
C SER I 269 6.72 13.57 37.98
N LEU I 270 7.87 14.19 38.23
CA LEU I 270 7.96 15.37 39.06
C LEU I 270 8.11 16.64 38.23
N ALA I 271 7.69 17.76 38.80
CA ALA I 271 7.86 19.04 38.14
C ALA I 271 9.34 19.37 38.02
N GLU I 272 9.71 20.03 36.92
CA GLU I 272 11.12 20.32 36.68
C GLU I 272 11.68 21.30 37.70
N GLU I 273 10.90 22.33 38.10
CA GLU I 273 11.42 23.35 39.02
C GLU I 273 10.53 23.61 40.23
N GLU I 274 9.22 23.73 40.04
CA GLU I 274 8.32 24.14 41.11
C GLU I 274 6.99 23.41 40.96
N VAL I 275 6.25 23.35 42.07
CA VAL I 275 4.97 22.67 42.08
C VAL I 275 4.05 23.35 41.07
N MET I 276 3.42 22.55 40.20
CA MET I 276 2.52 23.07 39.17
C MET I 276 1.06 22.82 39.52
N ILE I 277 0.24 23.85 39.31
CA ILE I 277 -1.20 23.79 39.50
C ILE I 277 -1.83 23.90 38.12
N ARG I 278 -2.61 22.89 37.71
CA ARG I 278 -3.22 22.89 36.39
C ARG I 278 -4.70 22.58 36.49
N SER I 279 -5.50 23.28 35.70
CA SER I 279 -6.93 23.04 35.64
C SER I 279 -7.46 23.49 34.29
N GLU I 280 -8.51 22.81 33.83
CA GLU I 280 -9.19 23.26 32.63
C GLU I 280 -9.70 24.68 32.80
N ASN I 281 -10.19 25.00 34.00
CA ASN I 281 -10.68 26.34 34.32
C ASN I 281 -10.47 26.54 35.82
N ILE I 282 -9.49 27.39 36.17
CA ILE I 282 -9.08 27.60 37.56
C ILE I 282 -10.24 28.07 38.43
N THR I 283 -11.10 28.95 37.91
CA THR I 283 -12.19 29.51 38.69
C THR I 283 -13.49 28.72 38.62
N ASN I 284 -13.53 27.58 37.91
CA ASN I 284 -14.72 26.76 37.81
C ASN I 284 -14.59 25.62 38.82
N ASN I 285 -15.42 25.65 39.86
CA ASN I 285 -15.27 24.67 40.92
C ASN I 285 -15.77 23.28 40.52
N ALA I 286 -16.30 23.11 39.31
CA ALA I 286 -16.73 21.81 38.81
C ALA I 286 -15.59 21.00 38.19
N LYS I 287 -14.41 21.59 38.03
CA LYS I 287 -13.26 20.95 37.41
C LYS I 287 -12.29 20.49 38.49
N ASN I 288 -11.54 19.44 38.18
CA ASN I 288 -10.50 18.99 39.07
C ASN I 288 -9.23 19.80 38.83
N ILE I 289 -8.43 19.93 39.88
CA ILE I 289 -7.14 20.60 39.85
C ILE I 289 -6.08 19.53 40.01
N LEU I 290 -5.15 19.47 39.06
CA LEU I 290 -4.06 18.52 39.10
C LEU I 290 -2.84 19.26 39.61
N VAL I 291 -2.27 18.76 40.70
CA VAL I 291 -1.12 19.37 41.36
C VAL I 291 0.05 18.44 41.13
N GLN I 292 1.11 18.93 40.50
CA GLN I 292 2.30 18.12 40.23
C GLN I 292 3.43 18.61 41.13
N PHE I 293 3.95 17.70 41.95
CA PHE I 293 5.00 18.06 42.90
C PHE I 293 6.35 18.14 42.18
N ASN I 294 7.23 18.99 42.72
CA ASN I 294 8.60 19.06 42.22
C ASN I 294 9.54 18.22 43.08
N THR I 295 9.04 17.58 44.12
CA THR I 295 9.78 16.70 45.00
C THR I 295 8.89 15.52 45.35
N PRO I 296 9.44 14.33 45.53
CA PRO I 296 8.60 13.20 45.96
C PRO I 296 8.29 13.31 47.44
N VAL I 297 7.12 12.77 47.84
CA VAL I 297 6.80 12.60 49.25
C VAL I 297 6.71 11.09 49.48
N GLN I 298 7.52 10.56 50.38
CA GLN I 298 7.55 9.12 50.55
C GLN I 298 6.44 8.61 51.47
N ILE I 299 5.75 7.57 50.97
CA ILE I 299 4.67 6.88 51.65
C ILE I 299 5.01 5.38 51.70
N ASN I 300 5.09 4.83 52.92
CA ASN I 300 5.40 3.42 53.16
C ASN I 300 4.10 2.71 53.55
N CYS I 301 3.56 1.88 52.65
CA CYS I 301 2.29 1.19 52.87
C CYS I 301 2.52 -0.27 53.18
N THR I 302 1.75 -0.80 54.12
CA THR I 302 1.92 -2.20 54.50
C THR I 302 0.60 -2.87 54.88
N ARG I 303 0.61 -4.20 54.70
CA ARG I 303 -0.41 -5.14 55.11
C ARG I 303 0.35 -6.11 56.04
N PRO I 304 0.49 -5.77 57.34
CA PRO I 304 1.34 -6.50 58.30
C PRO I 304 0.67 -7.75 58.86
N ASN I 305 0.23 -8.65 57.96
CA ASN I 305 -0.48 -9.85 58.38
C ASN I 305 0.04 -11.02 57.55
N ASN I 306 0.61 -12.01 58.22
CA ASN I 306 1.23 -13.15 57.56
C ASN I 306 0.12 -14.11 57.18
N ASN I 307 -0.50 -13.86 56.03
CA ASN I 307 -1.67 -14.62 55.59
C ASN I 307 -1.24 -15.90 54.87
N THR I 308 -2.13 -16.89 54.91
CA THR I 308 -1.94 -18.16 54.24
C THR I 308 -2.93 -18.22 53.08
N ARG I 309 -2.42 -18.53 51.89
CA ARG I 309 -3.27 -18.72 50.71
C ARG I 309 -3.59 -20.20 50.57
N LYS I 310 -4.87 -20.51 50.45
CA LYS I 310 -5.36 -21.87 50.27
C LYS I 310 -5.87 -22.02 48.85
N SER I 311 -6.05 -23.27 48.42
CA SER I 311 -6.62 -23.55 47.10
C SER I 311 -7.70 -24.61 47.25
N ILE I 312 -8.94 -24.22 47.01
CA ILE I 312 -10.11 -25.09 47.13
C ILE I 312 -10.52 -25.47 45.71
N ARG I 313 -10.55 -26.76 45.40
CA ARG I 313 -10.96 -27.16 44.07
C ARG I 313 -12.47 -27.02 43.99
N ILE I 314 -12.95 -26.37 42.93
CA ILE I 314 -14.39 -26.16 42.73
C ILE I 314 -14.91 -26.88 41.50
N GLY I 315 -14.04 -27.41 40.64
CA GLY I 315 -14.46 -28.12 39.46
C GLY I 315 -13.28 -28.72 38.73
N PRO I 316 -13.53 -29.26 37.54
CA PRO I 316 -12.46 -29.97 36.83
C PRO I 316 -11.39 -29.03 36.29
N GLY I 317 -10.44 -28.67 37.16
CA GLY I 317 -9.39 -27.73 36.82
C GLY I 317 -9.67 -26.31 37.23
N GLN I 318 -10.73 -26.07 37.99
CA GLN I 318 -11.13 -24.75 38.47
C GLN I 318 -10.85 -24.71 39.96
N ALA I 319 -10.18 -23.66 40.43
CA ALA I 319 -9.89 -23.56 41.85
C ALA I 319 -10.06 -22.12 42.34
N PHE I 320 -10.52 -22.04 43.59
CA PHE I 320 -10.74 -20.80 44.31
C PHE I 320 -9.62 -20.61 45.33
N TYR I 321 -8.93 -19.48 45.28
CA TYR I 321 -7.83 -19.20 46.19
C TYR I 321 -8.37 -18.53 47.44
N ALA I 322 -8.84 -19.37 48.35
CA ALA I 322 -9.40 -18.94 49.62
C ALA I 322 -8.33 -18.37 50.53
N THR I 323 -8.76 -17.52 51.46
CA THR I 323 -7.87 -16.92 52.44
C THR I 323 -7.98 -17.75 53.72
N GLY I 324 -6.86 -18.31 54.17
CA GLY I 324 -6.82 -19.17 55.33
C GLY I 324 -6.46 -18.42 56.58
N ASP I 325 -6.18 -19.19 57.64
CA ASP I 325 -5.88 -18.60 58.94
C ASP I 325 -4.63 -17.72 58.83
N ILE I 326 -4.65 -16.61 59.55
CA ILE I 326 -3.53 -15.67 59.56
C ILE I 326 -2.62 -16.01 60.73
N ILE I 327 -1.33 -16.11 60.44
CA ILE I 327 -0.32 -16.45 61.44
C ILE I 327 0.07 -15.18 62.20
N GLY I 328 0.06 -15.27 63.52
CA GLY I 328 0.41 -14.12 64.36
C GLY I 328 -0.78 -13.24 64.65
N ASP I 329 -0.48 -12.02 65.10
CA ASP I 329 -1.52 -11.08 65.50
C ASP I 329 -2.18 -10.50 64.27
N ILE I 330 -3.41 -10.05 64.43
CA ILE I 330 -4.16 -9.38 63.38
C ILE I 330 -4.07 -7.88 63.59
N ARG I 331 -3.49 -7.18 62.61
CA ARG I 331 -3.27 -5.75 62.67
C ARG I 331 -3.88 -5.08 61.45
N GLN I 332 -4.19 -3.79 61.58
CA GLN I 332 -4.78 -3.04 60.49
C GLN I 332 -3.72 -2.59 59.50
N ALA I 333 -4.05 -2.68 58.21
CA ALA I 333 -3.16 -2.18 57.17
C ALA I 333 -3.06 -0.66 57.26
N HIS I 334 -1.89 -0.11 56.91
CA HIS I 334 -1.73 1.33 57.04
C HIS I 334 -0.60 1.84 56.18
N CYS I 335 -0.57 3.17 56.00
CA CYS I 335 0.52 3.85 55.30
C CYS I 335 1.14 4.95 56.15
N ASN I 336 2.47 5.01 56.14
CA ASN I 336 3.23 6.02 56.86
C ASN I 336 3.74 7.04 55.85
N VAL I 337 3.25 8.27 55.94
CA VAL I 337 3.64 9.37 55.05
C VAL I 337 4.55 10.28 55.87
N SER I 338 5.76 10.57 55.36
CA SER I 338 6.66 11.41 56.18
C SER I 338 5.97 12.73 56.52
N LYS I 339 5.96 13.07 57.83
CA LYS I 339 5.19 14.23 58.28
C LYS I 339 5.77 15.56 57.82
N ALA I 340 7.09 15.75 57.97
CA ALA I 340 7.66 17.04 57.61
C ALA I 340 7.66 17.23 56.10
N THR I 341 7.97 16.17 55.37
CA THR I 341 8.04 16.29 53.91
C THR I 341 6.68 16.70 53.38
N TRP I 342 5.64 16.04 53.87
CA TRP I 342 4.26 16.36 53.48
C TRP I 342 3.92 17.80 53.83
N ASN I 343 4.26 18.22 55.05
CA ASN I 343 3.93 19.57 55.50
C ASN I 343 4.59 20.63 54.62
N GLU I 344 5.85 20.40 54.24
CA GLU I 344 6.55 21.34 53.36
C GLU I 344 5.97 21.33 51.96
N THR I 345 5.64 20.14 51.46
CA THR I 345 5.09 20.03 50.11
C THR I 345 3.73 20.72 50.05
N LEU I 346 2.92 20.53 51.09
CA LEU I 346 1.60 21.13 51.09
C LEU I 346 1.74 22.65 51.15
N GLY I 347 2.70 23.15 51.92
CA GLY I 347 2.90 24.59 51.96
C GLY I 347 3.27 25.13 50.59
N LYS I 348 4.07 24.38 49.83
CA LYS I 348 4.41 24.79 48.47
C LYS I 348 3.15 24.81 47.60
N VAL I 349 2.26 23.84 47.80
CA VAL I 349 1.02 23.79 47.05
C VAL I 349 0.20 25.04 47.36
N VAL I 350 0.17 25.41 48.64
CA VAL I 350 -0.59 26.59 49.06
C VAL I 350 -0.04 27.83 48.37
N LYS I 351 1.29 27.98 48.32
CA LYS I 351 1.86 29.15 47.65
C LYS I 351 1.45 29.21 46.19
N GLN I 352 1.45 28.05 45.53
CA GLN I 352 1.10 28.05 44.12
C GLN I 352 -0.38 28.30 43.93
N LEU I 353 -1.22 27.87 44.87
CA LEU I 353 -2.64 28.19 44.79
C LEU I 353 -2.88 29.67 45.04
N ARG I 354 -2.11 30.26 45.96
CA ARG I 354 -2.27 31.68 46.25
C ARG I 354 -1.97 32.51 45.00
N LYS I 355 -1.05 32.03 44.17
CA LYS I 355 -0.77 32.76 42.93
C LYS I 355 -1.99 32.89 42.03
N HIS I 356 -3.00 32.03 42.20
CA HIS I 356 -4.24 32.08 41.42
C HIS I 356 -5.42 32.64 42.19
N PHE I 357 -5.45 32.47 43.52
CA PHE I 357 -6.58 32.87 44.35
C PHE I 357 -6.33 34.09 45.24
N GLY I 358 -5.11 34.62 45.30
CA GLY I 358 -4.81 35.79 46.11
C GLY I 358 -3.80 35.62 47.23
N ASN I 359 -2.96 36.64 47.37
CA ASN I 359 -1.87 36.64 48.34
C ASN I 359 -2.37 36.58 49.79
N ASN I 360 -3.58 37.10 50.06
CA ASN I 360 -4.14 37.14 51.40
C ASN I 360 -5.39 36.29 51.55
N THR I 361 -5.59 35.32 50.68
CA THR I 361 -6.73 34.40 50.75
C THR I 361 -6.32 33.21 51.61
N ILE I 362 -7.19 32.83 52.55
CA ILE I 362 -6.89 31.71 53.43
C ILE I 362 -7.17 30.45 52.63
N ILE I 363 -6.22 29.51 52.65
CA ILE I 363 -6.38 28.24 51.94
C ILE I 363 -6.48 27.16 53.00
N ARG I 364 -7.58 26.42 52.98
CA ARG I 364 -7.83 25.36 53.95
C ARG I 364 -7.93 24.03 53.23
N PHE I 365 -7.41 22.98 53.86
CA PHE I 365 -7.54 21.62 53.36
C PHE I 365 -8.44 20.85 54.31
N ALA I 366 -9.26 19.99 53.71
CA ALA I 366 -10.26 19.19 54.41
C ALA I 366 -10.33 17.83 53.75
N ASN I 367 -10.97 16.90 54.42
CA ASN I 367 -11.10 15.56 53.89
C ASN I 367 -12.14 15.52 52.78
N SER I 368 -12.12 14.42 52.04
CA SER I 368 -13.01 14.24 50.89
C SER I 368 -14.48 14.28 51.28
N SER I 369 -15.28 14.87 50.39
CA SER I 369 -16.72 14.93 50.55
C SER I 369 -17.31 13.55 50.34
N GLY I 370 -18.61 13.41 50.60
CA GLY I 370 -19.23 12.10 50.53
C GLY I 370 -19.17 11.49 49.13
N GLY I 371 -19.09 10.16 49.13
CA GLY I 371 -19.00 9.37 47.92
C GLY I 371 -18.81 7.93 48.32
N ASP I 372 -18.57 7.06 47.35
CA ASP I 372 -18.41 5.66 47.72
C ASP I 372 -16.97 5.47 48.21
N LEU I 373 -16.63 4.25 48.66
CA LEU I 373 -15.30 4.03 49.21
C LEU I 373 -14.22 4.33 48.18
N GLU I 374 -14.46 3.99 46.92
CA GLU I 374 -13.48 4.22 45.85
C GLU I 374 -13.26 5.71 45.56
N VAL I 375 -14.12 6.58 46.06
CA VAL I 375 -14.04 8.01 45.83
C VAL I 375 -13.49 8.75 47.04
N THR I 376 -13.96 8.39 48.23
CA THR I 376 -13.62 9.11 49.45
C THR I 376 -12.28 8.70 50.04
N THR I 377 -11.74 7.53 49.68
CA THR I 377 -10.44 7.08 50.14
C THR I 377 -9.43 7.06 49.00
N HIS I 378 -8.17 6.84 49.39
CA HIS I 378 -7.07 6.67 48.46
C HIS I 378 -6.97 5.20 48.11
N SER I 379 -7.39 4.84 46.90
CA SER I 379 -7.39 3.47 46.45
C SER I 379 -6.09 3.18 45.72
N PHE I 380 -5.48 2.03 45.99
CA PHE I 380 -4.30 1.65 45.21
C PHE I 380 -4.03 0.16 45.31
N ASN I 381 -3.27 -0.35 44.33
CA ASN I 381 -2.82 -1.73 44.27
C ASN I 381 -1.40 -1.86 44.79
N CYS I 382 -1.25 -2.49 45.95
CA CYS I 382 0.02 -2.68 46.66
C CYS I 382 0.32 -4.18 46.75
N GLY I 383 1.17 -4.68 45.86
CA GLY I 383 1.54 -6.07 45.89
C GLY I 383 0.44 -7.02 45.52
N GLY I 384 -0.58 -6.54 44.80
CA GLY I 384 -1.73 -7.34 44.45
C GLY I 384 -2.92 -7.11 45.34
N GLU I 385 -2.76 -6.46 46.49
CA GLU I 385 -3.88 -6.16 47.38
C GLU I 385 -4.38 -4.76 47.12
N PHE I 386 -5.68 -4.55 47.31
CA PHE I 386 -6.30 -3.27 47.07
C PHE I 386 -6.61 -2.56 48.38
N PHE I 387 -5.85 -1.48 48.61
CA PHE I 387 -5.87 -0.66 49.81
C PHE I 387 -6.79 0.52 49.58
N TYR I 388 -7.51 0.92 50.63
CA TYR I 388 -8.40 2.09 50.66
C TYR I 388 -8.05 2.91 51.90
N CYS I 389 -7.10 3.83 51.75
CA CYS I 389 -6.52 4.57 52.87
C CYS I 389 -7.33 5.82 53.17
N ASN I 390 -7.52 6.06 54.48
CA ASN I 390 -8.39 7.13 54.97
C ASN I 390 -8.03 8.50 54.38
N THR I 391 -6.76 8.91 54.50
CA THR I 391 -6.21 10.20 54.06
C THR I 391 -6.71 11.42 54.83
N SER I 392 -7.63 11.29 55.80
CA SER I 392 -8.09 12.50 56.49
C SER I 392 -6.99 13.13 57.31
N GLY I 393 -5.92 12.39 57.61
CA GLY I 393 -4.77 12.90 58.34
C GLY I 393 -3.86 13.77 57.51
N LEU I 394 -4.05 13.78 56.18
CA LEU I 394 -3.23 14.56 55.27
C LEU I 394 -3.87 15.89 54.87
N PHE I 395 -5.19 15.96 54.78
CA PHE I 395 -5.90 17.16 54.35
C PHE I 395 -6.75 17.68 55.51
N ASN I 396 -6.07 18.28 56.48
CA ASN I 396 -6.69 18.78 57.71
C ASN I 396 -5.82 19.95 58.18
N SER I 397 -5.98 21.09 57.53
CA SER I 397 -5.11 22.23 57.86
C SER I 397 -5.70 23.54 57.38
N THR I 398 -5.27 24.63 58.00
CA THR I 398 -5.62 25.98 57.55
C THR I 398 -4.33 26.76 57.38
N TRP I 399 -4.15 27.37 56.21
CA TRP I 399 -2.95 28.11 55.84
C TRP I 399 -3.24 29.58 55.57
N ILE I 400 -2.35 30.43 56.08
CA ILE I 400 -2.29 31.88 55.91
C ILE I 400 -1.25 32.42 56.89
N ASP I 415 9.33 11.54 62.68
CA ASP I 415 7.90 11.46 62.92
C ASP I 415 7.16 11.22 61.60
N SER I 416 5.95 10.68 61.67
CA SER I 416 5.21 10.31 60.46
C SER I 416 3.72 10.43 60.72
N ILE I 417 2.97 10.51 59.62
CA ILE I 417 1.52 10.54 59.63
C ILE I 417 1.07 9.12 59.26
N THR I 418 0.26 8.51 60.13
CA THR I 418 -0.20 7.15 59.90
C THR I 418 -1.64 7.22 59.39
N LEU I 419 -1.86 6.60 58.23
CA LEU I 419 -3.16 6.55 57.57
C LEU I 419 -3.73 5.15 57.71
N PRO I 420 -4.87 4.93 58.37
CA PRO I 420 -5.43 3.57 58.37
C PRO I 420 -5.96 3.25 57.00
N CYS I 421 -5.90 1.97 56.63
CA CYS I 421 -6.35 1.53 55.32
C CYS I 421 -7.22 0.29 55.45
N ARG I 422 -8.27 0.25 54.63
CA ARG I 422 -9.15 -0.90 54.54
C ARG I 422 -8.66 -1.70 53.33
N ILE I 423 -8.91 -2.99 53.30
CA ILE I 423 -8.52 -3.82 52.15
C ILE I 423 -9.74 -4.55 51.62
N LYS I 424 -9.86 -4.60 50.29
CA LYS I 424 -10.96 -5.32 49.65
C LYS I 424 -10.41 -6.39 48.70
N GLN I 425 -11.14 -7.50 48.63
CA GLN I 425 -10.88 -8.56 47.66
C GLN I 425 -11.80 -8.52 46.45
N ILE I 426 -12.99 -7.93 46.58
CA ILE I 426 -13.93 -7.79 45.47
C ILE I 426 -13.75 -6.39 44.93
N ILE I 427 -13.25 -6.30 43.71
CA ILE I 427 -12.83 -5.05 43.10
C ILE I 427 -13.75 -4.74 41.92
N ASN I 428 -14.23 -3.50 41.87
CA ASN I 428 -15.07 -2.99 40.78
C ASN I 428 -14.27 -1.82 40.19
N MET I 429 -13.62 -2.05 39.05
CA MET I 429 -12.73 -1.07 38.47
C MET I 429 -13.42 -0.24 37.41
N TRP I 430 -12.77 0.89 37.11
CA TRP I 430 -13.11 1.81 36.02
C TRP I 430 -14.51 2.38 36.17
N GLN I 431 -15.04 2.39 37.39
CA GLN I 431 -16.39 2.89 37.69
C GLN I 431 -17.46 2.16 36.90
N ARG I 432 -17.22 0.89 36.55
CA ARG I 432 -18.19 0.08 35.83
C ARG I 432 -19.09 -0.74 36.73
N ILE I 433 -20.28 -1.05 36.21
CA ILE I 433 -21.25 -1.93 36.85
C ILE I 433 -21.54 -3.06 35.87
N GLY I 434 -21.47 -4.30 36.37
CA GLY I 434 -21.75 -5.49 35.58
C GLY I 434 -20.58 -6.44 35.47
N GLN I 435 -19.39 -6.03 35.90
CA GLN I 435 -18.19 -6.86 35.94
C GLN I 435 -17.63 -6.78 37.35
N ALA I 436 -16.94 -7.83 37.76
CA ALA I 436 -16.29 -7.81 39.07
C ALA I 436 -15.09 -8.73 39.02
N MET I 437 -14.09 -8.41 39.84
CA MET I 437 -12.88 -9.20 40.00
C MET I 437 -12.71 -9.60 41.46
N TYR I 438 -12.24 -10.83 41.67
CA TYR I 438 -11.86 -11.32 42.99
C TYR I 438 -10.34 -11.32 43.04
N ALA I 439 -9.78 -10.55 43.97
CA ALA I 439 -8.34 -10.50 44.11
C ALA I 439 -7.90 -11.61 45.06
N PRO I 440 -7.10 -12.59 44.62
CA PRO I 440 -6.74 -13.68 45.52
C PRO I 440 -5.84 -13.17 46.62
N PRO I 441 -5.83 -13.82 47.78
CA PRO I 441 -4.95 -13.34 48.86
C PRO I 441 -3.50 -13.58 48.47
N ILE I 442 -2.63 -12.71 48.97
CA ILE I 442 -1.20 -12.82 48.74
C ILE I 442 -0.54 -13.45 49.95
N GLN I 443 0.20 -14.53 49.70
CA GLN I 443 0.88 -15.27 50.75
C GLN I 443 1.88 -14.37 51.46
N GLY I 444 1.84 -14.36 52.78
CA GLY I 444 2.77 -13.54 53.55
C GLY I 444 2.34 -12.13 53.90
N VAL I 445 3.31 -11.23 53.97
CA VAL I 445 3.16 -9.86 54.43
C VAL I 445 3.56 -8.93 53.29
N ILE I 446 2.79 -7.86 53.07
CA ILE I 446 3.08 -6.93 51.98
C ILE I 446 3.60 -5.60 52.51
N ARG I 447 4.68 -5.14 51.90
CA ARG I 447 5.22 -3.80 52.13
C ARG I 447 5.50 -3.20 50.76
N CYS I 448 5.10 -1.95 50.56
CA CYS I 448 5.32 -1.18 49.35
C CYS I 448 5.89 0.16 49.79
N VAL I 449 6.91 0.64 49.10
CA VAL I 449 7.42 1.99 49.32
C VAL I 449 7.22 2.74 48.02
N SER I 450 6.39 3.77 48.06
CA SER I 450 6.04 4.56 46.89
C SER I 450 6.25 6.01 47.26
N ASN I 451 6.28 6.88 46.26
CA ASN I 451 6.26 8.31 46.55
C ASN I 451 5.13 8.98 45.78
N ILE I 452 4.58 9.99 46.45
CA ILE I 452 3.51 10.83 45.94
C ILE I 452 4.16 11.93 45.11
N THR I 453 3.73 12.04 43.87
CA THR I 453 4.24 13.01 42.92
C THR I 453 3.20 14.07 42.58
N GLY I 454 1.97 13.93 43.05
CA GLY I 454 0.96 14.93 42.80
C GLY I 454 -0.34 14.58 43.49
N LEU I 455 -1.28 15.53 43.38
CA LEU I 455 -2.60 15.45 44.00
C LEU I 455 -3.68 15.76 42.98
N ILE I 456 -4.87 15.21 43.21
CA ILE I 456 -6.08 15.64 42.51
C ILE I 456 -6.94 16.31 43.55
N LEU I 457 -7.14 17.62 43.42
CA LEU I 457 -7.92 18.41 44.37
C LEU I 457 -9.20 18.93 43.73
N THR I 458 -10.24 19.08 44.54
CA THR I 458 -11.50 19.69 44.15
C THR I 458 -11.67 20.94 45.01
N ARG I 459 -11.93 22.07 44.36
CA ARG I 459 -12.15 23.31 45.09
C ARG I 459 -13.62 23.41 45.51
N ASP I 460 -13.82 23.80 46.77
CA ASP I 460 -15.18 23.97 47.32
C ASP I 460 -15.65 25.40 47.15
N SER I 466 -14.77 33.65 49.00
CA SER I 466 -14.58 35.04 49.39
C SER I 466 -13.38 35.19 50.33
N THR I 467 -13.62 35.06 51.64
CA THR I 467 -12.54 35.17 52.60
C THR I 467 -11.58 34.00 52.48
N THR I 468 -12.09 32.79 52.27
CA THR I 468 -11.28 31.58 52.25
C THR I 468 -11.77 30.62 51.18
N GLU I 469 -10.84 29.80 50.70
CA GLU I 469 -11.11 28.72 49.76
C GLU I 469 -10.74 27.41 50.46
N THR I 470 -11.50 26.36 50.16
CA THR I 470 -11.24 25.04 50.72
C THR I 470 -11.08 24.04 49.59
N PHE I 471 -10.04 23.22 49.69
CA PHE I 471 -9.73 22.18 48.71
C PHE I 471 -9.83 20.83 49.40
N ARG I 472 -10.35 19.85 48.69
CA ARG I 472 -10.51 18.50 49.21
C ARG I 472 -9.90 17.50 48.24
N PRO I 473 -9.41 16.35 48.72
CA PRO I 473 -8.94 15.34 47.77
C PRO I 473 -10.13 14.79 47.00
N GLY I 474 -9.91 14.49 45.73
CA GLY I 474 -10.97 13.94 44.88
C GLY I 474 -10.44 13.03 43.82
N GLY I 475 -10.98 13.18 42.61
CA GLY I 475 -10.63 12.33 41.48
C GLY I 475 -11.56 11.14 41.37
N GLY I 476 -11.06 10.04 40.79
CA GLY I 476 -11.85 8.87 40.49
C GLY I 476 -12.05 8.65 39.01
N ASP I 477 -11.88 9.68 38.20
CA ASP I 477 -11.96 9.58 36.74
C ASP I 477 -10.52 9.33 36.32
N MET I 478 -10.24 8.09 35.91
CA MET I 478 -8.87 7.68 35.64
C MET I 478 -8.19 8.49 34.55
N ARG I 479 -8.95 9.14 33.65
CA ARG I 479 -8.28 9.91 32.62
C ARG I 479 -7.50 11.06 33.23
N ASP I 480 -7.94 11.54 34.39
CA ASP I 480 -7.26 12.65 35.02
C ASP I 480 -5.98 12.21 35.68
N ASN I 481 -5.75 10.91 35.81
CA ASN I 481 -4.47 10.47 36.34
C ASN I 481 -3.49 10.51 35.18
N TRP I 482 -3.97 10.07 34.01
CA TRP I 482 -3.16 9.97 32.82
C TRP I 482 -2.90 11.36 32.24
N ARG I 483 -3.78 12.32 32.52
CA ARG I 483 -3.50 13.68 32.10
C ARG I 483 -2.28 14.22 32.82
N SER I 484 -1.91 13.65 33.96
CA SER I 484 -0.78 14.20 34.69
C SER I 484 0.55 13.84 34.06
N GLU I 485 0.55 12.85 33.15
CA GLU I 485 1.73 12.43 32.41
C GLU I 485 1.65 12.84 30.95
N LEU I 486 0.49 12.65 30.33
CA LEU I 486 0.26 13.00 28.94
C LEU I 486 -0.24 14.44 28.81
N TYR I 487 0.52 15.39 29.36
CA TYR I 487 0.18 16.79 29.26
C TYR I 487 1.16 17.55 28.37
N LYS I 488 2.37 17.01 28.20
CA LYS I 488 3.41 17.64 27.43
C LYS I 488 3.48 17.12 26.01
N TYR I 489 2.62 16.16 25.65
CA TYR I 489 2.62 15.54 24.33
C TYR I 489 1.41 15.95 23.50
N LYS I 490 1.65 16.11 22.21
CA LYS I 490 0.63 16.38 21.21
C LYS I 490 0.90 15.48 20.02
N VAL I 491 -0.15 14.97 19.38
CA VAL I 491 -0.02 14.14 18.18
C VAL I 491 -0.40 15.02 16.99
N VAL I 492 0.47 15.04 15.98
CA VAL I 492 0.23 15.82 14.77
C VAL I 492 0.38 14.92 13.54
N LYS I 493 -0.25 15.34 12.46
CA LYS I 493 -0.21 14.67 11.17
C LYS I 493 0.68 15.45 10.23
N ILE I 494 1.57 14.75 9.55
CA ILE I 494 2.55 15.36 8.65
C ILE I 494 1.89 15.53 7.28
N GLU I 495 2.07 16.70 6.69
CA GLU I 495 1.53 17.05 5.36
C GLU I 495 2.71 17.38 4.46
N PRO I 496 3.34 16.36 3.86
CA PRO I 496 4.61 16.59 3.15
C PRO I 496 4.50 17.41 1.89
N LEU I 497 3.30 17.62 1.35
CA LEU I 497 3.13 18.41 0.14
C LEU I 497 2.89 19.88 0.44
N GLY I 498 3.40 20.72 -0.44
CA GLY I 498 3.13 22.14 -0.40
C GLY I 498 3.57 22.76 -1.70
N VAL I 499 3.16 23.99 -1.91
CA VAL I 499 3.47 24.74 -3.12
C VAL I 499 4.00 26.10 -2.71
N ALA I 500 4.79 26.70 -3.60
CA ALA I 500 5.28 28.05 -3.32
C ALA I 500 5.70 28.69 -4.62
N PRO I 501 5.65 30.02 -4.73
CA PRO I 501 6.15 30.66 -5.94
C PRO I 501 7.66 30.61 -6.00
N THR I 502 8.18 30.37 -7.19
CA THR I 502 9.61 30.47 -7.47
C THR I 502 9.77 31.06 -8.86
N ARG I 503 10.98 31.27 -9.29
CA ARG I 503 11.19 31.80 -10.63
C ARG I 503 11.47 30.64 -11.57
N CYS I 504 11.00 29.43 -11.26
CA CYS I 504 11.34 28.21 -12.04
C CYS I 504 10.18 27.71 -12.90
N LYS I 505 10.26 27.75 -14.23
CA LYS I 505 9.21 27.25 -15.14
C LYS I 505 9.59 25.89 -15.72
N ARG I 506 8.70 24.91 -15.81
CA ARG I 506 9.01 23.62 -16.46
C ARG I 506 9.29 23.95 -17.91
N ARG I 507 10.05 23.12 -18.60
CA ARG I 507 10.44 23.48 -19.98
C ARG I 507 9.36 23.01 -20.93
N VAL I 508 8.57 23.93 -21.48
CA VAL I 508 7.46 23.53 -22.37
C VAL I 508 8.03 22.71 -23.52
N LEU J 9 20.59 18.22 11.26
CA LEU J 9 19.18 18.18 11.56
C LEU J 9 18.55 16.85 11.14
N GLY J 10 17.55 16.42 11.90
CA GLY J 10 16.79 15.23 11.62
C GLY J 10 15.36 15.54 11.22
N PHE J 11 14.49 14.57 11.43
CA PHE J 11 13.07 14.70 11.07
C PHE J 11 12.47 15.91 11.75
N LEU J 12 11.86 16.79 10.95
CA LEU J 12 11.25 18.04 11.37
C LEU J 12 12.24 19.03 11.98
N GLY J 13 13.54 18.78 11.88
CA GLY J 13 14.51 19.70 12.46
C GLY J 13 14.44 21.08 11.85
N ALA J 14 14.08 21.15 10.57
CA ALA J 14 13.98 22.40 9.82
C ALA J 14 12.62 23.06 9.94
N ALA J 15 11.72 22.52 10.78
CA ALA J 15 10.37 23.06 10.89
C ALA J 15 10.35 24.53 11.24
N GLY J 16 11.30 24.98 12.05
CA GLY J 16 11.36 26.38 12.41
C GLY J 16 12.26 27.20 11.52
N SER J 17 12.86 26.57 10.51
CA SER J 17 13.78 27.26 9.63
C SER J 17 12.98 27.94 8.53
N THR J 18 13.60 28.91 7.87
CA THR J 18 12.88 29.61 6.83
C THR J 18 12.67 28.71 5.62
N MET J 19 11.75 29.11 4.75
CA MET J 19 11.39 28.27 3.61
C MET J 19 12.62 27.97 2.75
N GLY J 20 13.51 28.95 2.60
CA GLY J 20 14.69 28.72 1.79
C GLY J 20 15.83 28.11 2.56
N ALA J 21 15.66 27.98 3.89
CA ALA J 21 16.63 27.36 4.75
C ALA J 21 16.33 25.87 4.87
N ALA J 22 15.07 25.52 4.65
CA ALA J 22 14.59 24.15 4.58
C ALA J 22 14.71 23.82 3.10
N SER J 23 13.79 23.06 2.52
CA SER J 23 13.86 22.70 1.10
C SER J 23 15.19 22.03 0.74
N MET J 24 15.82 21.42 1.74
CA MET J 24 17.09 20.70 1.63
C MET J 24 17.07 19.47 2.52
N THR J 25 16.00 19.27 3.30
CA THR J 25 15.76 18.20 4.25
C THR J 25 14.58 17.37 3.78
N LEU J 26 14.18 17.53 2.52
CA LEU J 26 12.99 16.87 1.99
C LEU J 26 13.15 15.36 2.00
N THR J 27 14.36 14.85 1.78
CA THR J 27 14.51 13.39 1.80
C THR J 27 14.39 12.87 3.22
N VAL J 28 14.81 13.67 4.20
CA VAL J 28 14.80 13.25 5.60
C VAL J 28 13.38 12.99 6.03
N GLN J 29 12.47 13.87 5.65
CA GLN J 29 11.07 13.74 6.05
C GLN J 29 10.34 12.79 5.13
N ALA J 30 10.73 12.71 3.85
CA ALA J 30 10.09 11.78 2.95
C ALA J 30 10.31 10.35 3.45
N ARG J 31 11.48 10.09 4.05
CA ARG J 31 11.76 8.75 4.56
C ARG J 31 10.86 8.36 5.73
N ASN J 32 10.25 9.34 6.40
CA ASN J 32 9.45 9.09 7.59
C ASN J 32 7.96 8.99 7.30
N LEU J 33 7.57 8.90 6.04
CA LEU J 33 6.19 8.67 5.66
C LEU J 33 5.86 7.18 5.56
N LEU J 34 6.86 6.31 5.64
CA LEU J 34 6.68 4.87 5.55
C LEU J 34 7.31 4.21 6.77
N VAL J 59 -8.59 -9.33 17.33
CA VAL J 59 -7.73 -9.01 18.46
C VAL J 59 -7.28 -7.55 18.41
N TRP J 60 -6.64 -7.11 19.48
CA TRP J 60 -6.15 -5.72 19.57
C TRP J 60 -5.20 -5.38 18.42
N GLY J 61 -4.52 -6.39 17.86
CA GLY J 61 -3.51 -6.14 16.84
C GLY J 61 -4.07 -5.54 15.56
N ILE J 62 -5.39 -5.61 15.37
CA ILE J 62 -5.98 -5.01 14.18
C ILE J 62 -5.74 -3.50 14.17
N LYS J 63 -5.59 -2.89 15.37
CA LYS J 63 -5.32 -1.46 15.43
C LYS J 63 -4.02 -1.13 14.71
N GLN J 64 -3.04 -2.03 14.83
CA GLN J 64 -1.76 -1.73 14.21
C GLN J 64 -1.89 -1.85 12.70
N LEU J 65 -2.68 -2.82 12.24
CA LEU J 65 -2.84 -2.94 10.80
C LEU J 65 -3.57 -1.72 10.27
N GLN J 66 -4.54 -1.20 11.04
CA GLN J 66 -5.24 -0.04 10.56
C GLN J 66 -4.28 1.14 10.46
N ALA J 67 -3.41 1.26 11.47
CA ALA J 67 -2.45 2.34 11.48
C ALA J 67 -1.49 2.20 10.32
N ARG J 68 -1.10 0.97 10.01
CA ARG J 68 -0.16 0.78 8.92
C ARG J 68 -0.83 0.99 7.58
N VAL J 69 -2.07 0.52 7.45
CA VAL J 69 -2.78 0.67 6.17
C VAL J 69 -3.03 2.13 5.87
N LEU J 70 -3.41 2.91 6.89
CA LEU J 70 -3.67 4.33 6.66
C LEU J 70 -2.43 5.02 6.14
N ALA J 71 -1.26 4.71 6.72
CA ALA J 71 -0.05 5.39 6.27
C ALA J 71 0.21 5.10 4.81
N VAL J 72 -0.03 3.87 4.39
CA VAL J 72 0.21 3.53 2.99
C VAL J 72 -0.74 4.28 2.09
N GLU J 73 -2.03 4.33 2.44
CA GLU J 73 -2.96 5.03 1.55
C GLU J 73 -2.61 6.50 1.50
N ARG J 74 -2.24 7.10 2.63
CA ARG J 74 -1.95 8.52 2.57
C ARG J 74 -0.74 8.78 1.71
N TYR J 75 0.27 7.92 1.84
CA TYR J 75 1.47 8.05 1.04
C TYR J 75 1.10 7.96 -0.43
N LEU J 76 0.30 6.95 -0.78
CA LEU J 76 -0.03 6.76 -2.18
C LEU J 76 -0.87 7.90 -2.73
N ARG J 77 -1.78 8.50 -1.93
CA ARG J 77 -2.53 9.61 -2.51
C ARG J 77 -1.60 10.74 -2.89
N ASP J 78 -0.60 11.01 -2.04
CA ASP J 78 0.31 12.10 -2.37
C ASP J 78 1.13 11.73 -3.60
N GLN J 79 1.53 10.46 -3.70
CA GLN J 79 2.31 10.10 -4.88
C GLN J 79 1.44 10.15 -6.11
N GLN J 80 0.17 9.74 -5.96
CA GLN J 80 -0.73 9.79 -7.10
C GLN J 80 -0.95 11.23 -7.50
N LEU J 81 -1.04 12.12 -6.52
CA LEU J 81 -1.29 13.51 -6.84
C LEU J 81 -0.08 14.07 -7.60
N LEU J 82 1.12 13.72 -7.14
CA LEU J 82 2.32 14.17 -7.83
C LEU J 82 2.34 13.60 -9.24
N GLY J 83 1.88 12.36 -9.38
CA GLY J 83 1.85 11.75 -10.70
C GLY J 83 0.99 12.55 -11.67
N ILE J 84 -0.23 12.89 -11.25
CA ILE J 84 -1.11 13.59 -12.18
C ILE J 84 -0.63 15.01 -12.47
N TRP J 85 0.21 15.60 -11.63
CA TRP J 85 0.80 16.90 -11.93
C TRP J 85 2.07 16.82 -12.76
N GLY J 86 2.55 15.61 -13.06
CA GLY J 86 3.79 15.44 -13.79
C GLY J 86 5.01 15.61 -12.93
N CYS J 87 4.88 15.44 -11.61
CA CYS J 87 5.95 15.64 -10.64
C CYS J 87 6.40 14.34 -10.01
N SER J 88 6.08 13.21 -10.63
CA SER J 88 6.42 11.90 -10.11
C SER J 88 7.92 11.71 -9.99
N GLY J 89 8.35 11.17 -8.85
CA GLY J 89 9.74 10.85 -8.63
C GLY J 89 10.61 12.00 -8.22
N LYS J 90 10.04 13.19 -7.99
CA LYS J 90 10.78 14.37 -7.63
C LYS J 90 10.32 14.90 -6.29
N LEU J 91 11.21 15.59 -5.60
CA LEU J 91 10.88 16.30 -4.38
C LEU J 91 10.67 17.78 -4.63
N ILE J 92 11.31 18.32 -5.65
CA ILE J 92 11.14 19.70 -6.09
C ILE J 92 10.70 19.59 -7.53
N CYS J 93 9.54 20.15 -7.86
CA CYS J 93 8.95 20.05 -9.18
C CYS J 93 8.50 21.41 -9.67
N CYS J 94 9.04 21.84 -10.81
CA CYS J 94 8.67 23.11 -11.40
C CYS J 94 7.52 22.87 -12.36
N THR J 95 6.61 23.83 -12.45
CA THR J 95 5.43 23.70 -13.30
C THR J 95 5.28 24.91 -14.20
N ASN J 96 4.22 24.89 -15.01
CA ASN J 96 3.88 25.96 -15.94
C ASN J 96 2.65 26.74 -15.52
N VAL J 97 2.25 26.67 -14.25
CA VAL J 97 1.11 27.43 -13.74
C VAL J 97 1.62 28.76 -13.20
N PRO J 98 1.19 29.90 -13.74
CA PRO J 98 1.65 31.18 -13.20
C PRO J 98 1.17 31.36 -11.77
N TRP J 99 1.96 32.08 -10.97
CA TRP J 99 1.51 32.41 -9.63
C TRP J 99 0.62 33.64 -9.74
N ASN J 100 -0.58 33.54 -9.16
CA ASN J 100 -1.52 34.64 -9.12
C ASN J 100 -1.23 35.49 -7.90
N SER J 101 -1.07 36.80 -8.11
CA SER J 101 -0.72 37.70 -7.02
C SER J 101 -1.81 37.77 -5.96
N SER J 102 -3.04 37.34 -6.28
CA SER J 102 -4.10 37.34 -5.29
C SER J 102 -3.90 36.25 -4.23
N TRP J 103 -3.08 35.24 -4.52
CA TRP J 103 -2.86 34.18 -3.55
C TRP J 103 -1.88 34.61 -2.46
N SER J 104 -0.89 35.40 -2.82
CA SER J 104 0.09 35.92 -1.86
C SER J 104 0.95 36.98 -2.54
N ASN J 105 0.71 38.25 -2.21
CA ASN J 105 1.43 39.36 -2.85
C ASN J 105 2.70 39.67 -2.05
N ARG J 106 3.66 38.76 -2.15
CA ARG J 106 4.92 38.90 -1.43
C ARG J 106 6.07 38.99 -2.44
N ASN J 107 7.28 39.25 -1.95
CA ASN J 107 8.40 39.61 -2.80
C ASN J 107 9.45 38.51 -2.94
N LEU J 108 9.11 37.27 -2.56
CA LEU J 108 9.99 36.11 -2.68
C LEU J 108 11.03 36.11 -1.56
N SER J 109 11.74 37.23 -1.40
CA SER J 109 12.60 37.39 -0.23
C SER J 109 11.81 37.23 1.06
N GLU J 110 10.60 37.79 1.11
CA GLU J 110 9.76 37.62 2.29
C GLU J 110 9.40 36.16 2.48
N ILE J 111 9.12 35.45 1.38
CA ILE J 111 8.66 34.07 1.48
C ILE J 111 9.85 33.17 1.85
N TRP J 112 10.87 33.15 1.00
CA TRP J 112 11.95 32.20 1.15
C TRP J 112 13.00 32.55 2.19
N ASP J 113 13.20 33.84 2.52
CA ASP J 113 14.25 34.19 3.48
C ASP J 113 13.75 34.45 4.89
N ASN J 114 12.50 34.89 5.08
CA ASN J 114 11.97 35.17 6.42
C ASN J 114 10.93 34.19 6.91
N MET J 115 9.99 33.78 6.06
CA MET J 115 8.88 32.93 6.46
C MET J 115 9.29 31.47 6.56
N THR J 116 8.58 30.73 7.44
CA THR J 116 8.70 29.28 7.57
C THR J 116 7.60 28.59 6.76
N TRP J 117 7.74 27.28 6.61
CA TRP J 117 6.72 26.55 5.85
C TRP J 117 5.39 26.45 6.61
N LEU J 118 5.41 26.47 7.95
CA LEU J 118 4.15 26.42 8.69
C LEU J 118 3.35 27.70 8.50
N GLN J 119 4.04 28.85 8.52
CA GLN J 119 3.36 30.12 8.34
C GLN J 119 2.82 30.21 6.93
N TRP J 120 3.61 29.73 5.97
CA TRP J 120 3.19 29.76 4.57
C TRP J 120 1.96 28.88 4.39
N ASP J 121 1.97 27.68 4.98
CA ASP J 121 0.82 26.79 4.84
C ASP J 121 -0.43 27.48 5.36
N LYS J 122 -0.31 28.21 6.48
CA LYS J 122 -1.48 28.92 6.97
C LYS J 122 -1.92 30.03 6.02
N GLU J 123 -0.95 30.79 5.50
CA GLU J 123 -1.26 31.94 4.64
C GLU J 123 -2.03 31.58 3.38
N ILE J 124 -1.71 30.46 2.72
CA ILE J 124 -2.39 30.11 1.46
C ILE J 124 -3.27 28.87 1.59
N SER J 125 -3.70 28.50 2.79
CA SER J 125 -4.54 27.32 2.92
C SER J 125 -5.79 27.43 2.06
N ASN J 126 -6.40 28.61 2.03
CA ASN J 126 -7.65 28.83 1.32
C ASN J 126 -7.53 28.63 -0.18
N TYR J 127 -6.32 28.71 -0.73
CA TYR J 127 -6.11 28.62 -2.17
C TYR J 127 -5.48 27.31 -2.57
N THR J 128 -5.26 26.38 -1.63
CA THR J 128 -4.55 25.15 -1.97
C THR J 128 -5.29 24.34 -3.02
N GLN J 129 -6.61 24.22 -2.89
CA GLN J 129 -7.32 23.40 -3.85
C GLN J 129 -7.38 24.07 -5.20
N ILE J 130 -7.37 25.41 -5.21
CA ILE J 130 -7.39 26.11 -6.49
C ILE J 130 -6.10 25.81 -7.22
N ILE J 131 -4.99 25.89 -6.49
CA ILE J 131 -3.70 25.66 -7.12
C ILE J 131 -3.65 24.23 -7.62
N TYR J 132 -4.14 23.29 -6.81
CA TYR J 132 -4.08 21.89 -7.23
C TYR J 132 -4.88 21.68 -8.50
N GLY J 133 -6.06 22.31 -8.59
CA GLY J 133 -6.84 22.14 -9.80
C GLY J 133 -6.13 22.66 -11.02
N LEU J 134 -5.47 23.80 -10.88
CA LEU J 134 -4.77 24.37 -12.03
C LEU J 134 -3.61 23.47 -12.44
N LEU J 135 -2.94 22.88 -11.45
CA LEU J 135 -1.81 22.04 -11.78
C LEU J 135 -2.26 20.83 -12.57
N GLU J 136 -3.40 20.25 -12.18
CA GLU J 136 -3.89 19.10 -12.92
C GLU J 136 -4.23 19.47 -14.34
N GLU J 137 -4.88 20.61 -14.54
CA GLU J 137 -5.26 20.96 -15.90
C GLU J 137 -4.03 21.25 -16.73
N SER J 138 -3.02 21.88 -16.13
CA SER J 138 -1.81 22.18 -16.87
C SER J 138 -1.16 20.90 -17.38
N GLN J 139 -1.08 19.88 -16.52
CA GLN J 139 -0.43 18.66 -16.98
C GLN J 139 -1.23 17.99 -18.08
N ASN J 140 -2.57 18.04 -18.00
CA ASN J 140 -3.34 17.37 -19.04
C ASN J 140 -3.07 18.02 -20.39
N GLN J 141 -2.94 19.35 -20.39
CA GLN J 141 -2.68 20.00 -21.67
C GLN J 141 -1.31 19.66 -22.18
N GLN J 142 -0.33 19.61 -21.27
CA GLN J 142 1.01 19.30 -21.70
C GLN J 142 1.07 17.86 -22.18
N GLU J 143 0.33 16.96 -21.52
CA GLU J 143 0.40 15.58 -21.94
C GLU J 143 -0.15 15.42 -23.34
N LYS J 144 -1.25 16.12 -23.63
CA LYS J 144 -1.78 16.06 -24.98
C LYS J 144 -0.82 16.73 -25.95
N ASN J 145 -0.19 17.82 -25.52
CA ASN J 145 0.72 18.50 -26.42
C ASN J 145 1.92 17.61 -26.71
N GLU J 146 2.38 16.86 -25.70
CA GLU J 146 3.52 16.00 -25.95
C GLU J 146 3.14 14.94 -26.97
N GLN J 147 1.94 14.36 -26.82
CA GLN J 147 1.51 13.34 -27.76
C GLN J 147 1.49 13.92 -29.17
N ASP J 148 1.00 15.15 -29.30
CA ASP J 148 0.91 15.78 -30.63
C ASP J 148 2.26 16.06 -31.24
N LEU J 149 3.33 16.09 -30.45
CA LEU J 149 4.68 16.29 -30.96
C LEU J 149 5.42 15.00 -31.21
N LEU J 150 4.79 13.85 -30.95
CA LEU J 150 5.43 12.56 -31.11
C LEU J 150 4.78 11.74 -32.20
N ALA J 151 3.93 12.35 -33.05
CA ALA J 151 3.69 11.78 -34.37
C ALA J 151 3.88 12.79 -35.49
N LEU J 152 4.98 13.53 -35.44
CA LEU J 152 5.35 14.49 -36.47
C LEU J 152 6.49 13.83 -37.23
N ASP J 153 6.18 13.24 -38.39
CA ASP J 153 7.15 12.47 -39.19
C ASP J 153 6.34 11.57 -40.12
N VAL K 2 31.92 46.56 0.48
CA VAL K 2 32.26 45.33 -0.22
C VAL K 2 33.57 45.49 -0.98
N GLN K 3 34.39 44.44 -0.94
CA GLN K 3 35.66 44.42 -1.65
C GLN K 3 35.81 43.12 -2.45
N LEU K 4 36.40 43.24 -3.63
CA LEU K 4 36.81 42.13 -4.48
C LEU K 4 38.20 42.47 -4.97
N VAL K 5 39.20 41.64 -4.63
CA VAL K 5 40.59 41.92 -4.96
C VAL K 5 41.16 40.75 -5.76
N GLU K 6 41.63 41.05 -6.98
CA GLU K 6 42.23 40.07 -7.87
C GLU K 6 43.74 40.08 -7.70
N THR K 7 44.31 38.90 -7.43
CA THR K 7 45.74 38.70 -7.22
C THR K 7 46.29 37.67 -8.22
N GLY K 8 45.53 37.42 -9.28
CA GLY K 8 45.82 36.31 -10.18
C GLY K 8 47.15 36.27 -10.91
N GLY K 9 47.73 37.39 -11.33
CA GLY K 9 48.95 37.30 -12.09
C GLY K 9 49.15 38.44 -13.07
N GLY K 10 50.18 38.27 -13.90
CA GLY K 10 50.64 39.23 -14.90
C GLY K 10 50.90 38.56 -16.23
N LEU K 11 52.12 38.58 -16.76
CA LEU K 11 52.39 38.08 -18.10
C LEU K 11 52.84 36.62 -18.09
N VAL K 12 52.41 35.88 -19.11
CA VAL K 12 52.85 34.51 -19.35
C VAL K 12 53.16 34.38 -20.84
N GLN K 13 54.07 33.45 -21.16
CA GLN K 13 54.43 33.20 -22.54
C GLN K 13 53.23 32.65 -23.31
N PRO K 14 53.08 32.99 -24.60
CA PRO K 14 51.88 32.52 -25.34
C PRO K 14 51.82 31.00 -25.35
N GLY K 15 50.62 30.48 -25.20
CA GLY K 15 50.45 29.05 -25.05
C GLY K 15 51.01 28.64 -23.71
N GLY K 16 50.34 29.11 -22.66
CA GLY K 16 50.75 28.94 -21.28
C GLY K 16 49.50 28.89 -20.45
N SER K 17 49.63 28.56 -19.17
CA SER K 17 48.47 28.44 -18.29
C SER K 17 48.68 29.30 -17.05
N LEU K 18 47.80 30.27 -16.87
CA LEU K 18 47.72 31.13 -15.70
C LEU K 18 46.45 30.81 -14.92
N LYS K 19 46.52 30.97 -13.59
CA LYS K 19 45.35 30.80 -12.73
C LYS K 19 45.09 32.10 -12.00
N LEU K 20 43.96 32.73 -12.29
CA LEU K 20 43.54 33.93 -11.61
C LEU K 20 42.75 33.56 -10.36
N SER K 21 42.77 34.46 -9.37
CA SER K 21 41.97 34.28 -8.18
C SER K 21 41.42 35.62 -7.74
N CYS K 22 40.30 35.57 -7.02
CA CYS K 22 39.61 36.76 -6.53
C CYS K 22 39.14 36.51 -5.11
N ARG K 23 39.59 37.35 -4.19
CA ARG K 23 39.19 37.28 -2.79
C ARG K 23 38.07 38.29 -2.56
N ALA K 24 36.99 37.85 -1.92
CA ALA K 24 35.83 38.70 -1.65
C ALA K 24 35.64 38.93 -0.16
N SER K 25 35.11 40.10 0.17
CA SER K 25 34.76 40.43 1.56
C SER K 25 33.65 41.47 1.58
N GLY K 26 33.01 41.60 2.75
CA GLY K 26 31.99 42.58 3.00
C GLY K 26 30.56 42.15 2.76
N TYR K 27 30.34 40.91 2.34
CA TYR K 27 29.00 40.40 2.07
C TYR K 27 29.03 38.89 2.25
N THR K 28 27.86 38.26 2.36
CA THR K 28 27.84 36.81 2.46
C THR K 28 28.20 36.27 1.07
N PHE K 29 29.36 35.62 0.99
CA PHE K 29 29.89 35.16 -0.28
C PHE K 29 28.98 34.14 -0.95
N SER K 30 28.52 33.14 -0.20
CA SER K 30 27.72 32.05 -0.75
C SER K 30 26.33 32.44 -1.24
N SER K 31 25.86 33.67 -1.00
CA SER K 31 24.52 34.06 -1.46
C SER K 31 24.48 34.68 -2.85
N PHE K 32 25.62 34.96 -3.48
CA PHE K 32 25.65 35.63 -4.76
C PHE K 32 26.38 34.81 -5.83
N ALA K 33 25.88 34.88 -7.05
CA ALA K 33 26.57 34.33 -8.20
C ALA K 33 27.70 35.29 -8.58
N MET K 34 28.73 34.76 -9.24
CA MET K 34 29.85 35.61 -9.62
C MET K 34 30.32 35.29 -11.03
N SER K 35 31.04 36.24 -11.62
CA SER K 35 31.50 36.12 -13.00
C SER K 35 32.85 36.80 -13.20
N TRP K 36 33.44 36.50 -14.35
CA TRP K 36 34.64 37.17 -14.83
C TRP K 36 34.27 37.86 -16.14
N VAL K 37 34.70 39.14 -16.24
CA VAL K 37 34.46 39.99 -17.40
C VAL K 37 35.77 40.62 -17.87
N ARG K 38 36.04 40.57 -19.18
CA ARG K 38 37.25 41.18 -19.73
C ARG K 38 37.03 42.58 -20.25
N GLN K 39 38.00 43.44 -19.98
CA GLN K 39 38.10 44.79 -20.51
C GLN K 39 39.31 44.78 -21.44
N ALA K 40 39.06 44.87 -22.74
CA ALA K 40 40.16 44.82 -23.69
C ALA K 40 41.07 46.02 -23.44
N PRO K 41 42.39 45.88 -23.68
CA PRO K 41 43.31 47.01 -23.42
C PRO K 41 42.87 48.36 -23.98
N GLY K 42 42.23 48.38 -25.15
CA GLY K 42 41.77 49.61 -25.77
C GLY K 42 40.39 49.59 -26.39
N LYS K 43 39.52 48.67 -25.96
CA LYS K 43 38.18 48.57 -26.56
C LYS K 43 37.14 48.53 -25.43
N GLY K 44 36.18 47.61 -25.46
CA GLY K 44 35.12 47.58 -24.46
C GLY K 44 35.12 46.35 -23.57
N LEU K 45 33.96 46.05 -22.96
CA LEU K 45 33.83 44.93 -22.04
C LEU K 45 33.29 43.71 -22.75
N GLU K 46 33.77 42.53 -22.36
CA GLU K 46 33.28 41.25 -22.87
C GLU K 46 33.08 40.31 -21.69
N TRP K 47 31.92 39.66 -21.62
CA TRP K 47 31.67 38.67 -20.58
C TRP K 47 32.41 37.38 -20.94
N VAL K 48 33.06 36.78 -19.95
CA VAL K 48 33.80 35.53 -20.14
C VAL K 48 33.15 34.35 -19.45
N SER K 49 32.85 34.45 -18.16
CA SER K 49 32.29 33.27 -17.51
C SER K 49 31.43 33.64 -16.32
N LEU K 50 30.50 32.73 -15.99
CA LEU K 50 29.57 32.92 -14.88
C LEU K 50 29.48 31.61 -14.09
N ILE K 51 29.55 31.71 -12.76
CA ILE K 51 29.42 30.57 -11.87
C ILE K 51 28.31 30.85 -10.86
N ASN K 52 27.52 29.82 -10.58
CA ASN K 52 26.42 29.87 -9.64
C ASN K 52 26.92 30.03 -8.21
N ASP K 53 26.02 30.51 -7.35
CA ASP K 53 26.39 30.77 -5.96
C ASP K 53 26.91 29.53 -5.26
N ARG K 54 26.41 28.35 -5.61
CA ARG K 54 26.86 27.10 -5.00
C ARG K 54 28.03 26.47 -5.73
N GLY K 55 28.43 26.99 -6.89
CA GLY K 55 29.55 26.46 -7.64
C GLY K 55 29.22 25.27 -8.50
N GLY K 56 27.99 24.78 -8.47
CA GLY K 56 27.64 23.58 -9.23
C GLY K 56 27.45 23.79 -10.72
N LEU K 57 27.09 25.01 -11.13
CA LEU K 57 26.78 25.32 -12.51
C LEU K 57 27.71 26.42 -13.01
N THR K 58 28.35 26.18 -14.15
CA THR K 58 29.24 27.14 -14.77
C THR K 58 28.81 27.35 -16.22
N PHE K 59 29.02 28.57 -16.71
CA PHE K 59 28.71 28.92 -18.08
C PHE K 59 29.89 29.70 -18.64
N TYR K 60 30.17 29.51 -19.93
CA TYR K 60 31.28 30.19 -20.58
C TYR K 60 30.87 30.78 -21.92
N VAL K 61 31.58 31.83 -22.33
CA VAL K 61 31.44 32.32 -23.70
C VAL K 61 32.13 31.31 -24.61
N ASP K 62 31.54 31.09 -25.80
CA ASP K 62 32.05 30.08 -26.73
C ASP K 62 33.53 30.24 -27.04
N SER K 63 34.01 31.48 -27.13
CA SER K 63 35.40 31.70 -27.51
C SER K 63 36.41 31.13 -26.51
N VAL K 64 36.01 30.83 -25.27
CA VAL K 64 36.91 30.31 -24.25
C VAL K 64 36.45 28.96 -23.70
N LYS K 65 35.37 28.40 -24.25
CA LYS K 65 34.72 27.25 -23.62
C LYS K 65 35.64 26.05 -23.44
N GLY K 66 36.56 25.82 -24.38
CA GLY K 66 37.45 24.68 -24.30
C GLY K 66 38.79 24.95 -23.64
N ARG K 67 39.00 26.17 -23.13
CA ARG K 67 40.25 26.61 -22.53
C ARG K 67 40.17 27.15 -21.11
N PHE K 68 39.02 27.64 -20.64
CA PHE K 68 38.89 28.22 -19.30
C PHE K 68 38.05 27.33 -18.38
N THR K 69 38.45 27.28 -17.10
CA THR K 69 37.69 26.63 -16.05
C THR K 69 37.40 27.66 -14.96
N ILE K 70 36.15 27.80 -14.53
CA ILE K 70 35.79 28.73 -13.46
C ILE K 70 35.47 27.89 -12.22
N SER K 71 36.02 28.29 -11.09
CA SER K 71 35.85 27.54 -9.85
C SER K 71 35.58 28.52 -8.72
N ARG K 72 34.85 28.04 -7.72
CA ARG K 72 34.47 28.84 -6.56
C ARG K 72 34.66 28.01 -5.31
N ASP K 73 35.14 28.64 -4.24
CA ASP K 73 35.30 27.98 -2.95
C ASP K 73 34.69 28.87 -1.88
N ASN K 74 33.53 28.44 -1.38
CA ASN K 74 32.74 29.22 -0.44
C ASN K 74 33.29 29.16 0.98
N SER K 75 34.27 28.29 1.24
CA SER K 75 34.86 28.18 2.56
C SER K 75 36.02 29.15 2.74
N LYS K 76 36.48 29.76 1.64
CA LYS K 76 37.60 30.67 1.62
C LYS K 76 37.15 32.04 1.15
N ASN K 77 35.87 32.19 0.75
CA ASN K 77 35.39 33.41 0.11
C ASN K 77 36.21 33.74 -1.12
N THR K 78 36.50 32.73 -1.95
CA THR K 78 37.29 32.96 -3.16
C THR K 78 36.68 32.42 -4.44
N LEU K 79 37.06 33.08 -5.53
CA LEU K 79 36.86 32.64 -6.90
C LEU K 79 38.21 32.34 -7.53
N SER K 80 38.20 31.50 -8.57
CA SER K 80 39.38 31.32 -9.38
C SER K 80 38.98 31.03 -10.82
N LEU K 81 39.90 31.35 -11.73
CA LEU K 81 39.75 31.09 -13.16
C LEU K 81 41.05 30.43 -13.61
N GLN K 82 40.97 29.19 -14.07
CA GLN K 82 42.13 28.41 -14.51
C GLN K 82 42.15 28.45 -16.03
N MET K 83 43.12 29.18 -16.57
CA MET K 83 43.25 29.45 -17.99
C MET K 83 44.29 28.50 -18.58
N HIS K 84 44.01 27.92 -19.76
CA HIS K 84 44.96 26.96 -20.35
C HIS K 84 45.56 27.37 -21.69
N SER K 85 44.75 27.59 -22.73
CA SER K 85 45.32 27.87 -24.06
C SER K 85 46.02 29.24 -24.13
N LEU K 86 45.45 30.25 -23.48
CA LEU K 86 45.93 31.65 -23.47
C LEU K 86 46.44 32.13 -24.83
N ARG K 87 45.55 32.06 -25.81
CA ARG K 87 45.83 32.62 -27.13
C ARG K 87 45.84 34.15 -27.04
N ASP K 88 46.36 34.79 -28.10
CA ASP K 88 46.60 36.23 -28.07
C ASP K 88 45.32 37.03 -27.80
N GLY K 89 44.17 36.53 -28.27
CA GLY K 89 42.92 37.27 -28.10
C GLY K 89 42.57 37.51 -26.65
N ASP K 90 43.00 36.62 -25.76
CA ASP K 90 42.65 36.69 -24.35
C ASP K 90 43.09 37.99 -23.68
N THR K 91 44.27 38.54 -24.08
CA THR K 91 44.86 39.75 -23.48
C THR K 91 43.83 40.77 -23.04
N ALA K 92 43.80 41.09 -21.74
CA ALA K 92 42.79 42.01 -21.22
C ALA K 92 42.99 42.22 -19.73
N VAL K 93 42.28 43.21 -19.18
CA VAL K 93 42.11 43.32 -17.74
C VAL K 93 40.90 42.45 -17.40
N TYR K 94 41.08 41.56 -16.45
CA TYR K 94 40.05 40.62 -16.01
C TYR K 94 39.44 41.08 -14.69
N TYR K 95 38.17 41.46 -14.74
CA TYR K 95 37.47 41.96 -13.58
C TYR K 95 36.65 40.84 -12.97
N CYS K 96 36.72 40.78 -11.64
CA CYS K 96 35.93 39.90 -10.80
C CYS K 96 34.64 40.64 -10.48
N ALA K 97 33.49 40.02 -10.72
CA ALA K 97 32.25 40.72 -10.44
C ALA K 97 31.21 39.82 -9.80
N THR K 98 30.37 40.45 -8.99
CA THR K 98 29.28 39.81 -8.28
C THR K 98 27.99 40.20 -8.97
N GLY K 99 27.20 39.19 -9.35
CA GLY K 99 25.95 39.25 -10.06
C GLY K 99 25.98 38.29 -11.23
N GLY K 100 25.05 38.50 -12.16
CA GLY K 100 24.91 37.67 -13.34
C GLY K 100 23.83 36.62 -13.29
N MET K 101 23.33 36.26 -12.11
CA MET K 101 22.23 35.31 -11.98
C MET K 101 21.82 35.30 -10.53
N SER K 102 20.68 34.65 -10.24
CA SER K 102 20.22 34.48 -8.87
C SER K 102 20.22 32.97 -8.57
N SER K 103 19.09 32.41 -8.11
CA SER K 103 19.09 31.02 -7.69
C SER K 103 17.69 30.43 -7.59
N ALA K 104 16.76 30.93 -8.41
CA ALA K 104 15.36 30.47 -8.47
C ALA K 104 14.51 30.87 -7.26
N LEU K 105 15.06 30.87 -6.04
CA LEU K 105 14.29 31.16 -4.84
C LEU K 105 14.48 32.60 -4.36
N GLN K 106 15.10 33.46 -5.17
CA GLN K 106 15.35 34.84 -4.80
C GLN K 106 15.19 35.70 -6.05
N SER K 107 15.01 37.00 -5.85
CA SER K 107 14.78 37.92 -6.96
C SER K 107 15.89 37.82 -8.00
N SER K 108 15.51 37.99 -9.26
CA SER K 108 16.45 37.88 -10.36
C SER K 108 17.43 39.06 -10.36
N LYS K 109 18.54 38.85 -11.06
CA LYS K 109 19.53 39.90 -11.26
C LYS K 109 19.73 40.16 -12.76
N TYR K 110 20.59 39.37 -13.39
CA TYR K 110 20.97 39.56 -14.79
C TYR K 110 21.69 40.90 -14.97
N TYR K 111 22.46 41.27 -13.96
CA TYR K 111 23.29 42.46 -13.94
C TYR K 111 24.41 42.18 -12.94
N PHE K 112 25.42 43.03 -12.93
CA PHE K 112 26.57 42.84 -12.04
C PHE K 112 26.56 43.88 -10.93
N ASP K 113 26.43 43.42 -9.68
CA ASP K 113 26.31 44.33 -8.54
C ASP K 113 27.63 44.90 -8.05
N PHE K 114 28.70 44.10 -8.03
CA PHE K 114 29.97 44.57 -7.49
C PHE K 114 31.09 44.23 -8.45
N TRP K 115 32.10 45.09 -8.49
CA TRP K 115 33.27 44.88 -9.33
C TRP K 115 34.54 45.01 -8.50
N GLY K 116 35.55 44.25 -8.89
CA GLY K 116 36.87 44.35 -8.31
C GLY K 116 37.65 45.36 -9.11
N GLN K 117 38.98 45.35 -8.94
CA GLN K 117 39.81 46.36 -9.60
C GLN K 117 40.40 45.85 -10.90
N GLY K 118 40.58 44.53 -11.01
CA GLY K 118 41.02 43.88 -12.22
C GLY K 118 42.48 43.49 -12.32
N ALA K 119 42.73 42.25 -12.72
CA ALA K 119 44.08 41.75 -12.94
C ALA K 119 44.40 42.01 -14.40
N LEU K 120 45.62 42.44 -14.71
CA LEU K 120 45.99 42.65 -16.10
C LEU K 120 46.73 41.41 -16.60
N VAL K 121 46.09 40.66 -17.50
CA VAL K 121 46.66 39.45 -18.07
C VAL K 121 47.12 39.77 -19.47
N THR K 122 48.42 39.64 -19.68
CA THR K 122 49.08 39.90 -20.95
C THR K 122 49.60 38.58 -21.49
N VAL K 123 49.36 38.32 -22.78
CA VAL K 123 49.73 37.04 -23.35
C VAL K 123 51.22 37.04 -23.62
N ALA L 1 27.39 41.77 -31.20
CA ALA L 1 26.95 42.20 -29.88
C ALA L 1 26.02 43.41 -30.04
N LEU L 2 26.06 44.39 -29.12
CA LEU L 2 25.19 45.55 -29.18
C LEU L 2 25.89 46.75 -29.83
N THR L 3 25.08 47.58 -30.49
CA THR L 3 25.52 48.79 -31.14
C THR L 3 25.28 49.97 -30.20
N GLN L 4 26.31 50.80 -30.01
CA GLN L 4 26.25 51.94 -29.10
C GLN L 4 27.04 53.08 -29.72
N PRO L 5 26.54 54.34 -29.65
CA PRO L 5 27.27 55.47 -30.27
C PRO L 5 28.69 55.62 -29.75
N PRO L 6 29.68 55.91 -30.61
CA PRO L 6 31.04 56.18 -30.12
C PRO L 6 31.14 57.28 -29.07
N SER L 7 30.33 58.34 -29.17
CA SER L 7 30.43 59.43 -28.21
C SER L 7 29.13 60.21 -28.16
N VAL L 8 28.96 60.94 -27.04
CA VAL L 8 27.84 61.83 -26.79
C VAL L 8 28.44 63.04 -26.08
N SER L 9 27.80 64.20 -26.24
CA SER L 9 28.28 65.40 -25.55
C SER L 9 27.14 66.35 -25.22
N GLY L 10 27.46 67.27 -24.31
CA GLY L 10 26.56 68.36 -23.95
C GLY L 10 27.22 69.20 -22.87
N SER L 11 26.64 70.38 -22.66
CA SER L 11 27.16 71.32 -21.67
C SER L 11 26.67 70.98 -20.26
N PRO L 12 27.41 71.40 -19.22
CA PRO L 12 26.93 71.17 -17.84
C PRO L 12 25.54 71.74 -17.64
N GLY L 13 24.69 70.96 -16.98
CA GLY L 13 23.32 71.36 -16.72
C GLY L 13 22.35 70.94 -17.79
N GLN L 14 22.85 70.50 -18.95
CA GLN L 14 22.04 70.05 -20.05
C GLN L 14 21.90 68.54 -19.96
N SER L 15 20.77 68.01 -20.43
CA SER L 15 20.64 66.57 -20.45
C SER L 15 21.30 65.98 -21.70
N VAL L 16 21.68 64.70 -21.59
CA VAL L 16 22.20 63.92 -22.69
C VAL L 16 21.54 62.54 -22.67
N THR L 17 21.48 61.91 -23.84
CA THR L 17 20.97 60.55 -23.96
C THR L 17 21.99 59.70 -24.71
N ILE L 18 22.27 58.52 -24.15
CA ILE L 18 23.16 57.52 -24.75
C ILE L 18 22.29 56.35 -25.17
N SER L 19 22.20 56.08 -26.48
CA SER L 19 21.37 54.99 -26.94
C SER L 19 22.19 53.69 -27.02
N CYS L 20 21.47 52.57 -27.10
CA CYS L 20 22.03 51.24 -27.29
C CYS L 20 21.00 50.46 -28.09
N THR L 21 21.43 49.78 -29.15
CA THR L 21 20.51 48.98 -29.96
C THR L 21 21.07 47.58 -30.17
N GLY L 22 20.15 46.65 -30.41
CA GLY L 22 20.49 45.24 -30.65
C GLY L 22 19.47 44.66 -31.58
N THR L 23 19.07 43.41 -31.35
CA THR L 23 18.09 42.73 -32.20
C THR L 23 16.92 42.22 -31.36
N SER L 24 15.94 41.65 -32.06
CA SER L 24 14.70 41.16 -31.47
C SER L 24 14.86 39.91 -30.62
N SER L 25 15.98 39.21 -30.72
CA SER L 25 16.21 37.99 -29.95
C SER L 25 16.88 38.22 -28.60
N ASP L 26 17.33 39.44 -28.30
CA ASP L 26 18.02 39.72 -27.05
C ASP L 26 17.56 40.99 -26.32
N ILE L 27 18.00 42.20 -26.72
CA ILE L 27 17.62 43.40 -25.98
C ILE L 27 16.13 43.66 -26.08
N GLY L 28 15.50 43.25 -27.18
CA GLY L 28 14.08 43.41 -27.37
C GLY L 28 13.22 42.28 -26.88
N SER L 29 13.84 41.23 -26.34
CA SER L 29 13.12 40.05 -25.84
C SER L 29 13.24 39.88 -24.33
N TYR L 30 14.25 40.49 -23.70
CA TYR L 30 14.44 40.39 -22.25
C TYR L 30 14.56 41.80 -21.69
N ASN L 31 13.89 42.03 -20.57
CA ASN L 31 13.93 43.34 -19.88
C ASN L 31 15.06 43.39 -18.85
N TYR L 32 16.28 43.07 -19.30
CA TYR L 32 17.48 43.05 -18.45
C TYR L 32 18.57 43.82 -19.18
N VAL L 33 18.49 45.15 -19.15
CA VAL L 33 19.39 46.02 -19.90
C VAL L 33 20.04 46.99 -18.92
N SER L 34 21.16 46.59 -18.33
CA SER L 34 21.87 47.42 -17.37
C SER L 34 22.81 48.39 -18.08
N TRP L 35 23.23 49.42 -17.35
CA TRP L 35 24.23 50.39 -17.81
C TRP L 35 25.31 50.56 -16.76
N TYR L 36 26.56 50.71 -17.23
CA TYR L 36 27.73 50.89 -16.38
C TYR L 36 28.51 52.14 -16.77
N GLN L 37 29.09 52.79 -15.77
CA GLN L 37 29.92 53.98 -15.93
C GLN L 37 31.34 53.66 -15.49
N GLN L 38 32.30 53.71 -16.43
CA GLN L 38 33.70 53.38 -16.14
C GLN L 38 34.60 54.58 -16.39
N HIS L 39 35.26 55.05 -15.33
CA HIS L 39 36.21 56.14 -15.49
C HIS L 39 37.54 55.51 -15.92
N PRO L 40 38.34 56.19 -16.76
CA PRO L 40 39.62 55.59 -17.17
C PRO L 40 40.48 55.21 -15.99
N GLY L 41 41.03 54.00 -16.05
CA GLY L 41 41.92 53.49 -15.01
C GLY L 41 41.20 52.87 -13.83
N LYS L 42 39.87 52.93 -13.78
CA LYS L 42 39.07 52.42 -12.68
C LYS L 42 38.11 51.34 -13.17
N ALA L 43 37.65 50.54 -12.21
CA ALA L 43 36.63 49.54 -12.48
C ALA L 43 35.29 50.20 -12.78
N PRO L 44 34.45 49.57 -13.63
CA PRO L 44 33.12 50.13 -13.87
C PRO L 44 32.22 50.02 -12.66
N LYS L 45 31.33 51.00 -12.52
CA LYS L 45 30.31 51.02 -11.48
C LYS L 45 28.94 50.76 -12.10
N LEU L 46 28.09 50.02 -11.40
CA LEU L 46 26.73 49.80 -11.88
C LEU L 46 25.88 51.04 -11.65
N MET L 47 25.24 51.51 -12.71
CA MET L 47 24.36 52.68 -12.67
C MET L 47 22.90 52.34 -12.88
N ILE L 48 22.58 51.49 -13.87
CA ILE L 48 21.20 51.13 -14.17
C ILE L 48 21.11 49.61 -14.27
N TYR L 49 20.03 49.03 -13.77
CA TYR L 49 19.82 47.59 -13.88
C TYR L 49 18.39 47.36 -14.34
N ASP L 50 18.14 46.18 -14.91
CA ASP L 50 16.84 45.87 -15.50
C ASP L 50 16.58 46.89 -16.61
N VAL L 51 15.62 47.81 -16.43
CA VAL L 51 15.34 48.81 -17.44
C VAL L 51 15.42 50.20 -16.83
N THR L 52 14.72 50.44 -15.71
CA THR L 52 14.59 51.77 -15.14
C THR L 52 15.21 51.93 -13.76
N GLN L 53 15.48 50.84 -13.05
CA GLN L 53 15.94 50.91 -11.67
C GLN L 53 17.42 51.23 -11.61
N ARG L 54 17.82 51.89 -10.52
CA ARG L 54 19.22 52.20 -10.25
C ARG L 54 19.62 51.61 -8.89
N PRO L 55 20.90 51.28 -8.69
CA PRO L 55 21.35 50.84 -7.37
C PRO L 55 21.27 51.97 -6.35
N SER L 56 21.11 51.59 -5.08
CA SER L 56 21.17 52.58 -4.02
C SER L 56 22.57 53.19 -4.03
N GLY L 57 22.63 54.49 -3.79
CA GLY L 57 23.88 55.23 -3.81
C GLY L 57 24.09 56.00 -5.10
N VAL L 58 23.31 55.69 -6.12
CA VAL L 58 23.35 56.39 -7.41
C VAL L 58 22.25 57.44 -7.38
N SER L 59 22.60 58.65 -7.78
CA SER L 59 21.67 59.77 -7.78
C SER L 59 20.61 59.60 -8.88
N ASP L 60 19.55 60.40 -8.77
CA ASP L 60 18.43 60.31 -9.70
C ASP L 60 18.68 61.08 -10.99
N ARG L 61 19.90 61.57 -11.19
CA ARG L 61 20.26 62.19 -12.45
C ARG L 61 20.38 61.17 -13.57
N PHE L 62 20.54 59.89 -13.23
CA PHE L 62 20.70 58.80 -14.20
C PHE L 62 19.42 57.98 -14.22
N SER L 63 18.83 57.85 -15.42
CA SER L 63 17.60 57.08 -15.60
C SER L 63 17.67 56.44 -16.98
N GLY L 64 16.68 55.64 -17.32
CA GLY L 64 16.72 55.01 -18.62
C GLY L 64 15.42 54.32 -18.95
N SER L 65 15.37 53.82 -20.19
CA SER L 65 14.15 53.18 -20.67
C SER L 65 14.48 52.34 -21.90
N LYS L 66 13.49 51.56 -22.35
CA LYS L 66 13.62 50.80 -23.59
C LYS L 66 12.30 50.79 -24.33
N SER L 67 12.40 50.68 -25.66
CA SER L 67 11.26 50.53 -26.56
C SER L 67 11.74 49.72 -27.75
N GLY L 68 11.00 48.68 -28.12
CA GLY L 68 11.41 47.88 -29.26
C GLY L 68 12.77 47.27 -28.99
N ASN L 69 13.70 47.49 -29.92
CA ASN L 69 15.06 46.97 -29.80
C ASN L 69 16.05 48.07 -29.42
N THR L 70 15.57 49.22 -28.93
CA THR L 70 16.43 50.33 -28.54
C THR L 70 16.22 50.66 -27.07
N ALA L 71 17.32 50.81 -26.35
CA ALA L 71 17.34 51.20 -24.95
C ALA L 71 18.17 52.46 -24.85
N SER L 72 17.93 53.26 -23.82
CA SER L 72 18.76 54.44 -23.64
C SER L 72 18.92 54.81 -22.17
N LEU L 73 20.04 55.46 -21.91
CA LEU L 73 20.43 56.03 -20.63
C LEU L 73 20.32 57.54 -20.75
N THR L 74 19.55 58.17 -19.88
CA THR L 74 19.36 59.60 -19.87
C THR L 74 20.04 60.17 -18.63
N ILE L 75 20.86 61.19 -18.84
CA ILE L 75 21.54 61.91 -17.78
C ILE L 75 20.96 63.32 -17.82
N SER L 76 20.44 63.79 -16.68
CA SER L 76 19.80 65.10 -16.63
C SER L 76 20.78 66.21 -16.29
N GLY L 77 21.00 66.47 -15.01
CA GLY L 77 21.89 67.53 -14.61
C GLY L 77 23.34 67.19 -14.85
N LEU L 78 23.77 67.24 -16.12
CA LEU L 78 25.13 66.83 -16.47
C LEU L 78 26.15 67.60 -15.66
N GLN L 79 27.06 66.86 -15.04
CA GLN L 79 28.14 67.39 -14.21
C GLN L 79 29.49 67.10 -14.86
N ALA L 80 30.51 67.88 -14.45
CA ALA L 80 31.87 67.62 -14.93
C ALA L 80 32.38 66.24 -14.54
N ASP L 81 31.94 65.71 -13.39
CA ASP L 81 32.43 64.40 -12.92
C ASP L 81 31.84 63.23 -13.72
N ASP L 82 30.98 63.49 -14.70
CA ASP L 82 30.37 62.44 -15.51
C ASP L 82 31.21 62.08 -16.73
N GLU L 83 32.39 62.66 -16.90
CA GLU L 83 33.23 62.31 -18.05
C GLU L 83 33.73 60.90 -17.78
N ALA L 84 33.08 59.94 -18.44
CA ALA L 84 33.34 58.52 -18.25
C ALA L 84 32.93 57.77 -19.51
N ASP L 85 33.42 56.54 -19.61
CA ASP L 85 32.99 55.65 -20.68
C ASP L 85 31.75 54.89 -20.21
N TYR L 86 30.64 55.07 -20.91
CA TYR L 86 29.39 54.40 -20.55
C TYR L 86 29.21 53.19 -21.43
N TYR L 87 28.76 52.09 -20.82
CA TYR L 87 28.52 50.85 -21.53
C TYR L 87 27.10 50.37 -21.28
N CYS L 88 26.51 49.79 -22.32
CA CYS L 88 25.25 49.08 -22.20
C CYS L 88 25.56 47.60 -22.21
N SER L 89 24.69 46.82 -21.59
CA SER L 89 24.81 45.39 -21.69
C SER L 89 23.41 44.81 -21.68
N ALA L 90 23.29 43.58 -22.16
CA ALA L 90 22.00 42.94 -22.11
C ALA L 90 22.14 41.44 -21.99
N TYR L 91 21.16 40.85 -21.31
CA TYR L 91 21.03 39.41 -21.25
C TYR L 91 20.58 38.97 -22.63
N ALA L 92 21.20 37.93 -23.17
CA ALA L 92 20.88 37.45 -24.52
C ALA L 92 20.49 35.98 -24.53
N GLY L 93 19.89 35.49 -23.45
CA GLY L 93 19.43 34.12 -23.40
C GLY L 93 20.42 33.22 -22.68
N ARG L 94 20.00 31.97 -22.51
CA ARG L 94 20.84 31.03 -21.78
C ARG L 94 21.98 30.52 -22.64
N GLN L 95 21.90 30.69 -23.97
CA GLN L 95 22.97 30.23 -24.83
C GLN L 95 24.10 31.25 -24.85
N THR L 96 23.76 32.53 -24.89
CA THR L 96 24.68 33.66 -24.85
C THR L 96 24.25 34.48 -23.64
N PHE L 97 24.96 34.38 -22.52
CA PHE L 97 24.43 35.01 -21.32
C PHE L 97 24.45 36.53 -21.39
N TYR L 98 25.59 37.16 -21.70
CA TYR L 98 25.63 38.62 -21.77
C TYR L 98 26.36 39.10 -23.01
N ILE L 99 25.87 40.21 -23.53
CA ILE L 99 26.52 40.93 -24.62
C ILE L 99 26.71 42.38 -24.20
N PHE L 100 27.83 42.97 -24.59
CA PHE L 100 28.11 44.36 -24.33
C PHE L 100 28.31 45.11 -25.64
N GLY L 101 28.05 46.41 -25.59
CA GLY L 101 28.38 47.31 -26.68
C GLY L 101 29.74 47.94 -26.42
N GLY L 102 30.16 48.79 -27.35
CA GLY L 102 31.39 49.52 -27.14
C GLY L 102 31.05 50.67 -26.24
N GLY L 103 32.06 51.42 -25.81
CA GLY L 103 31.77 52.52 -24.93
C GLY L 103 31.42 53.80 -25.67
N THR L 104 30.69 54.66 -24.96
CA THR L 104 30.35 56.00 -25.42
C THR L 104 31.15 56.96 -24.58
N ARG L 105 31.94 57.83 -25.21
CA ARG L 105 32.72 58.80 -24.45
C ARG L 105 31.81 59.99 -24.22
N LEU L 106 31.58 60.33 -22.95
CA LEU L 106 30.75 61.49 -22.63
C LEU L 106 31.68 62.66 -22.39
N THR L 107 31.55 63.69 -23.23
CA THR L 107 32.36 64.89 -23.17
C THR L 107 31.51 66.02 -22.60
N VAL L 108 32.03 66.70 -21.59
CA VAL L 108 31.34 67.79 -20.92
C VAL L 108 31.91 69.10 -21.45
N LEU L 109 31.05 69.92 -22.02
CA LEU L 109 31.46 71.12 -22.72
C LEU L 109 31.60 72.30 -21.76
N ASN M 104 -50.57 -18.69 61.27
CA ASN M 104 -49.21 -18.14 61.26
C ASN M 104 -48.45 -18.57 60.02
N LYS M 105 -48.43 -19.89 59.76
CA LYS M 105 -47.71 -20.47 58.63
C LYS M 105 -46.22 -20.10 58.72
N VAL M 106 -45.63 -20.54 59.84
CA VAL M 106 -44.28 -20.17 60.23
C VAL M 106 -43.25 -20.62 59.19
N LYS M 107 -43.46 -21.79 58.57
CA LYS M 107 -42.51 -22.34 57.60
C LYS M 107 -41.13 -22.48 58.24
N SER M 108 -41.12 -23.24 59.34
CA SER M 108 -39.95 -23.36 60.21
C SER M 108 -38.83 -24.24 59.66
N CYS M 109 -39.12 -25.22 58.77
CA CYS M 109 -38.10 -26.17 58.30
C CYS M 109 -37.44 -26.80 59.53
N PRO M 110 -38.18 -27.64 60.27
CA PRO M 110 -37.66 -28.18 61.54
C PRO M 110 -36.28 -28.83 61.51
N SER M 111 -35.91 -29.51 60.42
CA SER M 111 -34.59 -30.15 60.35
C SER M 111 -34.08 -30.07 58.92
N GLY M 112 -33.01 -29.29 58.72
CA GLY M 112 -32.44 -29.11 57.41
C GLY M 112 -32.30 -27.64 57.04
N GLU M 113 -31.74 -27.43 55.85
CA GLU M 113 -31.57 -26.10 55.32
C GLU M 113 -32.87 -25.75 54.62
N ASP M 114 -33.34 -24.53 54.87
CA ASP M 114 -34.58 -24.01 54.32
C ASP M 114 -34.30 -23.20 53.06
N CYS M 115 -34.70 -23.75 51.92
CA CYS M 115 -34.55 -23.15 50.61
C CYS M 115 -35.97 -22.89 50.11
N GLY M 116 -36.12 -21.91 49.22
CA GLY M 116 -37.46 -21.46 48.82
C GLY M 116 -38.37 -22.49 48.20
N ILE M 117 -37.88 -23.67 47.81
CA ILE M 117 -38.73 -24.72 47.25
C ILE M 117 -38.80 -25.95 48.14
N GLY M 118 -38.24 -25.88 49.34
CA GLY M 118 -38.27 -27.03 50.21
C GLY M 118 -37.26 -26.94 51.34
N CYS M 119 -37.36 -27.93 52.21
CA CYS M 119 -36.55 -28.11 53.41
C CYS M 119 -35.81 -29.43 53.23
N CYS M 120 -34.54 -29.49 53.59
CA CYS M 120 -33.90 -30.81 53.54
C CYS M 120 -32.73 -30.92 54.49
N TYR M 121 -32.60 -32.10 55.11
CA TYR M 121 -31.58 -32.37 56.11
C TYR M 121 -30.19 -32.14 55.55
N HIS M 122 -29.88 -32.73 54.40
CA HIS M 122 -28.64 -32.44 53.72
C HIS M 122 -28.90 -31.13 53.00
N GLY M 123 -27.88 -30.31 52.81
CA GLY M 123 -28.20 -29.00 52.28
C GLY M 123 -28.58 -29.01 50.81
N CYS M 124 -29.05 -27.83 50.38
CA CYS M 124 -29.50 -27.62 49.02
C CYS M 124 -28.30 -27.62 48.07
N SER M 125 -28.44 -28.31 46.94
CA SER M 125 -27.35 -28.43 46.01
C SER M 125 -27.30 -27.25 45.05
N ALA M 126 -26.11 -26.65 44.96
CA ALA M 126 -25.86 -25.48 44.12
C ALA M 126 -25.94 -25.77 42.63
N THR M 127 -25.85 -27.03 42.22
CA THR M 127 -25.81 -27.41 40.82
C THR M 127 -27.05 -28.20 40.40
N ASP M 128 -28.10 -28.23 41.23
CA ASP M 128 -29.29 -29.04 41.00
C ASP M 128 -30.50 -28.28 41.54
N TYR M 129 -31.67 -28.91 41.41
CA TYR M 129 -32.94 -28.43 41.94
C TYR M 129 -33.43 -29.36 43.03
N GLY M 130 -32.49 -30.09 43.63
CA GLY M 130 -32.69 -31.04 44.70
C GLY M 130 -31.68 -30.77 45.78
N CYS M 131 -31.45 -31.73 46.65
CA CYS M 131 -30.55 -31.63 47.79
C CYS M 131 -29.37 -32.56 47.53
N TRP M 132 -28.18 -32.19 48.03
CA TRP M 132 -26.93 -32.89 47.74
C TRP M 132 -27.03 -34.40 47.83
N ASP M 133 -27.26 -34.93 49.04
CA ASP M 133 -27.39 -36.37 49.24
C ASP M 133 -28.84 -36.81 49.30
N GLY M 134 -29.73 -35.93 49.79
CA GLY M 134 -31.12 -36.31 49.96
C GLY M 134 -31.90 -36.35 48.66
N SER M 135 -31.39 -35.71 47.61
CA SER M 135 -32.02 -35.64 46.30
C SER M 135 -33.33 -34.85 46.32
N SER M 136 -34.35 -35.39 46.98
CA SER M 136 -35.65 -34.74 47.06
C SER M 136 -35.73 -33.74 48.21
N TYR M 137 -36.63 -32.78 48.05
CA TYR M 137 -36.95 -31.83 49.10
C TYR M 137 -38.07 -32.36 49.98
N ALA M 138 -37.96 -32.08 51.30
CA ALA M 138 -39.01 -32.50 52.22
C ALA M 138 -40.09 -31.43 52.35
N PRO M 139 -41.33 -31.83 52.64
CA PRO M 139 -42.36 -30.85 53.01
C PRO M 139 -42.00 -30.11 54.29
N TYR M 140 -42.56 -28.91 54.43
CA TYR M 140 -42.39 -28.08 55.61
C TYR M 140 -43.47 -28.37 56.64
N SER M 141 -43.10 -28.18 57.91
CA SER M 141 -44.05 -28.22 59.00
C SER M 141 -44.59 -26.80 59.19
N TYR M 142 -45.87 -26.69 59.53
CA TYR M 142 -46.51 -25.40 59.74
C TYR M 142 -47.23 -25.39 61.07
N THR M 143 -47.25 -24.21 61.69
CA THR M 143 -48.02 -23.94 62.89
C THR M 143 -48.98 -22.79 62.62
N TYR M 144 -49.99 -22.67 63.48
CA TYR M 144 -51.01 -21.65 63.32
C TYR M 144 -51.34 -21.05 64.69
#